data_5MNW
#
_entry.id   5MNW
#
loop_
_entity.id
_entity.type
_entity.pdbx_description
1 polymer 'Guanylate cyclase soluble subunit beta-1'
2 non-polymer '4-({(4-carboxybutyl)[2-(2-{[4-(2-phenylethyl)benzyl]oxy}phenyl)ethyl]amino}methyl)benzoic acid'
#
_entity_poly.entity_id   1
_entity_poly.type   'polypeptide(L)'
_entity_poly.pdbx_seq_one_letter_code
;MYGFVNHALELLVIRNYGPEVWEDIKKEAQLDEEGQFLVRIIYDDSKTYDLVAAASKVLNLNAGEILQMFGKMFFVFCQE
SGYDTILRVLGSNVREFLQNLDALHDHLATIYPGMRAPSFRCTDAEKGKGLILHYYSEREGLQDIVIGIIKTVAQQIHGT
EIDMKVIQQRNEECDHTQFLIEEKESKEHHHHHH
;
_entity_poly.pdbx_strand_id   A
#
loop_
_chem_comp.id
_chem_comp.type
_chem_comp.name
_chem_comp.formula
Z90 non-polymer '4-({(4-carboxybutyl)[2-(2-{[4-(2-phenylethyl)benzyl]oxy}phenyl)ethyl]amino}methyl)benzoic acid' 'C36 H39 N O5'
#
# COMPACT_ATOMS: atom_id res chain seq x y z
N MET A 1 12.54 -3.16 1.04
CA MET A 1 11.53 -2.30 1.70
C MET A 1 12.20 -1.16 2.46
N TYR A 2 12.00 0.06 2.00
CA TYR A 2 12.56 1.24 2.66
C TYR A 2 12.01 1.38 4.07
N GLY A 3 12.83 1.95 4.95
CA GLY A 3 12.55 1.96 6.37
C GLY A 3 11.29 2.73 6.75
N PHE A 4 10.83 3.60 5.87
CA PHE A 4 9.63 4.41 6.15
C PHE A 4 8.42 3.50 6.29
N VAL A 5 8.10 2.76 5.24
CA VAL A 5 6.95 1.86 5.25
C VAL A 5 7.21 0.67 6.17
N ASN A 6 8.48 0.33 6.35
CA ASN A 6 8.85 -0.76 7.23
C ASN A 6 8.60 -0.38 8.69
N HIS A 7 8.89 0.88 9.03
CA HIS A 7 8.62 1.40 10.36
C HIS A 7 7.12 1.61 10.56
N ALA A 8 6.41 1.88 9.47
CA ALA A 8 4.97 2.02 9.52
C ALA A 8 4.30 0.67 9.78
N LEU A 9 4.96 -0.39 9.31
CA LEU A 9 4.48 -1.75 9.56
C LEU A 9 4.59 -2.06 11.04
N GLU A 10 5.76 -1.77 11.61
CA GLU A 10 5.98 -1.87 13.04
C GLU A 10 4.89 -1.10 13.80
N LEU A 11 4.71 0.15 13.39
CA LEU A 11 3.73 1.05 13.99
C LEU A 11 2.34 0.43 14.02
N LEU A 12 1.97 -0.24 12.94
CA LEU A 12 0.65 -0.85 12.81
C LEU A 12 0.39 -1.83 13.94
N VAL A 13 1.37 -2.69 14.21
CA VAL A 13 1.21 -3.72 15.22
C VAL A 13 1.17 -3.11 16.62
N ILE A 14 2.06 -2.15 16.88
CA ILE A 14 2.15 -1.51 18.18
C ILE A 14 0.85 -0.79 18.55
N ARG A 15 0.28 -0.07 17.59
CA ARG A 15 -0.89 0.76 17.87
C ARG A 15 -2.19 -0.05 17.91
N ASN A 16 -2.43 -0.84 16.88
CA ASN A 16 -3.71 -1.53 16.76
C ASN A 16 -3.81 -2.77 17.64
N TYR A 17 -2.66 -3.32 18.02
CA TYR A 17 -2.65 -4.54 18.83
C TYR A 17 -1.99 -4.29 20.17
N GLY A 18 -0.75 -3.86 20.14
CA GLY A 18 -0.05 -3.57 21.38
C GLY A 18 1.45 -3.78 21.26
N PRO A 19 2.25 -3.01 21.98
CA PRO A 19 3.72 -3.12 21.95
C PRO A 19 4.20 -4.49 22.43
N GLU A 20 3.46 -5.08 23.36
CA GLU A 20 3.77 -6.42 23.86
C GLU A 20 3.63 -7.42 22.74
N VAL A 21 2.59 -7.26 21.94
CA VAL A 21 2.32 -8.17 20.84
C VAL A 21 3.37 -7.98 19.75
N TRP A 22 3.83 -6.75 19.61
CA TRP A 22 4.86 -6.43 18.63
C TRP A 22 6.14 -7.19 18.92
N GLU A 23 6.57 -7.20 20.18
CA GLU A 23 7.84 -7.83 20.51
C GLU A 23 7.74 -9.35 20.43
N ASP A 24 6.54 -9.89 20.62
CA ASP A 24 6.31 -11.33 20.44
C ASP A 24 6.52 -11.72 18.98
N ILE A 25 5.97 -10.92 18.07
CA ILE A 25 6.13 -11.16 16.64
C ILE A 25 7.57 -10.89 16.20
N LYS A 26 8.17 -9.88 16.83
CA LYS A 26 9.55 -9.49 16.58
C LYS A 26 10.50 -10.67 16.88
N LYS A 27 10.13 -11.45 17.89
CA LYS A 27 10.87 -12.67 18.23
C LYS A 27 10.73 -13.71 17.13
N GLU A 28 9.48 -13.90 16.69
CA GLU A 28 9.16 -14.95 15.72
C GLU A 28 9.71 -14.63 14.33
N ALA A 29 9.76 -13.37 13.97
CA ALA A 29 10.29 -12.96 12.67
C ALA A 29 11.81 -12.97 12.70
N GLN A 30 12.37 -13.35 13.85
CA GLN A 30 13.81 -13.43 14.03
C GLN A 30 14.47 -12.08 13.80
N LEU A 31 13.74 -11.02 14.13
CA LEU A 31 14.22 -9.66 13.97
C LEU A 31 14.40 -9.00 15.32
N ASP A 32 14.70 -9.80 16.32
CA ASP A 32 14.87 -9.32 17.68
C ASP A 32 16.10 -8.41 17.79
N GLU A 33 17.08 -8.63 16.93
CA GLU A 33 18.30 -7.86 16.95
C GLU A 33 18.20 -6.62 16.07
N GLU A 34 17.18 -6.57 15.23
CA GLU A 34 16.99 -5.45 14.32
C GLU A 34 15.75 -4.65 14.70
N GLY A 35 15.96 -3.58 15.45
CA GLY A 35 14.85 -2.74 15.87
C GLY A 35 15.09 -1.29 15.51
N GLN A 36 15.91 -1.06 14.50
CA GLN A 36 16.22 0.29 14.06
C GLN A 36 15.03 0.90 13.33
N PHE A 37 14.61 0.25 12.24
CA PHE A 37 13.43 0.68 11.49
C PHE A 37 13.55 2.15 11.05
N LEU A 38 14.71 2.49 10.48
CA LEU A 38 14.96 3.83 9.98
C LEU A 38 14.94 3.82 8.45
N VAL A 39 14.57 4.96 7.87
CA VAL A 39 14.23 5.04 6.44
C VAL A 39 15.42 4.73 5.54
N ARG A 40 16.64 4.99 6.02
CA ARG A 40 17.84 4.81 5.20
C ARG A 40 18.41 3.40 5.33
N ILE A 41 17.85 2.60 6.23
CA ILE A 41 18.37 1.25 6.45
C ILE A 41 17.98 0.33 5.29
N ILE A 42 16.76 0.47 4.82
CA ILE A 42 16.25 -0.34 3.71
C ILE A 42 16.30 -1.82 4.07
N TYR A 43 15.25 -2.30 4.71
CA TYR A 43 15.18 -3.68 5.13
C TYR A 43 14.82 -4.58 3.96
N ASP A 44 15.49 -5.74 3.91
CA ASP A 44 15.24 -6.73 2.89
C ASP A 44 13.76 -7.05 2.80
N ASP A 45 13.26 -7.16 1.58
CA ASP A 45 11.85 -7.41 1.33
C ASP A 45 11.46 -8.76 1.92
N SER A 46 12.40 -9.69 1.90
CA SER A 46 12.21 -11.01 2.47
C SER A 46 11.90 -10.91 3.96
N LYS A 47 12.58 -10.00 4.65
CA LYS A 47 12.38 -9.81 6.08
C LYS A 47 10.99 -9.25 6.36
N THR A 48 10.44 -8.54 5.40
CA THR A 48 9.12 -7.95 5.55
C THR A 48 8.04 -9.01 5.37
N TYR A 49 8.24 -9.90 4.40
CA TYR A 49 7.28 -10.97 4.13
C TYR A 49 7.33 -12.03 5.24
N ASP A 50 8.50 -12.25 5.79
CA ASP A 50 8.65 -13.21 6.87
C ASP A 50 8.11 -12.63 8.17
N LEU A 51 8.22 -11.32 8.31
CA LEU A 51 7.69 -10.62 9.47
C LEU A 51 6.17 -10.78 9.53
N VAL A 52 5.50 -10.48 8.41
CA VAL A 52 4.05 -10.59 8.37
C VAL A 52 3.61 -12.05 8.49
N ALA A 53 4.48 -12.96 8.07
CA ALA A 53 4.21 -14.38 8.20
C ALA A 53 4.17 -14.79 9.68
N ALA A 54 5.02 -14.15 10.48
CA ALA A 54 5.04 -14.39 11.91
C ALA A 54 3.80 -13.76 12.56
N ALA A 55 3.38 -12.63 12.03
CA ALA A 55 2.23 -11.93 12.56
C ALA A 55 0.95 -12.69 12.22
N SER A 56 1.01 -13.46 11.14
CA SER A 56 -0.11 -14.30 10.74
C SER A 56 -0.33 -15.40 11.77
N LYS A 57 0.69 -15.69 12.56
CA LYS A 57 0.58 -16.69 13.61
C LYS A 57 0.03 -16.07 14.88
N VAL A 58 0.72 -15.06 15.39
CA VAL A 58 0.39 -14.43 16.66
C VAL A 58 -0.95 -13.70 16.59
N LEU A 59 -1.12 -12.88 15.56
CA LEU A 59 -2.35 -12.11 15.40
C LEU A 59 -3.45 -12.99 14.81
N ASN A 60 -3.02 -14.00 14.05
CA ASN A 60 -3.92 -14.90 13.30
C ASN A 60 -4.43 -14.21 12.04
N LEU A 61 -4.09 -12.93 11.90
CA LEU A 61 -4.41 -12.18 10.71
C LEU A 61 -3.39 -12.51 9.62
N ASN A 62 -3.87 -12.95 8.48
CA ASN A 62 -2.99 -13.39 7.41
C ASN A 62 -2.38 -12.19 6.69
N ALA A 63 -1.36 -12.44 5.88
CA ALA A 63 -0.60 -11.38 5.20
C ALA A 63 -1.53 -10.39 4.50
N GLY A 64 -2.48 -10.90 3.73
CA GLY A 64 -3.39 -10.04 3.00
C GLY A 64 -4.16 -9.09 3.92
N GLU A 65 -4.56 -9.61 5.07
CA GLU A 65 -5.30 -8.81 6.03
C GLU A 65 -4.41 -7.70 6.61
N ILE A 66 -3.18 -8.07 6.95
CA ILE A 66 -2.24 -7.14 7.56
C ILE A 66 -1.86 -6.02 6.59
N LEU A 67 -1.68 -6.38 5.33
CA LEU A 67 -1.29 -5.42 4.31
C LEU A 67 -2.42 -4.43 4.01
N GLN A 68 -3.66 -4.92 4.01
CA GLN A 68 -4.81 -4.05 3.75
C GLN A 68 -5.03 -3.09 4.91
N MET A 69 -4.99 -3.60 6.14
CA MET A 69 -5.16 -2.76 7.32
C MET A 69 -3.99 -1.80 7.47
N PHE A 70 -2.87 -2.17 6.85
CA PHE A 70 -1.70 -1.29 6.79
C PHE A 70 -2.02 -0.05 5.96
N GLY A 71 -2.61 -0.26 4.78
CA GLY A 71 -2.97 0.85 3.92
C GLY A 71 -4.00 1.76 4.57
N LYS A 72 -4.95 1.15 5.27
CA LYS A 72 -5.97 1.89 6.00
C LYS A 72 -5.34 2.78 7.06
N MET A 73 -4.47 2.18 7.88
CA MET A 73 -3.78 2.88 8.95
C MET A 73 -2.91 3.99 8.39
N PHE A 74 -2.16 3.67 7.34
CA PHE A 74 -1.21 4.60 6.72
C PHE A 74 -1.89 5.93 6.39
N PHE A 75 -3.06 5.84 5.75
CA PHE A 75 -3.79 7.05 5.35
C PHE A 75 -4.30 7.82 6.56
N VAL A 76 -5.01 7.13 7.45
CA VAL A 76 -5.63 7.79 8.60
C VAL A 76 -4.58 8.34 9.56
N PHE A 77 -3.47 7.62 9.71
CA PHE A 77 -2.40 8.05 10.60
C PHE A 77 -1.78 9.35 10.12
N CYS A 78 -1.44 9.42 8.84
CA CYS A 78 -0.83 10.61 8.27
C CYS A 78 -1.74 11.84 8.44
N GLN A 79 -3.03 11.68 8.16
CA GLN A 79 -3.97 12.77 8.33
C GLN A 79 -4.13 13.12 9.80
N GLU A 80 -4.05 12.10 10.66
CA GLU A 80 -4.17 12.28 12.10
C GLU A 80 -2.99 13.09 12.64
N SER A 81 -1.84 12.97 11.99
CA SER A 81 -0.65 13.70 12.40
C SER A 81 -0.81 15.20 12.17
N GLY A 82 -1.78 15.55 11.33
CA GLY A 82 -2.06 16.95 11.07
C GLY A 82 -1.15 17.56 10.03
N TYR A 83 -0.50 16.71 9.24
CA TYR A 83 0.34 17.19 8.16
C TYR A 83 -0.51 17.63 6.99
N ASP A 84 -0.56 18.94 6.75
CA ASP A 84 -1.37 19.50 5.66
C ASP A 84 -0.77 19.15 4.31
N THR A 85 0.41 18.55 4.33
CA THR A 85 1.08 18.12 3.12
C THR A 85 0.27 17.05 2.39
N ILE A 86 -0.46 16.23 3.15
CA ILE A 86 -1.27 15.15 2.57
C ILE A 86 -2.48 15.75 1.82
N LEU A 87 -2.78 17.00 2.12
CA LEU A 87 -3.89 17.69 1.49
C LEU A 87 -3.43 18.34 0.18
N ARG A 88 -2.14 18.57 0.08
CA ARG A 88 -1.56 19.20 -1.09
C ARG A 88 -1.11 18.16 -2.12
N VAL A 89 -0.29 17.22 -1.68
CA VAL A 89 0.27 16.21 -2.58
C VAL A 89 -0.77 15.16 -2.93
N LEU A 90 -0.65 14.61 -4.14
CA LEU A 90 -1.53 13.53 -4.60
C LEU A 90 -2.96 14.03 -4.77
N GLY A 91 -3.09 15.36 -4.85
CA GLY A 91 -4.41 15.98 -5.00
C GLY A 91 -5.34 15.70 -3.84
N SER A 92 -4.84 14.95 -2.87
CA SER A 92 -5.62 14.53 -1.71
C SER A 92 -6.90 13.80 -2.15
N ASN A 93 -6.82 13.07 -3.27
CA ASN A 93 -7.96 12.27 -3.74
C ASN A 93 -7.49 11.13 -4.63
N VAL A 94 -8.34 10.12 -4.83
CA VAL A 94 -7.96 8.90 -5.54
C VAL A 94 -7.38 9.17 -6.94
N ARG A 95 -8.07 9.97 -7.74
CA ARG A 95 -7.67 10.19 -9.13
C ARG A 95 -6.29 10.82 -9.21
N GLU A 96 -6.11 11.92 -8.50
CA GLU A 96 -4.83 12.60 -8.47
C GLU A 96 -3.77 11.71 -7.84
N PHE A 97 -4.16 11.00 -6.77
CA PHE A 97 -3.26 10.10 -6.07
C PHE A 97 -2.61 9.11 -7.03
N LEU A 98 -3.46 8.43 -7.80
CA LEU A 98 -3.01 7.40 -8.74
C LEU A 98 -2.00 7.97 -9.74
N GLN A 99 -2.34 9.10 -10.35
CA GLN A 99 -1.49 9.66 -11.40
C GLN A 99 -0.33 10.46 -10.83
N ASN A 100 -0.38 10.78 -9.54
CA ASN A 100 0.67 11.56 -8.88
C ASN A 100 1.66 10.66 -8.16
N LEU A 101 1.49 9.36 -8.28
CA LEU A 101 2.39 8.41 -7.65
C LEU A 101 3.85 8.68 -8.08
N ASP A 102 4.05 8.81 -9.39
CA ASP A 102 5.37 9.11 -9.93
C ASP A 102 5.80 10.53 -9.59
N ALA A 103 4.82 11.38 -9.25
CA ALA A 103 5.12 12.76 -8.87
C ALA A 103 5.85 12.78 -7.53
N LEU A 104 5.39 12.00 -6.56
CA LEU A 104 6.04 11.96 -5.27
C LEU A 104 7.37 11.22 -5.38
N HIS A 105 7.45 10.32 -6.36
CA HIS A 105 8.68 9.62 -6.68
C HIS A 105 9.85 10.59 -6.79
N ASP A 106 9.63 11.67 -7.52
CA ASP A 106 10.66 12.67 -7.72
C ASP A 106 10.65 13.72 -6.61
N HIS A 107 9.44 14.19 -6.28
CA HIS A 107 9.27 15.30 -5.37
C HIS A 107 9.73 14.97 -3.96
N LEU A 108 9.36 13.78 -3.49
CA LEU A 108 9.68 13.38 -2.13
C LEU A 108 11.08 12.80 -2.04
N ALA A 109 11.66 12.49 -3.20
CA ALA A 109 13.02 11.95 -3.26
C ALA A 109 14.03 13.06 -3.07
N THR A 110 13.67 14.26 -3.49
CA THR A 110 14.52 15.43 -3.30
C THR A 110 14.72 15.70 -1.80
N ILE A 111 13.72 15.33 -1.00
CA ILE A 111 13.79 15.52 0.43
C ILE A 111 14.42 14.30 1.10
N TYR A 112 14.02 13.10 0.64
CA TYR A 112 14.54 11.86 1.19
C TYR A 112 15.22 11.05 0.09
N PRO A 113 16.54 11.26 -0.13
CA PRO A 113 17.31 10.55 -1.15
C PRO A 113 17.19 9.03 -1.04
N GLY A 114 17.26 8.37 -2.18
CA GLY A 114 17.10 6.93 -2.23
C GLY A 114 16.48 6.50 -3.54
N MET A 115 17.03 5.47 -4.17
CA MET A 115 16.57 5.03 -5.48
C MET A 115 15.18 4.39 -5.36
N ARG A 116 14.21 5.03 -6.00
CA ARG A 116 12.86 4.51 -6.06
C ARG A 116 12.52 4.13 -7.49
N ALA A 117 12.21 2.86 -7.73
CA ALA A 117 11.92 2.41 -9.08
C ALA A 117 10.41 2.31 -9.32
N PRO A 118 9.84 3.23 -10.12
CA PRO A 118 8.46 3.18 -10.52
C PRO A 118 8.27 2.65 -11.95
N SER A 119 7.55 1.55 -12.08
CA SER A 119 7.15 1.05 -13.38
C SER A 119 5.71 0.60 -13.32
N PHE A 120 4.81 1.45 -13.80
CA PHE A 120 3.39 1.19 -13.74
C PHE A 120 2.65 1.96 -14.81
N ARG A 121 1.56 1.38 -15.30
CA ARG A 121 0.72 2.03 -16.31
C ARG A 121 -0.74 1.82 -15.95
N CYS A 122 -1.60 2.72 -16.39
CA CYS A 122 -3.02 2.62 -16.12
C CYS A 122 -3.83 2.72 -17.41
N THR A 123 -4.24 1.57 -17.94
CA THR A 123 -5.05 1.53 -19.15
C THR A 123 -6.28 0.67 -18.92
N ASP A 124 -7.46 1.21 -19.18
CA ASP A 124 -8.70 0.47 -18.95
C ASP A 124 -8.86 -0.62 -19.99
N ALA A 125 -9.46 -1.73 -19.58
CA ALA A 125 -9.65 -2.87 -20.46
C ALA A 125 -10.90 -2.69 -21.32
N GLU A 126 -10.95 -1.58 -22.03
CA GLU A 126 -12.05 -1.27 -22.96
C GLU A 126 -13.40 -1.37 -22.26
N LYS A 127 -13.57 -0.59 -21.21
CA LYS A 127 -14.80 -0.60 -20.44
C LYS A 127 -14.91 0.62 -19.53
N GLY A 128 -13.77 1.22 -19.23
CA GLY A 128 -13.75 2.30 -18.25
C GLY A 128 -13.76 1.76 -16.84
N LYS A 129 -14.72 0.90 -16.55
CA LYS A 129 -14.82 0.22 -15.26
C LYS A 129 -13.83 -0.94 -15.19
N GLY A 130 -12.58 -0.65 -15.45
CA GLY A 130 -11.57 -1.68 -15.39
C GLY A 130 -10.20 -1.17 -15.75
N LEU A 131 -9.70 -0.23 -14.96
CA LEU A 131 -8.35 0.29 -15.18
C LEU A 131 -7.34 -0.81 -14.91
N ILE A 132 -6.56 -1.15 -15.91
CA ILE A 132 -5.57 -2.20 -15.75
C ILE A 132 -4.25 -1.58 -15.35
N LEU A 133 -3.97 -1.65 -14.06
CA LEU A 133 -2.75 -1.10 -13.51
C LEU A 133 -1.63 -2.11 -13.73
N HIS A 134 -0.73 -1.77 -14.62
CA HIS A 134 0.39 -2.64 -14.95
C HIS A 134 1.50 -2.42 -13.93
N TYR A 135 1.56 -3.29 -12.94
CA TYR A 135 2.51 -3.15 -11.84
C TYR A 135 3.73 -4.04 -12.07
N TYR A 136 4.84 -3.41 -12.41
CA TYR A 136 6.07 -4.13 -12.66
C TYR A 136 7.00 -4.02 -11.47
N SER A 137 6.99 -5.01 -10.60
CA SER A 137 7.82 -5.03 -9.40
C SER A 137 7.94 -6.45 -8.88
N GLU A 138 9.07 -6.75 -8.25
CA GLU A 138 9.39 -8.10 -7.79
C GLU A 138 8.60 -8.48 -6.54
N ARG A 139 8.14 -7.49 -5.78
CA ARG A 139 7.34 -7.77 -4.58
C ARG A 139 5.86 -7.96 -4.95
N GLU A 140 5.58 -9.10 -5.57
CA GLU A 140 4.25 -9.40 -6.11
C GLU A 140 3.20 -9.51 -4.99
N GLY A 141 3.62 -9.93 -3.81
CA GLY A 141 2.70 -10.14 -2.71
C GLY A 141 2.44 -8.88 -1.92
N LEU A 142 3.05 -7.77 -2.33
CA LEU A 142 2.85 -6.49 -1.65
C LEU A 142 1.63 -5.78 -2.25
N GLN A 143 0.86 -6.55 -3.01
CA GLN A 143 -0.29 -6.04 -3.74
C GLN A 143 -1.36 -5.47 -2.81
N ASP A 144 -1.56 -6.12 -1.66
CA ASP A 144 -2.63 -5.73 -0.75
C ASP A 144 -2.38 -4.35 -0.13
N ILE A 145 -1.12 -3.92 -0.15
CA ILE A 145 -0.77 -2.58 0.32
C ILE A 145 -1.46 -1.54 -0.57
N VAL A 146 -1.38 -1.75 -1.88
CA VAL A 146 -1.99 -0.86 -2.84
C VAL A 146 -3.51 -0.83 -2.64
N ILE A 147 -4.08 -2.01 -2.45
CA ILE A 147 -5.53 -2.15 -2.25
C ILE A 147 -5.98 -1.32 -1.05
N GLY A 148 -5.26 -1.46 0.05
CA GLY A 148 -5.64 -0.81 1.29
C GLY A 148 -5.52 0.71 1.25
N ILE A 149 -4.69 1.23 0.37
CA ILE A 149 -4.51 2.67 0.28
C ILE A 149 -5.49 3.30 -0.72
N ILE A 150 -5.53 2.72 -1.93
CA ILE A 150 -6.28 3.31 -3.03
C ILE A 150 -7.79 3.33 -2.76
N LYS A 151 -8.33 2.24 -2.24
CA LYS A 151 -9.77 2.16 -1.97
C LYS A 151 -10.16 3.13 -0.85
N THR A 152 -9.24 3.37 0.07
CA THR A 152 -9.50 4.26 1.19
C THR A 152 -9.64 5.71 0.73
N VAL A 153 -8.73 6.16 -0.11
CA VAL A 153 -8.77 7.54 -0.58
C VAL A 153 -9.92 7.75 -1.56
N ALA A 154 -10.39 6.66 -2.17
CA ALA A 154 -11.45 6.74 -3.15
C ALA A 154 -12.80 7.06 -2.52
N GLN A 155 -13.32 6.13 -1.72
CA GLN A 155 -14.68 6.25 -1.21
C GLN A 155 -14.76 7.21 -0.03
N GLN A 156 -13.68 7.32 0.75
CA GLN A 156 -13.69 8.20 1.92
C GLN A 156 -13.49 9.65 1.51
N ILE A 157 -12.70 9.91 0.48
CA ILE A 157 -12.44 11.28 0.06
C ILE A 157 -13.34 11.69 -1.10
N HIS A 158 -13.17 11.02 -2.23
CA HIS A 158 -13.87 11.42 -3.46
C HIS A 158 -15.31 10.97 -3.43
N GLY A 159 -15.62 10.04 -2.53
CA GLY A 159 -16.98 9.54 -2.39
C GLY A 159 -17.31 8.55 -3.49
N THR A 160 -16.28 8.08 -4.16
CA THR A 160 -16.45 7.17 -5.28
C THR A 160 -16.04 5.77 -4.90
N GLU A 161 -16.97 4.83 -5.02
CA GLU A 161 -16.69 3.44 -4.67
C GLU A 161 -15.92 2.78 -5.80
N ILE A 162 -14.71 2.33 -5.52
CA ILE A 162 -13.92 1.61 -6.50
C ILE A 162 -13.32 0.38 -5.85
N ASP A 163 -13.07 -0.65 -6.65
CA ASP A 163 -12.45 -1.86 -6.14
C ASP A 163 -11.29 -2.26 -7.03
N MET A 164 -10.21 -2.68 -6.41
CA MET A 164 -9.03 -3.13 -7.14
C MET A 164 -8.77 -4.59 -6.86
N LYS A 165 -8.74 -5.38 -7.92
CA LYS A 165 -8.48 -6.81 -7.81
C LYS A 165 -7.29 -7.20 -8.67
N VAL A 166 -6.50 -8.14 -8.19
CA VAL A 166 -5.33 -8.60 -8.94
C VAL A 166 -5.72 -9.71 -9.92
N ILE A 167 -5.65 -9.40 -11.21
CA ILE A 167 -6.07 -10.33 -12.23
C ILE A 167 -4.89 -11.13 -12.78
N GLN A 168 -3.69 -10.61 -12.60
CA GLN A 168 -2.50 -11.30 -13.08
C GLN A 168 -1.40 -11.19 -12.04
N GLN A 169 -0.76 -12.32 -11.74
CA GLN A 169 0.27 -12.36 -10.70
C GLN A 169 1.64 -12.59 -11.34
N ARG A 170 2.60 -11.74 -10.99
CA ARG A 170 3.97 -11.92 -11.44
C ARG A 170 4.53 -13.27 -10.98
N ASN A 171 4.95 -14.05 -11.96
CA ASN A 171 5.55 -15.36 -11.74
C ASN A 171 6.58 -15.59 -12.83
N GLU A 172 6.92 -16.84 -13.09
CA GLU A 172 7.79 -17.16 -14.21
C GLU A 172 7.02 -16.99 -15.52
N GLU A 173 5.71 -17.25 -15.46
CA GLU A 173 4.85 -17.15 -16.63
C GLU A 173 4.62 -15.69 -17.03
N CYS A 174 4.57 -14.80 -16.04
CA CYS A 174 4.30 -13.40 -16.29
C CYS A 174 5.20 -12.51 -15.44
N ASP A 175 5.93 -11.63 -16.10
CA ASP A 175 6.87 -10.72 -15.42
C ASP A 175 6.12 -9.56 -14.75
N HIS A 176 4.81 -9.50 -14.96
CA HIS A 176 4.03 -8.36 -14.49
C HIS A 176 2.80 -8.79 -13.69
N THR A 177 2.47 -7.98 -12.70
CA THR A 177 1.25 -8.15 -11.92
C THR A 177 0.23 -7.10 -12.36
N GLN A 178 -0.96 -7.52 -12.72
CA GLN A 178 -1.94 -6.59 -13.25
C GLN A 178 -3.16 -6.48 -12.35
N PHE A 179 -3.59 -5.26 -12.11
CA PHE A 179 -4.77 -4.99 -11.30
C PHE A 179 -5.88 -4.44 -12.17
N LEU A 180 -7.11 -4.67 -11.76
CA LEU A 180 -8.27 -4.12 -12.45
C LEU A 180 -9.07 -3.26 -11.47
N ILE A 181 -9.21 -1.99 -11.79
CA ILE A 181 -9.95 -1.07 -10.96
C ILE A 181 -11.34 -0.81 -11.51
N GLU A 182 -12.35 -1.29 -10.82
CA GLU A 182 -13.74 -1.08 -11.22
C GLU A 182 -14.32 0.10 -10.43
N GLU A 183 -14.42 1.25 -11.09
CA GLU A 183 -14.94 2.44 -10.46
C GLU A 183 -16.45 2.56 -10.68
N LYS A 184 -17.18 2.84 -9.61
CA LYS A 184 -18.63 3.00 -9.70
C LYS A 184 -19.03 4.45 -9.46
N GLU A 185 -19.00 5.26 -10.50
CA GLU A 185 -19.45 6.64 -10.36
C GLU A 185 -20.96 6.69 -10.56
N SER A 186 -21.54 5.54 -10.90
CA SER A 186 -22.98 5.41 -11.03
C SER A 186 -23.64 5.56 -9.66
N LYS A 187 -22.84 5.44 -8.62
CA LYS A 187 -23.30 5.59 -7.25
C LYS A 187 -23.53 7.07 -6.94
N GLU A 188 -22.82 7.94 -7.65
CA GLU A 188 -22.90 9.38 -7.39
C GLU A 188 -23.55 10.13 -8.54
N HIS A 189 -23.13 9.85 -9.77
CA HIS A 189 -23.60 10.59 -10.94
C HIS A 189 -25.01 10.15 -11.33
N HIS A 190 -25.37 8.92 -11.01
CA HIS A 190 -26.68 8.41 -11.35
C HIS A 190 -27.62 8.48 -10.16
N HIS A 191 -27.82 9.71 -9.67
CA HIS A 191 -28.75 9.95 -8.59
C HIS A 191 -29.80 10.97 -9.05
N HIS A 192 -30.36 10.69 -10.22
CA HIS A 192 -31.32 11.59 -10.86
C HIS A 192 -32.71 11.43 -10.23
N HIS A 193 -32.77 11.68 -8.93
CA HIS A 193 -34.01 11.59 -8.19
C HIS A 193 -34.13 12.76 -7.24
N HIS A 194 -35.36 13.18 -6.97
CA HIS A 194 -35.62 14.29 -6.08
C HIS A 194 -37.07 14.27 -5.62
OAA Z90 B . 7.12 -1.50 -3.95
OAB Z90 B . 12.04 -0.22 -2.64
OAC Z90 B . 7.66 -1.87 -6.07
OAD Z90 B . 10.94 -0.49 -0.80
CAE Z90 B . 12.06 7.97 3.00
CAF Z90 B . 12.05 6.83 2.20
CAG Z90 B . 10.94 8.77 3.08
CAH Z90 B . 0.59 2.55 -4.58
CAI Z90 B . 0.13 3.66 -3.87
CAJ Z90 B . 10.91 6.50 1.48
CAK Z90 B . 9.80 8.44 2.37
CAL Z90 B . 1.93 2.20 -4.54
CAM Z90 B . 1.03 4.41 -3.10
CAN Z90 B . 6.63 4.46 0.38
CAO Z90 B . 5.46 6.48 0.99
CAP Z90 B . 5.50 4.02 -0.30
CAQ Z90 B . 4.34 6.04 0.32
CAR Z90 B . 7.86 1.84 -2.21
CAS Z90 B . 9.36 2.64 -3.91
CAT Z90 B . 8.84 0.97 -1.75
CAU Z90 B . 10.35 1.76 -3.46
CAV Z90 B . 7.12 0.68 -6.81
CAW Z90 B . 6.51 2.04 -7.18
CAX Z90 B . 6.45 0.10 -5.56
CAY Z90 B . 8.64 6.98 0.85
CAZ Z90 B . 7.73 6.12 1.73
CBA Z90 B . 4.16 2.58 -3.71
CBB Z90 B . 6.94 3.09 -6.14
CBC Z90 B . 4.95 3.27 -4.81
CBD Z90 B . 3.23 4.33 -0.99
CBE Z90 B . 7.11 3.50 -3.77
OBF Z90 B . 3.28 4.73 -2.36
CBG Z90 B . 7.13 -1.20 -5.17
CBH Z90 B . 11.06 0.04 -1.92
CBI Z90 B . 9.78 7.31 1.56
CBJ Z90 B . 6.61 5.70 1.03
CBK Z90 B . 4.35 4.80 -0.32
CBL Z90 B . 8.12 2.67 -3.29
CBM Z90 B . 10.08 0.92 -2.38
CBN Z90 B . 2.83 2.94 -3.77
CBO Z90 B . 2.36 4.04 -3.06
NBP Z90 B . 6.35 2.81 -4.83
HAE Z90 B . 12.96 8.22 3.56
HAF Z90 B . 12.94 6.20 2.14
HAG Z90 B . 10.94 9.65 3.72
HAH Z90 B . -0.11 1.99 -5.19
HAI Z90 B . -0.92 3.93 -3.89
HAJ Z90 B . 10.91 5.61 0.85
HAK Z90 B . 8.91 9.08 2.43
HAL Z90 B . 2.29 1.34 -5.10
HAM Z90 B . 0.68 5.28 -2.55
HAN Z90 B . 7.53 3.85 0.40
HAO Z90 B . 5.46 7.45 1.50
HAP Z90 B . 5.51 3.05 -0.80
HAQ Z90 B . 3.44 6.66 0.28
HAR Z90 B . 6.88 1.86 -1.73
HAS Z90 B . 9.57 3.30 -4.76
HAT Z90 B . 8.64 0.31 -0.90
HAU Z90 B . 11.32 1.73 -3.95
HAV Z90 B . 6.99 -0.01 -7.65
HAVA Z90 B . 8.18 0.81 -6.63
HAW Z90 B . 6.85 2.34 -8.16
HAWA Z90 B . 5.43 1.95 -7.18
HAX Z90 B . 5.39 -0.08 -5.76
HAXA Z90 B . 6.53 0.81 -4.75
HAY Z90 B . 8.90 6.42 -0.05
HAYA Z90 B . 8.10 7.88 0.56
HAZ Z90 B . 8.28 5.25 2.09
HAZA Z90 B . 7.40 6.71 2.59
HBA Z90 B . 4.25 1.50 -3.83
HBAA Z90 B . 4.58 2.86 -2.74
HBB Z90 B . 8.02 3.09 -6.06
HBBA Z90 B . 6.62 4.08 -6.49
HBC Z90 B . 4.94 4.35 -4.64
HBCA Z90 B . 4.49 3.07 -5.78
HBD Z90 B . 3.18 3.25 -0.93
HBDA Z90 B . 2.33 4.75 -0.52
HBE Z90 B . 7.56 4.41 -4.18
HBEA Z90 B . 6.45 3.77 -2.95
N MET A 1 11.84 -2.84 0.79
CA MET A 1 10.84 -2.00 1.51
C MET A 1 11.55 -0.93 2.33
N TYR A 2 11.21 0.33 2.04
CA TYR A 2 11.77 1.47 2.77
C TYR A 2 11.48 1.33 4.26
N GLY A 3 12.47 1.69 5.08
CA GLY A 3 12.31 1.63 6.51
C GLY A 3 11.19 2.51 7.02
N PHE A 4 10.83 3.52 6.23
CA PHE A 4 9.67 4.35 6.52
C PHE A 4 8.42 3.48 6.55
N VAL A 5 8.23 2.70 5.50
CA VAL A 5 7.09 1.80 5.39
C VAL A 5 7.13 0.75 6.49
N ASN A 6 8.32 0.24 6.76
CA ASN A 6 8.51 -0.76 7.81
C ASN A 6 8.21 -0.20 9.19
N HIS A 7 8.48 1.09 9.39
CA HIS A 7 8.28 1.70 10.69
C HIS A 7 6.80 2.00 10.91
N ALA A 8 6.09 2.29 9.84
CA ALA A 8 4.65 2.51 9.91
C ALA A 8 3.92 1.19 10.13
N LEU A 9 4.51 0.11 9.61
CA LEU A 9 3.98 -1.23 9.82
C LEU A 9 4.10 -1.60 11.29
N GLU A 10 5.23 -1.25 11.88
CA GLU A 10 5.46 -1.41 13.30
C GLU A 10 4.38 -0.70 14.10
N LEU A 11 4.12 0.55 13.74
CA LEU A 11 3.10 1.37 14.38
C LEU A 11 1.72 0.70 14.29
N LEU A 12 1.48 0.01 13.17
CA LEU A 12 0.20 -0.65 12.93
C LEU A 12 -0.14 -1.64 14.03
N VAL A 13 0.86 -2.37 14.49
CA VAL A 13 0.63 -3.43 15.46
C VAL A 13 0.61 -2.88 16.88
N ILE A 14 1.57 -2.02 17.21
CA ILE A 14 1.68 -1.45 18.55
C ILE A 14 0.41 -0.72 18.96
N ARG A 15 -0.03 0.19 18.11
CA ARG A 15 -1.14 1.07 18.43
C ARG A 15 -2.48 0.33 18.47
N ASN A 16 -2.60 -0.73 17.69
CA ASN A 16 -3.88 -1.43 17.59
C ASN A 16 -3.97 -2.62 18.53
N TYR A 17 -3.00 -3.52 18.49
CA TYR A 17 -3.12 -4.78 19.22
C TYR A 17 -2.38 -4.73 20.55
N GLY A 18 -1.19 -4.15 20.54
CA GLY A 18 -0.42 -4.03 21.75
C GLY A 18 1.06 -4.30 21.52
N PRO A 19 1.94 -3.50 22.16
CA PRO A 19 3.39 -3.64 22.00
C PRO A 19 3.87 -5.05 22.35
N GLU A 20 3.17 -5.68 23.30
CA GLU A 20 3.48 -7.04 23.72
C GLU A 20 3.46 -7.99 22.53
N VAL A 21 2.37 -7.95 21.78
CA VAL A 21 2.19 -8.83 20.64
C VAL A 21 3.21 -8.52 19.57
N TRP A 22 3.49 -7.23 19.42
CA TRP A 22 4.43 -6.77 18.41
C TRP A 22 5.84 -7.28 18.68
N GLU A 23 6.17 -7.48 19.95
CA GLU A 23 7.50 -7.93 20.30
C GLU A 23 7.67 -9.41 19.98
N ASP A 24 6.59 -10.16 20.14
CA ASP A 24 6.62 -11.59 19.84
C ASP A 24 6.75 -11.80 18.33
N ILE A 25 6.07 -10.96 17.56
CA ILE A 25 6.16 -11.01 16.09
C ILE A 25 7.57 -10.61 15.63
N LYS A 26 8.07 -9.52 16.21
CA LYS A 26 9.38 -8.97 15.88
C LYS A 26 10.47 -10.02 16.05
N LYS A 27 10.36 -10.80 17.12
CA LYS A 27 11.36 -11.81 17.44
C LYS A 27 11.18 -13.07 16.59
N GLU A 28 9.95 -13.39 16.23
CA GLU A 28 9.70 -14.56 15.40
C GLU A 28 10.20 -14.31 13.99
N ALA A 29 10.13 -13.06 13.55
CA ALA A 29 10.65 -12.66 12.25
C ALA A 29 12.16 -12.49 12.29
N GLN A 30 12.72 -12.56 13.50
CA GLN A 30 14.16 -12.46 13.73
C GLN A 30 14.70 -11.10 13.29
N LEU A 31 13.84 -10.10 13.31
CA LEU A 31 14.22 -8.76 12.88
C LEU A 31 14.41 -7.83 14.07
N ASP A 32 14.42 -8.42 15.26
CA ASP A 32 14.64 -7.65 16.49
C ASP A 32 16.07 -7.15 16.55
N GLU A 33 16.96 -7.86 15.85
CA GLU A 33 18.36 -7.45 15.75
C GLU A 33 18.46 -6.06 15.13
N GLU A 34 17.55 -5.76 14.20
CA GLU A 34 17.54 -4.47 13.53
C GLU A 34 16.93 -3.42 14.45
N GLY A 35 15.64 -3.57 14.74
CA GLY A 35 14.96 -2.66 15.65
C GLY A 35 15.14 -1.20 15.27
N GLN A 36 15.07 -0.92 13.99
CA GLN A 36 15.30 0.44 13.51
C GLN A 36 14.17 0.88 12.58
N PHE A 37 14.22 0.42 11.33
CA PHE A 37 13.25 0.83 10.31
C PHE A 37 13.36 2.34 10.07
N LEU A 38 14.47 2.75 9.47
CA LEU A 38 14.74 4.15 9.22
C LEU A 38 14.46 4.50 7.76
N VAL A 39 14.08 5.76 7.53
CA VAL A 39 13.69 6.23 6.19
C VAL A 39 14.86 6.22 5.20
N ARG A 40 16.05 5.93 5.69
CA ARG A 40 17.24 5.88 4.85
C ARG A 40 17.57 4.44 4.46
N ILE A 41 17.00 3.48 5.18
CA ILE A 41 17.34 2.08 4.99
C ILE A 41 16.28 1.35 4.19
N ILE A 42 16.71 0.53 3.24
CA ILE A 42 15.78 -0.29 2.47
C ILE A 42 15.90 -1.76 2.89
N TYR A 43 14.92 -2.22 3.65
CA TYR A 43 14.94 -3.58 4.16
C TYR A 43 14.49 -4.56 3.10
N ASP A 44 15.01 -5.78 3.18
CA ASP A 44 14.65 -6.85 2.26
C ASP A 44 13.16 -7.12 2.33
N ASP A 45 12.52 -7.14 1.16
CA ASP A 45 11.09 -7.35 1.08
C ASP A 45 10.72 -8.74 1.57
N SER A 46 11.67 -9.66 1.43
CA SER A 46 11.50 -11.03 1.88
C SER A 46 11.46 -11.10 3.41
N LYS A 47 12.28 -10.27 4.06
CA LYS A 47 12.34 -10.25 5.52
C LYS A 47 11.05 -9.69 6.10
N THR A 48 10.54 -8.63 5.49
CA THR A 48 9.29 -8.03 5.93
C THR A 48 8.12 -8.94 5.63
N TYR A 49 8.25 -9.75 4.59
CA TYR A 49 7.21 -10.71 4.24
C TYR A 49 7.12 -11.78 5.32
N ASP A 50 8.25 -12.15 5.87
CA ASP A 50 8.31 -13.13 6.95
C ASP A 50 7.81 -12.51 8.24
N LEU A 51 7.98 -11.20 8.36
CA LEU A 51 7.51 -10.45 9.51
C LEU A 51 5.98 -10.53 9.59
N VAL A 52 5.31 -10.17 8.50
CA VAL A 52 3.86 -10.17 8.48
C VAL A 52 3.32 -11.60 8.56
N ALA A 53 4.10 -12.55 8.06
CA ALA A 53 3.74 -13.96 8.15
C ALA A 53 3.69 -14.40 9.60
N ALA A 54 4.62 -13.89 10.40
CA ALA A 54 4.66 -14.18 11.82
C ALA A 54 3.44 -13.58 12.52
N ALA A 55 3.00 -12.43 12.02
CA ALA A 55 1.81 -11.78 12.57
C ALA A 55 0.57 -12.58 12.23
N SER A 56 0.63 -13.26 11.10
CA SER A 56 -0.46 -14.12 10.67
C SER A 56 -0.59 -15.34 11.60
N LYS A 57 0.49 -15.64 12.31
CA LYS A 57 0.50 -16.81 13.19
C LYS A 57 -0.05 -16.44 14.57
N VAL A 58 0.67 -15.55 15.26
CA VAL A 58 0.33 -15.23 16.65
C VAL A 58 -0.94 -14.40 16.75
N LEU A 59 -1.15 -13.51 15.79
CA LEU A 59 -2.29 -12.60 15.83
C LEU A 59 -3.53 -13.25 15.19
N ASN A 60 -3.33 -14.45 14.66
CA ASN A 60 -4.42 -15.28 14.13
C ASN A 60 -5.15 -14.60 12.97
N LEU A 61 -4.47 -13.76 12.24
CA LEU A 61 -5.04 -13.11 11.07
C LEU A 61 -4.38 -13.65 9.81
N ASN A 62 -4.85 -13.20 8.65
CA ASN A 62 -4.29 -13.63 7.39
C ASN A 62 -3.33 -12.58 6.86
N ALA A 63 -2.18 -13.01 6.35
CA ALA A 63 -1.11 -12.09 5.95
C ALA A 63 -1.63 -10.96 5.08
N GLY A 64 -2.38 -11.31 4.03
CA GLY A 64 -2.89 -10.31 3.11
C GLY A 64 -3.79 -9.29 3.76
N GLU A 65 -4.60 -9.73 4.71
CA GLU A 65 -5.53 -8.85 5.38
C GLU A 65 -4.78 -7.84 6.26
N ILE A 66 -3.69 -8.29 6.87
CA ILE A 66 -2.86 -7.43 7.68
C ILE A 66 -2.22 -6.34 6.82
N LEU A 67 -1.74 -6.76 5.65
CA LEU A 67 -1.10 -5.85 4.70
C LEU A 67 -2.07 -4.78 4.21
N GLN A 68 -3.31 -5.18 3.97
CA GLN A 68 -4.33 -4.27 3.48
C GLN A 68 -4.71 -3.25 4.56
N MET A 69 -4.76 -3.70 5.80
CA MET A 69 -5.06 -2.81 6.92
C MET A 69 -3.95 -1.79 7.10
N PHE A 70 -2.73 -2.21 6.76
CA PHE A 70 -1.60 -1.31 6.75
C PHE A 70 -1.80 -0.23 5.68
N GLY A 71 -2.36 -0.63 4.56
CA GLY A 71 -2.61 0.29 3.47
C GLY A 71 -3.53 1.44 3.87
N LYS A 72 -4.62 1.12 4.57
CA LYS A 72 -5.56 2.15 4.99
C LYS A 72 -4.94 3.05 6.05
N MET A 73 -4.12 2.46 6.91
CA MET A 73 -3.42 3.23 7.94
C MET A 73 -2.46 4.23 7.31
N PHE A 74 -1.87 3.86 6.18
CA PHE A 74 -0.95 4.73 5.46
C PHE A 74 -1.63 6.04 5.08
N PHE A 75 -2.91 5.95 4.70
CA PHE A 75 -3.65 7.14 4.33
C PHE A 75 -3.89 8.04 5.54
N VAL A 76 -4.48 7.48 6.60
CA VAL A 76 -4.77 8.27 7.79
C VAL A 76 -3.47 8.76 8.45
N PHE A 77 -2.41 7.98 8.32
CA PHE A 77 -1.11 8.34 8.87
C PHE A 77 -0.57 9.62 8.24
N CYS A 78 -0.47 9.64 6.91
CA CYS A 78 0.09 10.80 6.22
C CYS A 78 -0.79 12.03 6.42
N GLN A 79 -2.09 11.82 6.55
CA GLN A 79 -3.02 12.92 6.84
C GLN A 79 -2.69 13.57 8.18
N GLU A 80 -2.35 12.73 9.17
CA GLU A 80 -2.07 13.20 10.52
C GLU A 80 -0.57 13.52 10.68
N SER A 81 0.18 13.43 9.59
CA SER A 81 1.62 13.70 9.64
C SER A 81 1.88 15.20 9.77
N GLY A 82 0.98 16.00 9.21
CA GLY A 82 1.11 17.44 9.30
C GLY A 82 1.84 18.04 8.11
N TYR A 83 2.70 17.24 7.49
CA TYR A 83 3.48 17.70 6.34
C TYR A 83 2.58 18.11 5.18
N ASP A 84 2.67 19.38 4.80
CA ASP A 84 1.84 19.93 3.72
C ASP A 84 2.19 19.28 2.38
N THR A 85 3.28 18.54 2.36
CA THR A 85 3.70 17.83 1.16
C THR A 85 2.60 16.90 0.66
N ILE A 86 1.94 16.21 1.59
CA ILE A 86 0.92 15.23 1.24
C ILE A 86 -0.32 15.90 0.62
N LEU A 87 -0.43 17.20 0.82
CA LEU A 87 -1.57 17.96 0.33
C LEU A 87 -1.41 18.29 -1.16
N ARG A 88 -0.16 18.44 -1.59
CA ARG A 88 0.10 18.78 -2.99
C ARG A 88 0.28 17.52 -3.83
N VAL A 89 1.10 16.60 -3.32
CA VAL A 89 1.39 15.37 -4.03
C VAL A 89 0.17 14.46 -4.09
N LEU A 90 0.09 13.68 -5.16
CA LEU A 90 -0.98 12.70 -5.33
C LEU A 90 -2.33 13.41 -5.50
N GLY A 91 -2.26 14.71 -5.81
CA GLY A 91 -3.44 15.53 -5.98
C GLY A 91 -4.34 15.56 -4.76
N SER A 92 -3.91 14.89 -3.68
CA SER A 92 -4.74 14.71 -2.49
C SER A 92 -6.11 14.14 -2.86
N ASN A 93 -6.16 13.34 -3.92
CA ASN A 93 -7.42 12.81 -4.40
C ASN A 93 -7.28 11.36 -4.88
N VAL A 94 -8.33 10.85 -5.53
CA VAL A 94 -8.41 9.43 -5.86
C VAL A 94 -7.60 9.09 -7.11
N ARG A 95 -8.06 9.52 -8.27
CA ARG A 95 -7.41 9.19 -9.53
C ARG A 95 -6.08 9.91 -9.63
N GLU A 96 -6.00 11.06 -8.98
CA GLU A 96 -4.78 11.84 -8.95
C GLU A 96 -3.69 11.10 -8.17
N PHE A 97 -4.10 10.33 -7.16
CA PHE A 97 -3.17 9.56 -6.35
C PHE A 97 -2.37 8.59 -7.22
N LEU A 98 -3.09 7.79 -7.98
CA LEU A 98 -2.48 6.76 -8.81
C LEU A 98 -1.61 7.37 -9.92
N GLN A 99 -2.14 8.37 -10.61
CA GLN A 99 -1.44 8.96 -11.76
C GLN A 99 -0.24 9.81 -11.31
N ASN A 100 -0.20 10.15 -10.02
CA ASN A 100 0.90 10.97 -9.49
C ASN A 100 2.02 10.10 -8.93
N LEU A 101 1.86 8.78 -9.02
CA LEU A 101 2.91 7.87 -8.57
C LEU A 101 4.23 8.20 -9.28
N ASP A 102 4.15 8.41 -10.59
CA ASP A 102 5.32 8.78 -11.39
C ASP A 102 5.90 10.12 -10.92
N ALA A 103 5.01 11.01 -10.50
CA ALA A 103 5.42 12.35 -10.08
C ALA A 103 6.29 12.29 -8.83
N LEU A 104 6.01 11.33 -7.96
CA LEU A 104 6.83 11.19 -6.76
C LEU A 104 8.01 10.26 -7.04
N HIS A 105 7.90 9.48 -8.12
CA HIS A 105 8.96 8.56 -8.52
C HIS A 105 10.26 9.32 -8.73
N ASP A 106 10.20 10.45 -9.42
CA ASP A 106 11.39 11.26 -9.64
C ASP A 106 11.99 11.73 -8.31
N HIS A 107 11.12 12.08 -7.36
CA HIS A 107 11.58 12.52 -6.06
C HIS A 107 12.15 11.34 -5.29
N LEU A 108 11.49 10.21 -5.40
CA LEU A 108 11.91 8.97 -4.76
C LEU A 108 13.28 8.54 -5.30
N ALA A 109 13.51 8.82 -6.58
CA ALA A 109 14.79 8.52 -7.21
C ALA A 109 15.92 9.31 -6.57
N THR A 110 15.66 10.58 -6.26
CA THR A 110 16.63 11.41 -5.56
C THR A 110 16.77 11.02 -4.09
N ILE A 111 15.75 10.36 -3.55
CA ILE A 111 15.80 9.89 -2.17
C ILE A 111 16.61 8.60 -2.07
N TYR A 112 16.39 7.70 -3.01
CA TYR A 112 17.14 6.45 -3.07
C TYR A 112 17.82 6.30 -4.43
N PRO A 113 18.96 6.99 -4.64
CA PRO A 113 19.68 6.95 -5.92
C PRO A 113 20.22 5.56 -6.22
N GLY A 114 19.63 4.89 -7.21
CA GLY A 114 20.06 3.56 -7.56
C GLY A 114 18.97 2.54 -7.42
N MET A 115 17.96 2.88 -6.63
CA MET A 115 16.83 1.98 -6.41
C MET A 115 15.87 2.04 -7.59
N ARG A 116 15.32 0.90 -7.96
CA ARG A 116 14.36 0.83 -9.05
C ARG A 116 12.94 0.88 -8.52
N ALA A 117 12.20 1.92 -8.89
CA ALA A 117 10.83 2.07 -8.44
C ALA A 117 9.86 1.90 -9.61
N PRO A 118 8.78 1.13 -9.40
CA PRO A 118 7.75 0.93 -10.41
C PRO A 118 6.78 2.12 -10.51
N SER A 119 6.63 2.65 -11.71
CA SER A 119 5.73 3.77 -11.94
C SER A 119 5.19 3.75 -13.36
N PHE A 120 3.91 3.43 -13.49
CA PHE A 120 3.25 3.35 -14.79
C PHE A 120 1.90 4.07 -14.73
N ARG A 121 1.24 4.18 -15.86
CA ARG A 121 -0.04 4.86 -15.91
C ARG A 121 -1.18 3.84 -15.94
N CYS A 122 -2.41 4.34 -15.81
CA CYS A 122 -3.59 3.49 -15.83
C CYS A 122 -4.35 3.66 -17.14
N THR A 123 -4.72 2.55 -17.74
CA THR A 123 -5.47 2.57 -18.99
C THR A 123 -6.96 2.41 -18.70
N ASP A 124 -7.78 3.27 -19.30
CA ASP A 124 -9.22 3.24 -19.09
C ASP A 124 -9.82 1.94 -19.56
N ALA A 125 -10.43 1.21 -18.64
CA ALA A 125 -11.08 -0.05 -18.95
C ALA A 125 -12.29 0.18 -19.85
N GLU A 126 -13.02 1.25 -19.58
CA GLU A 126 -14.14 1.64 -20.41
C GLU A 126 -14.49 3.11 -20.18
N LYS A 127 -15.70 3.51 -20.54
CA LYS A 127 -16.12 4.91 -20.47
C LYS A 127 -16.30 5.40 -19.02
N GLY A 128 -15.18 5.61 -18.34
CA GLY A 128 -15.21 6.20 -17.02
C GLY A 128 -15.73 5.24 -15.96
N LYS A 129 -15.51 3.96 -16.17
CA LYS A 129 -15.92 2.93 -15.21
C LYS A 129 -14.87 1.82 -15.14
N GLY A 130 -13.76 2.10 -14.51
CA GLY A 130 -12.72 1.12 -14.36
C GLY A 130 -11.39 1.59 -14.88
N LEU A 131 -10.33 1.29 -14.14
CA LEU A 131 -8.98 1.65 -14.54
C LEU A 131 -8.10 0.41 -14.51
N ILE A 132 -7.40 0.14 -15.60
CA ILE A 132 -6.46 -0.96 -15.66
C ILE A 132 -5.04 -0.43 -15.53
N LEU A 133 -4.47 -0.53 -14.34
CA LEU A 133 -3.16 0.04 -14.10
C LEU A 133 -2.07 -1.00 -14.26
N HIS A 134 -0.92 -0.56 -14.75
CA HIS A 134 0.21 -1.44 -14.98
C HIS A 134 1.21 -1.26 -13.84
N TYR A 135 1.71 -2.35 -13.29
CA TYR A 135 2.59 -2.26 -12.15
C TYR A 135 3.72 -3.28 -12.23
N TYR A 136 4.89 -2.91 -11.77
CA TYR A 136 6.03 -3.82 -11.74
C TYR A 136 6.38 -4.15 -10.29
N SER A 137 6.68 -5.42 -10.04
CA SER A 137 7.03 -5.84 -8.69
C SER A 137 7.89 -7.08 -8.74
N GLU A 138 8.76 -7.21 -7.75
CA GLU A 138 9.58 -8.41 -7.58
C GLU A 138 9.09 -9.19 -6.37
N ARG A 139 7.89 -8.86 -5.91
CA ARG A 139 7.30 -9.52 -4.75
C ARG A 139 5.89 -9.96 -5.06
N GLU A 140 5.31 -10.76 -4.18
CA GLU A 140 3.91 -11.13 -4.26
C GLU A 140 3.32 -11.16 -2.86
N GLY A 141 2.01 -11.01 -2.76
CA GLY A 141 1.36 -10.97 -1.47
C GLY A 141 1.31 -9.56 -0.91
N LEU A 142 2.42 -8.84 -1.04
CA LEU A 142 2.53 -7.47 -0.52
C LEU A 142 1.66 -6.51 -1.32
N GLN A 143 1.12 -7.01 -2.44
CA GLN A 143 0.25 -6.23 -3.30
C GLN A 143 -0.98 -5.70 -2.57
N ASP A 144 -1.41 -6.43 -1.53
CA ASP A 144 -2.57 -6.01 -0.73
C ASP A 144 -2.34 -4.66 -0.06
N ILE A 145 -1.08 -4.30 0.16
CA ILE A 145 -0.75 -2.98 0.70
C ILE A 145 -1.29 -1.89 -0.20
N VAL A 146 -1.07 -2.05 -1.50
CA VAL A 146 -1.54 -1.09 -2.49
C VAL A 146 -3.06 -1.05 -2.49
N ILE A 147 -3.67 -2.21 -2.41
CA ILE A 147 -5.14 -2.33 -2.37
C ILE A 147 -5.70 -1.50 -1.22
N GLY A 148 -5.11 -1.65 -0.04
CA GLY A 148 -5.58 -0.94 1.13
C GLY A 148 -5.44 0.57 1.00
N ILE A 149 -4.40 1.02 0.30
CA ILE A 149 -4.16 2.45 0.16
C ILE A 149 -5.19 3.11 -0.76
N ILE A 150 -5.29 2.58 -1.97
CA ILE A 150 -6.08 3.23 -3.02
C ILE A 150 -7.57 3.17 -2.71
N LYS A 151 -8.05 2.05 -2.18
CA LYS A 151 -9.47 1.91 -1.85
C LYS A 151 -9.88 2.94 -0.80
N THR A 152 -9.01 3.16 0.17
CA THR A 152 -9.31 4.05 1.28
C THR A 152 -9.37 5.51 0.80
N VAL A 153 -8.43 5.91 -0.05
CA VAL A 153 -8.42 7.30 -0.53
C VAL A 153 -9.60 7.55 -1.46
N ALA A 154 -10.06 6.49 -2.12
CA ALA A 154 -11.17 6.58 -3.05
C ALA A 154 -12.48 6.85 -2.32
N GLN A 155 -12.80 5.96 -1.39
CA GLN A 155 -14.07 6.02 -0.69
C GLN A 155 -14.14 7.22 0.26
N GLN A 156 -12.99 7.61 0.79
CA GLN A 156 -12.95 8.65 1.80
C GLN A 156 -12.99 10.05 1.19
N ILE A 157 -12.12 10.28 0.20
CA ILE A 157 -11.97 11.60 -0.38
C ILE A 157 -13.14 11.96 -1.30
N HIS A 158 -13.23 11.29 -2.45
CA HIS A 158 -14.23 11.65 -3.45
C HIS A 158 -15.56 10.96 -3.16
N GLY A 159 -15.53 9.99 -2.25
CA GLY A 159 -16.73 9.22 -1.97
C GLY A 159 -16.98 8.19 -3.05
N THR A 160 -15.96 7.94 -3.85
CA THR A 160 -16.07 7.03 -4.97
C THR A 160 -15.38 5.72 -4.61
N GLU A 161 -16.15 4.79 -4.10
CA GLU A 161 -15.61 3.53 -3.61
C GLU A 161 -15.09 2.70 -4.78
N ILE A 162 -13.93 2.07 -4.59
CA ILE A 162 -13.36 1.22 -5.61
C ILE A 162 -12.92 -0.10 -5.02
N ASP A 163 -13.03 -1.15 -5.79
CA ASP A 163 -12.58 -2.47 -5.36
C ASP A 163 -11.48 -2.94 -6.28
N MET A 164 -10.28 -3.07 -5.73
CA MET A 164 -9.11 -3.41 -6.52
C MET A 164 -8.67 -4.83 -6.23
N LYS A 165 -8.24 -5.53 -7.27
CA LYS A 165 -7.74 -6.88 -7.12
C LYS A 165 -6.55 -7.11 -8.03
N VAL A 166 -5.58 -7.87 -7.56
CA VAL A 166 -4.45 -8.25 -8.37
C VAL A 166 -4.77 -9.54 -9.12
N ILE A 167 -4.92 -9.45 -10.43
CA ILE A 167 -5.39 -10.58 -11.22
C ILE A 167 -4.25 -11.51 -11.63
N GLN A 168 -3.02 -11.05 -11.44
CA GLN A 168 -1.86 -11.88 -11.74
C GLN A 168 -0.64 -11.35 -10.98
N GLN A 169 -0.05 -12.19 -10.15
CA GLN A 169 1.08 -11.78 -9.31
C GLN A 169 2.42 -12.06 -9.96
N ARG A 170 2.52 -11.76 -11.25
CA ARG A 170 3.76 -11.98 -11.98
C ARG A 170 4.82 -11.00 -11.51
N ASN A 171 5.93 -11.53 -11.04
CA ASN A 171 7.02 -10.72 -10.56
C ASN A 171 8.17 -10.74 -11.57
N GLU A 172 9.39 -10.42 -11.12
CA GLU A 172 10.54 -10.33 -12.01
C GLU A 172 10.83 -11.66 -12.72
N GLU A 173 10.38 -12.76 -12.11
CA GLU A 173 10.57 -14.08 -12.68
C GLU A 173 9.77 -14.25 -13.96
N CYS A 174 8.74 -13.43 -14.12
CA CYS A 174 7.90 -13.49 -15.30
C CYS A 174 7.95 -12.17 -16.06
N ASP A 175 7.19 -11.19 -15.60
CA ASP A 175 7.12 -9.89 -16.26
C ASP A 175 6.75 -8.81 -15.27
N HIS A 176 5.46 -8.77 -14.93
CA HIS A 176 4.91 -7.72 -14.09
C HIS A 176 3.45 -8.04 -13.76
N THR A 177 2.89 -7.29 -12.83
CA THR A 177 1.56 -7.55 -12.33
C THR A 177 0.57 -6.50 -12.83
N GLN A 178 -0.72 -6.82 -12.81
CA GLN A 178 -1.75 -5.92 -13.27
C GLN A 178 -2.85 -5.82 -12.23
N PHE A 179 -3.30 -4.60 -11.96
CA PHE A 179 -4.36 -4.36 -10.99
C PHE A 179 -5.61 -3.85 -11.67
N LEU A 180 -6.74 -4.47 -11.38
CA LEU A 180 -8.01 -4.02 -11.92
C LEU A 180 -8.76 -3.19 -10.89
N ILE A 181 -9.13 -1.98 -11.28
CA ILE A 181 -9.90 -1.09 -10.43
C ILE A 181 -11.35 -1.05 -10.88
N GLU A 182 -12.23 -1.66 -10.10
CA GLU A 182 -13.65 -1.60 -10.37
C GLU A 182 -14.27 -0.50 -9.52
N GLU A 183 -14.47 0.66 -10.11
CA GLU A 183 -14.91 1.82 -9.37
C GLU A 183 -16.43 1.91 -9.33
N LYS A 184 -16.95 2.24 -8.16
CA LYS A 184 -18.38 2.40 -7.98
C LYS A 184 -18.80 3.84 -8.30
N GLU A 185 -18.24 4.35 -9.40
CA GLU A 185 -18.63 5.66 -9.91
C GLU A 185 -20.01 5.58 -10.53
N SER A 186 -21.01 5.53 -9.67
CA SER A 186 -22.38 5.40 -10.10
C SER A 186 -23.32 5.82 -8.97
N LYS A 187 -24.42 6.50 -9.35
CA LYS A 187 -25.40 7.02 -8.39
C LYS A 187 -24.80 8.13 -7.53
N GLU A 188 -25.68 8.91 -6.90
CA GLU A 188 -25.28 10.02 -6.03
C GLU A 188 -24.65 11.17 -6.81
N HIS A 189 -23.55 10.89 -7.51
CA HIS A 189 -22.84 11.92 -8.25
C HIS A 189 -23.02 11.70 -9.75
N HIS A 190 -24.25 11.85 -10.23
CA HIS A 190 -24.52 11.65 -11.65
C HIS A 190 -25.04 12.93 -12.29
N HIS A 191 -25.88 13.66 -11.57
CA HIS A 191 -26.47 14.89 -12.09
C HIS A 191 -25.50 16.05 -11.98
N HIS A 192 -24.74 16.07 -10.89
CA HIS A 192 -23.74 17.10 -10.67
C HIS A 192 -22.36 16.47 -10.58
N HIS A 193 -21.93 15.88 -11.69
CA HIS A 193 -20.64 15.20 -11.73
C HIS A 193 -19.62 16.09 -12.43
N HIS A 194 -18.37 15.99 -12.03
CA HIS A 194 -17.31 16.79 -12.62
C HIS A 194 -16.75 16.09 -13.85
OAA Z90 B . 6.30 -3.97 -2.92
OAB Z90 B . 12.22 -1.43 -2.52
OAC Z90 B . 5.31 -4.08 -4.90
OAD Z90 B . 11.63 -0.57 -0.63
CAE Z90 B . 11.64 8.49 2.80
CAF Z90 B . 11.03 9.40 1.95
CAG Z90 B . 11.21 7.18 2.85
CAH Z90 B . 0.84 2.73 -5.40
CAI Z90 B . 0.52 4.04 -5.01
CAJ Z90 B . 9.98 8.98 1.14
CAK Z90 B . 10.16 6.76 2.04
CAL Z90 B . 2.04 2.16 -5.02
CAM Z90 B . 1.42 4.77 -4.25
CAN Z90 B . 5.47 7.77 -0.58
CAO Z90 B . 5.72 5.63 0.51
CAP Z90 B . 4.43 7.27 -1.35
CAQ Z90 B . 4.68 5.13 -0.26
CAR Z90 B . 7.85 0.20 -2.04
CAS Z90 B . 8.70 -0.18 -4.26
CAT Z90 B . 9.09 -0.16 -1.51
CAU Z90 B . 9.94 -0.54 -3.73
CAV Z90 B . 4.02 -3.05 -1.69
CAW Z90 B . 4.01 -1.55 -2.00
CAX Z90 B . 3.93 -3.88 -2.98
CAY Z90 B . 8.49 7.25 0.37
CAZ Z90 B . 7.17 7.47 1.11
CBA Z90 B . 4.18 2.34 -3.88
CBB Z90 B . 5.21 -1.17 -2.89
CBC Z90 B . 4.08 0.83 -3.65
CBD Z90 B . 3.01 5.42 -1.97
CBE Z90 B . 6.46 0.58 -3.96
OBF Z90 B . 3.58 4.85 -3.16
CBG Z90 B . 5.30 -3.99 -3.65
CBH Z90 B . 11.37 -0.86 -1.82
CBI Z90 B . 9.54 7.67 1.19
CBJ Z90 B . 6.11 6.96 0.36
CBK Z90 B . 4.03 5.94 -1.18
CBL Z90 B . 7.67 0.19 -3.42
CBM Z90 B . 10.13 -0.53 -2.35
CBN Z90 B . 2.95 2.88 -4.25
CBO Z90 B . 2.63 4.18 -3.87
NBP Z90 B . 5.33 0.29 -3.06
HAE Z90 B . 12.47 8.81 3.44
HAF Z90 B . 11.37 10.43 1.91
HAG Z90 B . 11.69 6.47 3.52
HAH Z90 B . 0.13 2.16 -6.02
HAI Z90 B . -0.42 4.48 -5.32
HAJ Z90 B . 9.50 9.69 0.47
HAK Z90 B . 9.82 5.73 2.08
HAL Z90 B . 2.29 1.14 -5.33
HAM Z90 B . 1.19 5.78 -3.94
HAN Z90 B . 5.79 8.81 -0.70
HAO Z90 B . 6.22 5.00 1.24
HAP Z90 B . 3.93 7.90 -2.07
HAQ Z90 B . 4.37 4.09 -0.13
HAR Z90 B . 7.03 0.49 -1.38
HAS Z90 B . 8.56 -0.19 -5.34
HAT Z90 B . 9.23 -0.15 -0.43
HAU Z90 B . 10.76 -0.83 -4.39
HAV Z90 B . 4.95 -3.31 -1.17
HAVA Z90 B . 3.18 -3.29 -1.05
HAW Z90 B . 3.09 -1.29 -2.52
HAWA Z90 B . 4.07 -0.99 -1.07
HAX Z90 B . 3.22 -3.40 -3.66
HAXA Z90 B . 3.56 -4.87 -2.74
HAY Z90 B . 8.61 6.20 0.13
HAYA Z90 B . 8.48 7.84 -0.55
HAZ Z90 B . 7.19 6.95 2.08
HAZA Z90 B . 7.01 8.53 1.29
HBA Z90 B . 4.53 2.83 -2.97
HBAA Z90 B . 4.90 2.53 -4.68
HBB Z90 B . 6.12 -1.55 -2.45
HBBA Z90 B . 5.09 -1.63 -3.86
HBC Z90 B . 3.89 0.33 -4.60
HBCA Z90 B . 3.24 0.63 -2.98
HBD Z90 B . 2.48 4.65 -1.42
HBDA Z90 B . 2.31 6.21 -2.24
HBE Z90 B . 6.30 0.07 -4.92
HBEA Z90 B . 6.50 1.66 -4.15
N MET A 1 11.10 -4.12 1.87
CA MET A 1 10.86 -2.68 1.71
C MET A 1 11.69 -1.91 2.73
N TYR A 2 11.77 -0.59 2.56
CA TYR A 2 12.62 0.24 3.39
C TYR A 2 11.95 0.58 4.71
N GLY A 3 12.76 1.10 5.63
CA GLY A 3 12.37 1.26 7.02
C GLY A 3 11.18 2.15 7.24
N PHE A 4 10.86 2.99 6.25
CA PHE A 4 9.71 3.90 6.35
C PHE A 4 8.42 3.09 6.51
N VAL A 5 8.13 2.26 5.51
CA VAL A 5 6.91 1.45 5.53
C VAL A 5 7.04 0.31 6.53
N ASN A 6 8.26 -0.12 6.82
CA ASN A 6 8.50 -1.11 7.85
C ASN A 6 8.14 -0.53 9.22
N HIS A 7 8.37 0.76 9.38
CA HIS A 7 8.02 1.46 10.63
C HIS A 7 6.51 1.70 10.68
N ALA A 8 5.89 1.75 9.52
CA ALA A 8 4.44 1.92 9.45
C ALA A 8 3.73 0.67 9.96
N LEU A 9 4.17 -0.50 9.53
CA LEU A 9 3.57 -1.76 9.99
C LEU A 9 3.91 -1.99 11.46
N GLU A 10 5.12 -1.58 11.84
CA GLU A 10 5.56 -1.62 13.23
C GLU A 10 4.54 -0.91 14.11
N LEU A 11 4.32 0.36 13.85
CA LEU A 11 3.39 1.18 14.62
C LEU A 11 1.97 0.62 14.52
N LEU A 12 1.67 -0.04 13.42
CA LEU A 12 0.36 -0.63 13.20
C LEU A 12 0.05 -1.67 14.26
N VAL A 13 0.96 -2.62 14.44
CA VAL A 13 0.72 -3.74 15.33
C VAL A 13 0.81 -3.31 16.79
N ILE A 14 1.62 -2.30 17.07
CA ILE A 14 1.72 -1.75 18.42
C ILE A 14 0.41 -1.11 18.87
N ARG A 15 -0.11 -0.23 18.02
CA ARG A 15 -1.24 0.60 18.41
C ARG A 15 -2.58 -0.07 18.16
N ASN A 16 -2.70 -0.82 17.07
CA ASN A 16 -3.99 -1.41 16.72
C ASN A 16 -4.25 -2.69 17.50
N TYR A 17 -3.19 -3.38 17.89
CA TYR A 17 -3.35 -4.67 18.58
C TYR A 17 -2.78 -4.62 19.99
N GLY A 18 -1.53 -4.20 20.13
CA GLY A 18 -0.92 -4.11 21.43
C GLY A 18 0.60 -4.13 21.37
N PRO A 19 1.27 -3.42 22.29
CA PRO A 19 2.74 -3.36 22.34
C PRO A 19 3.35 -4.75 22.54
N GLU A 20 2.70 -5.58 23.35
CA GLU A 20 3.17 -6.92 23.61
C GLU A 20 3.06 -7.77 22.35
N VAL A 21 2.05 -7.47 21.54
CA VAL A 21 1.83 -8.18 20.30
C VAL A 21 2.98 -7.91 19.34
N TRP A 22 3.42 -6.65 19.31
CA TRP A 22 4.58 -6.28 18.51
C TRP A 22 5.81 -7.01 19.00
N GLU A 23 5.90 -7.26 20.30
CA GLU A 23 7.03 -7.98 20.86
C GLU A 23 7.07 -9.40 20.34
N ASP A 24 5.90 -10.03 20.24
CA ASP A 24 5.82 -11.42 19.82
C ASP A 24 6.25 -11.56 18.36
N ILE A 25 5.73 -10.67 17.51
CA ILE A 25 6.04 -10.68 16.09
C ILE A 25 7.52 -10.35 15.84
N LYS A 26 7.99 -9.35 16.57
CA LYS A 26 9.35 -8.84 16.42
C LYS A 26 10.39 -9.91 16.75
N LYS A 27 10.11 -10.69 17.79
CA LYS A 27 11.01 -11.75 18.21
C LYS A 27 10.93 -12.93 17.25
N GLU A 28 9.74 -13.19 16.71
CA GLU A 28 9.54 -14.30 15.78
C GLU A 28 10.33 -14.03 14.50
N ALA A 29 10.23 -12.81 13.99
CA ALA A 29 10.95 -12.42 12.79
C ALA A 29 12.44 -12.23 13.06
N GLN A 30 12.82 -12.41 14.33
CA GLN A 30 14.22 -12.33 14.76
C GLN A 30 14.82 -10.96 14.45
N LEU A 31 13.96 -9.96 14.40
CA LEU A 31 14.40 -8.60 14.17
C LEU A 31 14.30 -7.81 15.45
N ASP A 32 14.39 -8.53 16.57
CA ASP A 32 14.34 -7.93 17.89
C ASP A 32 15.62 -7.17 18.19
N GLU A 33 16.64 -7.41 17.37
CA GLU A 33 17.91 -6.70 17.48
C GLU A 33 17.74 -5.24 17.05
N GLU A 34 16.74 -4.99 16.20
CA GLU A 34 16.47 -3.65 15.73
C GLU A 34 15.58 -2.91 16.70
N GLY A 35 15.99 -1.71 17.09
CA GLY A 35 15.20 -0.89 17.97
C GLY A 35 14.04 -0.25 17.24
N GLN A 36 14.29 0.15 16.01
CA GLN A 36 13.26 0.74 15.16
C GLN A 36 13.68 0.63 13.70
N PHE A 37 12.70 0.55 12.81
CA PHE A 37 12.98 0.46 11.38
C PHE A 37 13.14 1.86 10.78
N LEU A 38 14.31 2.13 10.23
CA LEU A 38 14.60 3.44 9.67
C LEU A 38 14.95 3.35 8.19
N VAL A 39 14.96 4.48 7.51
CA VAL A 39 15.20 4.49 6.07
C VAL A 39 16.66 4.27 5.73
N ARG A 40 17.54 5.09 6.31
CA ARG A 40 18.97 5.08 5.99
C ARG A 40 19.63 3.75 6.38
N ILE A 41 18.95 2.99 7.22
CA ILE A 41 19.46 1.69 7.66
C ILE A 41 19.38 0.68 6.51
N ILE A 42 18.30 0.75 5.74
CA ILE A 42 18.11 -0.14 4.58
C ILE A 42 17.90 -1.58 5.01
N TYR A 43 16.73 -2.12 4.68
CA TYR A 43 16.39 -3.50 5.00
C TYR A 43 16.07 -4.26 3.72
N ASP A 44 16.36 -5.56 3.70
CA ASP A 44 16.02 -6.39 2.56
C ASP A 44 14.51 -6.52 2.46
N ASP A 45 14.02 -6.76 1.26
CA ASP A 45 12.58 -6.87 1.04
C ASP A 45 12.04 -8.11 1.72
N SER A 46 12.88 -9.13 1.80
CA SER A 46 12.55 -10.37 2.47
C SER A 46 12.28 -10.15 3.96
N LYS A 47 12.88 -9.09 4.52
CA LYS A 47 12.68 -8.77 5.94
C LYS A 47 11.25 -8.32 6.18
N THR A 48 10.71 -7.55 5.24
CA THR A 48 9.34 -7.08 5.33
C THR A 48 8.37 -8.26 5.21
N TYR A 49 8.71 -9.21 4.35
CA TYR A 49 7.91 -10.41 4.17
C TYR A 49 7.89 -11.27 5.43
N ASP A 50 9.04 -11.35 6.10
CA ASP A 50 9.16 -12.18 7.28
C ASP A 50 8.40 -11.57 8.45
N LEU A 51 8.34 -10.24 8.47
CA LEU A 51 7.59 -9.52 9.49
C LEU A 51 6.09 -9.77 9.37
N VAL A 52 5.54 -9.55 8.19
CA VAL A 52 4.11 -9.71 7.98
C VAL A 52 3.70 -11.17 8.12
N ALA A 53 4.58 -12.08 7.71
CA ALA A 53 4.31 -13.51 7.81
C ALA A 53 4.27 -13.94 9.27
N ALA A 54 5.12 -13.35 10.08
CA ALA A 54 5.14 -13.63 11.50
C ALA A 54 3.88 -13.07 12.16
N ALA A 55 3.38 -11.96 11.62
CA ALA A 55 2.18 -11.33 12.14
C ALA A 55 0.96 -12.17 11.80
N SER A 56 1.07 -12.95 10.73
CA SER A 56 0.03 -13.87 10.32
C SER A 56 -0.13 -14.97 11.37
N LYS A 57 0.97 -15.31 12.02
CA LYS A 57 0.98 -16.40 12.99
C LYS A 57 0.49 -15.90 14.35
N VAL A 58 0.97 -14.74 14.76
CA VAL A 58 0.66 -14.18 16.07
C VAL A 58 -0.79 -13.70 16.13
N LEU A 59 -1.24 -13.06 15.07
CA LEU A 59 -2.59 -12.49 15.04
C LEU A 59 -3.62 -13.53 14.61
N ASN A 60 -3.13 -14.70 14.18
CA ASN A 60 -3.98 -15.78 13.70
C ASN A 60 -4.79 -15.33 12.49
N LEU A 61 -4.21 -14.41 11.72
CA LEU A 61 -4.88 -13.84 10.57
C LEU A 61 -4.14 -14.21 9.31
N ASN A 62 -4.67 -13.81 8.17
CA ASN A 62 -4.03 -14.08 6.89
C ASN A 62 -3.12 -12.93 6.52
N ALA A 63 -1.95 -13.27 6.00
CA ALA A 63 -0.95 -12.26 5.64
C ALA A 63 -1.51 -11.24 4.66
N GLY A 64 -2.40 -11.69 3.78
CA GLY A 64 -2.98 -10.80 2.78
C GLY A 64 -3.89 -9.76 3.38
N GLU A 65 -4.68 -10.13 4.39
CA GLU A 65 -5.59 -9.20 5.02
C GLU A 65 -4.81 -8.20 5.88
N ILE A 66 -3.68 -8.65 6.41
CA ILE A 66 -2.80 -7.77 7.18
C ILE A 66 -2.19 -6.70 6.28
N LEU A 67 -1.86 -7.08 5.05
CA LEU A 67 -1.33 -6.14 4.07
C LEU A 67 -2.37 -5.07 3.75
N GLN A 68 -3.63 -5.47 3.70
CA GLN A 68 -4.71 -4.53 3.41
C GLN A 68 -4.84 -3.50 4.53
N MET A 69 -4.91 -3.99 5.77
CA MET A 69 -5.07 -3.11 6.92
C MET A 69 -3.83 -2.24 7.11
N PHE A 70 -2.72 -2.67 6.51
CA PHE A 70 -1.51 -1.85 6.48
C PHE A 70 -1.75 -0.58 5.69
N GLY A 71 -2.29 -0.74 4.48
CA GLY A 71 -2.58 0.42 3.65
C GLY A 71 -3.62 1.32 4.28
N LYS A 72 -4.58 0.70 4.95
CA LYS A 72 -5.62 1.41 5.68
C LYS A 72 -5.02 2.36 6.72
N MET A 73 -4.24 1.81 7.63
CA MET A 73 -3.68 2.58 8.74
C MET A 73 -2.71 3.63 8.22
N PHE A 74 -1.96 3.30 7.18
CA PHE A 74 -0.98 4.22 6.61
C PHE A 74 -1.64 5.55 6.23
N PHE A 75 -2.75 5.47 5.51
CA PHE A 75 -3.47 6.66 5.06
C PHE A 75 -4.09 7.39 6.24
N VAL A 76 -4.64 6.64 7.18
CA VAL A 76 -5.27 7.23 8.35
C VAL A 76 -4.24 7.89 9.26
N PHE A 77 -3.12 7.21 9.47
CA PHE A 77 -2.05 7.70 10.34
C PHE A 77 -1.59 9.09 9.94
N CYS A 78 -1.14 9.23 8.69
CA CYS A 78 -0.65 10.52 8.21
C CYS A 78 -1.77 11.56 8.27
N GLN A 79 -2.98 11.14 7.94
CA GLN A 79 -4.17 12.00 8.06
C GLN A 79 -4.32 12.52 9.49
N GLU A 80 -4.16 11.63 10.47
CA GLU A 80 -4.34 11.99 11.87
C GLU A 80 -3.19 12.85 12.38
N SER A 81 -2.05 12.77 11.69
CA SER A 81 -0.89 13.57 12.06
C SER A 81 -1.06 15.01 11.59
N GLY A 82 -2.05 15.21 10.72
CA GLY A 82 -2.38 16.54 10.26
C GLY A 82 -1.35 17.12 9.32
N TYR A 83 -0.73 16.27 8.51
CA TYR A 83 0.23 16.75 7.53
C TYR A 83 -0.47 17.51 6.43
N ASP A 84 -0.33 18.82 6.43
CA ASP A 84 -0.99 19.67 5.44
C ASP A 84 -0.32 19.52 4.08
N THR A 85 0.90 19.01 4.11
CA THR A 85 1.67 18.79 2.89
C THR A 85 0.95 17.81 1.94
N ILE A 86 0.18 16.88 2.50
CA ILE A 86 -0.48 15.85 1.70
C ILE A 86 -1.53 16.45 0.77
N LEU A 87 -1.95 17.68 1.05
CA LEU A 87 -2.94 18.35 0.23
C LEU A 87 -2.38 18.67 -1.16
N ARG A 88 -1.11 19.03 -1.22
CA ARG A 88 -0.49 19.38 -2.48
C ARG A 88 0.17 18.16 -3.12
N VAL A 89 0.74 17.30 -2.29
CA VAL A 89 1.40 16.09 -2.77
C VAL A 89 0.37 15.11 -3.32
N LEU A 90 0.61 14.66 -4.56
CA LEU A 90 -0.30 13.74 -5.25
C LEU A 90 -1.67 14.38 -5.44
N GLY A 91 -1.68 15.71 -5.40
CA GLY A 91 -2.90 16.48 -5.61
C GLY A 91 -3.95 16.28 -4.53
N SER A 92 -3.69 15.35 -3.62
CA SER A 92 -4.68 14.95 -2.62
C SER A 92 -5.99 14.56 -3.32
N ASN A 93 -5.85 13.94 -4.48
CA ASN A 93 -7.00 13.55 -5.28
C ASN A 93 -6.81 12.11 -5.74
N VAL A 94 -7.89 11.32 -5.65
CA VAL A 94 -7.85 9.90 -5.95
C VAL A 94 -7.35 9.60 -7.36
N ARG A 95 -7.62 10.48 -8.32
CA ARG A 95 -7.13 10.30 -9.69
C ARG A 95 -5.67 10.72 -9.78
N GLU A 96 -5.32 11.80 -9.09
CA GLU A 96 -3.94 12.28 -9.04
C GLU A 96 -3.05 11.29 -8.31
N PHE A 97 -3.61 10.70 -7.26
CA PHE A 97 -2.91 9.74 -6.41
C PHE A 97 -2.33 8.59 -7.23
N LEU A 98 -3.00 8.24 -8.32
CA LEU A 98 -2.56 7.17 -9.19
C LEU A 98 -1.59 7.70 -10.26
N GLN A 99 -2.02 8.68 -11.03
CA GLN A 99 -1.26 9.11 -12.20
C GLN A 99 0.01 9.90 -11.85
N ASN A 100 0.15 10.28 -10.58
CA ASN A 100 1.31 11.06 -10.15
C ASN A 100 2.42 10.16 -9.61
N LEU A 101 2.22 8.84 -9.68
CA LEU A 101 3.21 7.89 -9.17
C LEU A 101 4.59 8.09 -9.78
N ASP A 102 4.64 8.62 -10.99
CA ASP A 102 5.93 8.90 -11.64
C ASP A 102 6.75 9.86 -10.79
N ALA A 103 6.11 10.93 -10.34
CA ALA A 103 6.78 11.93 -9.50
C ALA A 103 7.13 11.34 -8.14
N LEU A 104 6.33 10.37 -7.70
CA LEU A 104 6.58 9.70 -6.43
C LEU A 104 7.86 8.87 -6.52
N HIS A 105 8.08 8.26 -7.67
CA HIS A 105 9.24 7.41 -7.90
C HIS A 105 10.52 8.24 -7.78
N ASP A 106 10.53 9.38 -8.47
CA ASP A 106 11.68 10.27 -8.42
C ASP A 106 11.87 10.84 -7.01
N HIS A 107 10.79 10.90 -6.24
CA HIS A 107 10.86 11.47 -4.90
C HIS A 107 11.63 10.55 -3.96
N LEU A 108 11.52 9.25 -4.16
CA LEU A 108 12.24 8.29 -3.33
C LEU A 108 13.64 8.05 -3.88
N ALA A 109 13.76 8.05 -5.20
CA ALA A 109 15.03 7.80 -5.86
C ALA A 109 16.04 8.93 -5.60
N THR A 110 15.53 10.13 -5.34
CA THR A 110 16.41 11.26 -5.07
C THR A 110 16.99 11.19 -3.65
N ILE A 111 16.32 10.46 -2.77
CA ILE A 111 16.79 10.32 -1.39
C ILE A 111 17.91 9.28 -1.34
N TYR A 112 17.65 8.12 -1.89
CA TYR A 112 18.64 7.04 -1.95
C TYR A 112 18.74 6.48 -3.36
N PRO A 113 19.60 7.08 -4.19
CA PRO A 113 19.80 6.69 -5.60
C PRO A 113 20.15 5.20 -5.76
N GLY A 114 19.71 4.62 -6.87
CA GLY A 114 19.94 3.21 -7.10
C GLY A 114 18.70 2.39 -6.84
N MET A 115 17.69 3.03 -6.30
CA MET A 115 16.43 2.35 -5.98
C MET A 115 15.64 2.08 -7.26
N ARG A 116 15.22 0.84 -7.44
CA ARG A 116 14.32 0.52 -8.53
C ARG A 116 12.89 0.66 -8.03
N ALA A 117 12.14 1.57 -8.63
CA ALA A 117 10.79 1.85 -8.19
C ALA A 117 9.79 1.24 -9.15
N PRO A 118 8.93 0.34 -8.64
CA PRO A 118 7.87 -0.30 -9.44
C PRO A 118 6.97 0.70 -10.15
N SER A 119 6.83 0.53 -11.46
CA SER A 119 6.06 1.44 -12.27
C SER A 119 4.77 0.78 -12.76
N PHE A 120 3.87 1.56 -13.34
CA PHE A 120 2.58 1.06 -13.76
C PHE A 120 2.25 1.53 -15.17
N ARG A 121 1.50 0.72 -15.90
CA ARG A 121 0.98 1.11 -17.20
C ARG A 121 -0.54 1.01 -17.18
N CYS A 122 -1.21 2.15 -17.20
CA CYS A 122 -2.65 2.17 -17.06
C CYS A 122 -3.34 2.05 -18.41
N THR A 123 -4.41 1.26 -18.45
CA THR A 123 -5.21 1.09 -19.65
C THR A 123 -6.69 1.14 -19.29
N ASP A 124 -7.41 2.09 -19.87
CA ASP A 124 -8.81 2.28 -19.58
C ASP A 124 -9.67 1.20 -20.23
N ALA A 125 -10.60 0.67 -19.46
CA ALA A 125 -11.52 -0.33 -19.94
C ALA A 125 -12.95 0.05 -19.58
N GLU A 126 -13.40 1.16 -20.14
CA GLU A 126 -14.72 1.71 -19.84
C GLU A 126 -15.84 0.80 -20.35
N LYS A 127 -15.57 0.14 -21.47
CA LYS A 127 -16.54 -0.79 -22.06
C LYS A 127 -16.70 -2.03 -21.20
N GLY A 128 -15.80 -2.20 -20.24
CA GLY A 128 -15.88 -3.34 -19.35
C GLY A 128 -16.29 -2.93 -17.96
N LYS A 129 -15.43 -2.17 -17.30
CA LYS A 129 -15.69 -1.71 -15.94
C LYS A 129 -15.19 -0.29 -15.74
N GLY A 130 -13.89 -0.15 -15.49
CA GLY A 130 -13.32 1.16 -15.26
C GLY A 130 -11.96 1.31 -15.90
N LEU A 131 -10.93 0.87 -15.20
CA LEU A 131 -9.57 0.95 -15.71
C LEU A 131 -8.73 -0.19 -15.15
N ILE A 132 -7.85 -0.73 -15.98
CA ILE A 132 -6.94 -1.79 -15.56
C ILE A 132 -5.51 -1.31 -15.70
N LEU A 133 -4.75 -1.35 -14.61
CA LEU A 133 -3.37 -0.92 -14.65
C LEU A 133 -2.42 -2.11 -14.60
N HIS A 134 -1.36 -2.03 -15.39
CA HIS A 134 -0.35 -3.08 -15.44
C HIS A 134 0.81 -2.67 -14.55
N TYR A 135 0.84 -3.21 -13.35
CA TYR A 135 1.83 -2.83 -12.36
C TYR A 135 3.01 -3.78 -12.38
N TYR A 136 4.20 -3.23 -12.53
CA TYR A 136 5.41 -4.04 -12.56
C TYR A 136 6.22 -3.82 -11.30
N SER A 137 6.39 -4.89 -10.53
CA SER A 137 7.06 -4.80 -9.25
C SER A 137 7.97 -6.01 -9.06
N GLU A 138 9.07 -5.83 -8.34
CA GLU A 138 10.04 -6.90 -8.14
C GLU A 138 9.77 -7.66 -6.84
N ARG A 139 8.53 -8.06 -6.65
CA ARG A 139 8.16 -8.85 -5.49
C ARG A 139 6.81 -9.52 -5.72
N GLU A 140 6.54 -10.57 -4.96
CA GLU A 140 5.33 -11.34 -5.13
C GLU A 140 4.66 -11.63 -3.79
N GLY A 141 3.36 -11.38 -3.73
CA GLY A 141 2.61 -11.65 -2.52
C GLY A 141 2.49 -10.44 -1.61
N LEU A 142 2.87 -9.28 -2.12
CA LEU A 142 2.81 -8.06 -1.33
C LEU A 142 1.99 -6.99 -2.07
N GLN A 143 1.21 -7.44 -3.04
CA GLN A 143 0.42 -6.54 -3.86
C GLN A 143 -0.82 -6.05 -3.11
N ASP A 144 -1.20 -6.79 -2.08
CA ASP A 144 -2.37 -6.46 -1.26
C ASP A 144 -2.21 -5.11 -0.55
N ILE A 145 -0.97 -4.66 -0.43
CA ILE A 145 -0.67 -3.35 0.16
C ILE A 145 -1.41 -2.25 -0.60
N VAL A 146 -1.36 -2.34 -1.92
CA VAL A 146 -1.98 -1.34 -2.78
C VAL A 146 -3.48 -1.26 -2.55
N ILE A 147 -4.10 -2.43 -2.40
CA ILE A 147 -5.55 -2.52 -2.22
C ILE A 147 -6.02 -1.64 -1.06
N GLY A 148 -5.32 -1.76 0.07
CA GLY A 148 -5.70 -1.03 1.27
C GLY A 148 -5.45 0.46 1.17
N ILE A 149 -4.45 0.85 0.39
CA ILE A 149 -4.11 2.27 0.28
C ILE A 149 -5.10 3.01 -0.62
N ILE A 150 -5.39 2.45 -1.78
CA ILE A 150 -6.16 3.16 -2.78
C ILE A 150 -7.65 3.19 -2.42
N LYS A 151 -8.15 2.08 -1.87
CA LYS A 151 -9.56 2.00 -1.49
C LYS A 151 -9.92 3.05 -0.45
N THR A 152 -8.99 3.33 0.46
CA THR A 152 -9.25 4.26 1.55
C THR A 152 -9.13 5.71 1.10
N VAL A 153 -8.08 6.00 0.33
CA VAL A 153 -7.87 7.34 -0.21
C VAL A 153 -9.08 7.79 -1.03
N ALA A 154 -9.57 6.89 -1.88
CA ALA A 154 -10.68 7.17 -2.77
C ALA A 154 -11.94 7.55 -2.01
N GLN A 155 -12.37 6.69 -1.09
CA GLN A 155 -13.64 6.85 -0.42
C GLN A 155 -13.59 8.00 0.60
N GLN A 156 -12.41 8.29 1.11
CA GLN A 156 -12.26 9.31 2.14
C GLN A 156 -12.32 10.70 1.53
N ILE A 157 -11.58 10.90 0.45
CA ILE A 157 -11.47 12.22 -0.15
C ILE A 157 -12.66 12.54 -1.06
N HIS A 158 -12.95 11.66 -2.01
CA HIS A 158 -14.04 11.93 -2.97
C HIS A 158 -15.25 11.04 -2.74
N GLY A 159 -15.08 10.00 -1.93
CA GLY A 159 -16.18 9.07 -1.71
C GLY A 159 -16.30 8.09 -2.86
N THR A 160 -15.21 7.93 -3.59
CA THR A 160 -15.18 7.07 -4.75
C THR A 160 -15.02 5.61 -4.33
N GLU A 161 -16.12 4.89 -4.31
CA GLU A 161 -16.11 3.48 -3.95
C GLU A 161 -15.43 2.67 -5.05
N ILE A 162 -14.17 2.33 -4.81
CA ILE A 162 -13.42 1.53 -5.76
C ILE A 162 -13.11 0.16 -5.20
N ASP A 163 -13.37 -0.86 -5.99
CA ASP A 163 -12.98 -2.22 -5.64
C ASP A 163 -11.92 -2.70 -6.60
N MET A 164 -10.70 -2.81 -6.11
CA MET A 164 -9.61 -3.30 -6.93
C MET A 164 -9.24 -4.71 -6.54
N LYS A 165 -8.97 -5.52 -7.54
CA LYS A 165 -8.63 -6.91 -7.34
C LYS A 165 -7.47 -7.31 -8.24
N VAL A 166 -6.60 -8.17 -7.76
CA VAL A 166 -5.47 -8.60 -8.56
C VAL A 166 -5.87 -9.76 -9.47
N ILE A 167 -6.27 -9.43 -10.69
CA ILE A 167 -6.61 -10.45 -11.67
C ILE A 167 -5.35 -11.18 -12.12
N GLN A 168 -4.22 -10.49 -12.01
CA GLN A 168 -2.92 -11.05 -12.27
C GLN A 168 -1.92 -10.46 -11.28
N GLN A 169 -0.97 -11.26 -10.85
CA GLN A 169 0.09 -10.80 -9.97
C GLN A 169 1.38 -11.52 -10.29
N ARG A 170 2.51 -10.87 -10.00
CA ARG A 170 3.80 -11.49 -10.24
C ARG A 170 3.94 -12.74 -9.38
N ASN A 171 4.24 -13.85 -10.04
CA ASN A 171 4.38 -15.13 -9.38
C ASN A 171 5.16 -16.06 -10.31
N GLU A 172 5.13 -17.35 -10.04
CA GLU A 172 5.78 -18.31 -10.92
C GLU A 172 4.97 -18.49 -12.21
N GLU A 173 3.68 -18.19 -12.13
CA GLU A 173 2.79 -18.35 -13.27
C GLU A 173 2.68 -17.07 -14.09
N CYS A 174 2.73 -15.93 -13.41
CA CYS A 174 2.58 -14.65 -14.07
C CYS A 174 3.78 -13.76 -13.78
N ASP A 175 4.19 -12.99 -14.77
CA ASP A 175 5.36 -12.13 -14.64
C ASP A 175 4.98 -10.75 -14.12
N HIS A 176 3.76 -10.33 -14.42
CA HIS A 176 3.35 -8.97 -14.13
C HIS A 176 2.03 -8.95 -13.37
N THR A 177 1.78 -7.84 -12.69
CA THR A 177 0.58 -7.67 -11.90
C THR A 177 -0.43 -6.79 -12.64
N GLN A 178 -1.71 -7.02 -12.41
CA GLN A 178 -2.76 -6.20 -13.00
C GLN A 178 -3.85 -5.92 -11.99
N PHE A 179 -4.00 -4.67 -11.60
CA PHE A 179 -5.03 -4.25 -10.68
C PHE A 179 -6.24 -3.74 -11.44
N LEU A 180 -7.36 -4.44 -11.31
CA LEU A 180 -8.60 -4.03 -11.93
C LEU A 180 -9.34 -3.12 -10.96
N ILE A 181 -9.50 -1.86 -11.34
CA ILE A 181 -10.17 -0.89 -10.49
C ILE A 181 -11.59 -0.64 -10.96
N GLU A 182 -12.55 -1.00 -10.13
CA GLU A 182 -13.94 -0.68 -10.40
C GLU A 182 -14.35 0.56 -9.62
N GLU A 183 -14.33 1.70 -10.28
CA GLU A 183 -14.73 2.94 -9.64
C GLU A 183 -16.24 3.13 -9.74
N LYS A 184 -16.91 2.96 -8.62
CA LYS A 184 -18.37 3.04 -8.59
C LYS A 184 -18.83 4.33 -7.93
N GLU A 185 -18.28 5.44 -8.39
CA GLU A 185 -18.68 6.75 -7.88
C GLU A 185 -19.98 7.21 -8.55
N SER A 186 -20.31 6.58 -9.67
CA SER A 186 -21.52 6.90 -10.39
C SER A 186 -22.69 6.07 -9.88
N LYS A 187 -23.14 6.40 -8.67
CA LYS A 187 -24.28 5.74 -8.08
C LYS A 187 -25.56 6.23 -8.73
N GLU A 188 -25.82 7.51 -8.61
CA GLU A 188 -26.98 8.13 -9.23
C GLU A 188 -26.53 9.16 -10.25
N HIS A 189 -25.79 8.69 -11.25
CA HIS A 189 -25.26 9.57 -12.30
C HIS A 189 -26.40 10.03 -13.19
N HIS A 190 -27.44 9.20 -13.27
CA HIS A 190 -28.65 9.55 -13.98
C HIS A 190 -29.67 10.09 -12.97
N HIS A 191 -29.84 11.42 -12.97
CA HIS A 191 -30.70 12.09 -12.01
C HIS A 191 -30.12 11.99 -10.60
N HIS A 192 -29.43 13.04 -10.19
CA HIS A 192 -28.73 13.06 -8.90
C HIS A 192 -29.69 13.42 -7.76
N HIS A 193 -30.99 13.25 -8.01
CA HIS A 193 -32.01 13.52 -7.01
C HIS A 193 -31.98 15.00 -6.63
N HIS A 194 -32.49 15.32 -5.46
CA HIS A 194 -32.49 16.70 -5.01
C HIS A 194 -31.72 16.83 -3.70
OAA Z90 B . 4.95 -4.62 -4.56
OAB Z90 B . 10.72 -0.74 -2.18
OAC Z90 B . 5.14 -2.49 -5.10
OAD Z90 B . 10.33 -0.19 -0.12
CAE Z90 B . 10.88 7.75 2.48
CAF Z90 B . 10.04 8.81 2.19
CAG Z90 B . 10.54 6.46 2.10
CAH Z90 B . -0.41 3.65 -5.70
CAI Z90 B . -0.74 4.83 -5.05
CAJ Z90 B . 8.84 8.59 1.52
CAK Z90 B . 9.34 6.24 1.43
CAL Z90 B . 0.82 3.04 -5.46
CAM Z90 B . 0.16 5.41 -4.16
CAN Z90 B . 4.19 7.43 0.17
CAO Z90 B . 4.78 5.10 0.40
CAP Z90 B . 3.11 7.08 -0.61
CAQ Z90 B . 3.69 4.75 -0.40
CAR Z90 B . 7.37 1.23 -3.47
CAS Z90 B . 6.81 1.64 -1.16
CAT Z90 B . 8.54 0.61 -3.07
CAU Z90 B . 7.98 1.01 -0.77
CAV Z90 B . 3.68 -1.64 -2.97
CAW Z90 B . 3.40 -0.67 -4.11
CAX Z90 B . 3.51 -3.08 -3.47
CAY Z90 B . 7.31 7.07 0.44
CAZ Z90 B . 6.16 6.79 1.41
CBA Z90 B . 2.97 3.06 -4.38
CBB Z90 B . 4.42 0.47 -4.10
CBC Z90 B . 2.92 2.13 -3.15
CBD Z90 B . 1.81 5.39 -1.76
CBE Z90 B . 5.31 2.37 -2.90
OBF Z90 B . 2.32 5.33 -3.10
CBG Z90 B . 4.62 -3.43 -4.47
CBH Z90 B . 10.01 -0.16 -1.33
CBI Z90 B . 8.50 7.30 1.14
CBJ Z90 B . 5.04 6.44 0.68
CBK Z90 B . 2.86 5.74 -0.91
CBL Z90 B . 6.49 1.76 -2.51
CBM Z90 B . 8.84 0.49 -1.73
CBN Z90 B . 1.72 3.62 -4.57
CBO Z90 B . 1.38 4.80 -3.93
NBP Z90 B . 4.20 1.40 -2.97
HAE Z90 B . 11.82 7.93 3.00
HAF Z90 B . 10.31 9.83 2.49
HAG Z90 B . 11.20 5.64 2.33
HAH Z90 B . -1.11 3.19 -6.40
HAI Z90 B . -1.70 5.31 -5.25
HAJ Z90 B . 8.18 9.43 1.30
HAK Z90 B . 9.07 5.22 1.15
HAL Z90 B . 1.09 2.12 -5.98
HAM Z90 B . -0.09 6.34 -3.65
HAN Z90 B . 4.38 8.48 0.40
HAO Z90 B . 5.43 4.33 0.79
HAP Z90 B . 2.45 7.85 -1.01
HAQ Z90 B . 3.50 3.71 -0.61
HAR Z90 B . 7.13 1.33 -4.53
HAS Z90 B . 6.13 2.05 -0.41
HAT Z90 B . 9.21 0.20 -3.83
HAU Z90 B . 8.22 0.93 0.29
HAV Z90 B . 4.69 -1.50 -2.61
HAVA Z90 B . 2.98 -1.45 -2.15
HAW Z90 B . 3.46 -1.20 -5.07
HAWA Z90 B . 2.40 -0.27 -4.01
HAX Z90 B . 2.53 -3.18 -3.94
HAXA Z90 B . 3.55 -3.76 -2.61
HAY Z90 B . 7.43 6.23 -0.23
HAYA Z90 B . 7.06 7.96 -0.15
HAZ Z90 B . 6.43 5.98 2.08
HAZA Z90 B . 5.95 7.69 2.01
HBA Z90 B . 3.70 3.84 -4.21
HBAA Z90 B . 3.25 2.48 -5.25
HBB Z90 B . 5.41 0.03 -4.00
HBBA Z90 B . 4.37 1.01 -5.04
HBC Z90 B . 2.11 1.41 -3.28
HBCA Z90 B . 2.72 2.72 -2.27
HBD Z90 B . 1.41 4.41 -1.48
HBDA Z90 B . 1.02 6.13 -1.69
HBE Z90 B . 5.45 2.82 -3.88
HBEA Z90 B . 5.06 3.15 -2.18
N MET A 1 11.09 -4.13 3.47
CA MET A 1 10.75 -3.02 2.57
C MET A 1 11.36 -1.71 3.06
N TYR A 2 10.96 -0.62 2.43
CA TYR A 2 11.42 0.73 2.77
C TYR A 2 11.31 0.99 4.28
N GLY A 3 12.32 1.66 4.83
CA GLY A 3 12.40 1.86 6.27
C GLY A 3 11.25 2.70 6.81
N PHE A 4 10.68 3.53 5.97
CA PHE A 4 9.55 4.37 6.38
C PHE A 4 8.30 3.51 6.60
N VAL A 5 7.97 2.69 5.60
CA VAL A 5 6.80 1.82 5.69
C VAL A 5 7.00 0.76 6.77
N ASN A 6 8.27 0.46 7.07
CA ASN A 6 8.58 -0.49 8.13
C ASN A 6 8.15 0.06 9.47
N HIS A 7 8.35 1.37 9.67
CA HIS A 7 7.94 2.04 10.90
C HIS A 7 6.41 2.11 10.97
N ALA A 8 5.78 2.18 9.81
CA ALA A 8 4.31 2.18 9.73
C ALA A 8 3.77 0.81 10.14
N LEU A 9 4.52 -0.24 9.84
CA LEU A 9 4.14 -1.60 10.22
C LEU A 9 4.18 -1.74 11.73
N GLU A 10 5.25 -1.21 12.33
CA GLU A 10 5.37 -1.16 13.78
C GLU A 10 4.14 -0.52 14.40
N LEU A 11 3.79 0.66 13.88
CA LEU A 11 2.64 1.43 14.37
C LEU A 11 1.36 0.61 14.25
N LEU A 12 1.26 -0.18 13.18
CA LEU A 12 0.09 -1.01 12.95
C LEU A 12 -0.13 -1.98 14.10
N VAL A 13 0.93 -2.67 14.49
CA VAL A 13 0.82 -3.71 15.49
C VAL A 13 0.59 -3.13 16.88
N ILE A 14 1.36 -2.12 17.25
CA ILE A 14 1.25 -1.51 18.58
C ILE A 14 -0.14 -0.94 18.83
N ARG A 15 -0.63 -0.14 17.89
CA ARG A 15 -1.89 0.58 18.07
C ARG A 15 -3.11 -0.32 17.85
N ASN A 16 -2.98 -1.36 17.05
CA ASN A 16 -4.12 -2.21 16.74
C ASN A 16 -4.23 -3.41 17.67
N TYR A 17 -3.09 -3.87 18.18
CA TYR A 17 -3.09 -5.08 19.01
C TYR A 17 -2.44 -4.84 20.36
N GLY A 18 -1.19 -4.37 20.36
CA GLY A 18 -0.52 -4.07 21.61
C GLY A 18 0.99 -4.02 21.47
N PRO A 19 1.66 -3.20 22.29
CA PRO A 19 3.12 -3.07 22.29
C PRO A 19 3.82 -4.39 22.60
N GLU A 20 3.23 -5.16 23.51
CA GLU A 20 3.78 -6.45 23.89
C GLU A 20 3.66 -7.43 22.72
N VAL A 21 2.58 -7.28 21.96
CA VAL A 21 2.35 -8.11 20.79
C VAL A 21 3.40 -7.81 19.73
N TRP A 22 3.76 -6.53 19.62
CA TRP A 22 4.80 -6.10 18.71
C TRP A 22 6.14 -6.72 19.09
N GLU A 23 6.38 -6.88 20.39
CA GLU A 23 7.64 -7.45 20.87
C GLU A 23 7.72 -8.93 20.56
N ASP A 24 6.57 -9.60 20.57
CA ASP A 24 6.53 -11.03 20.29
C ASP A 24 6.87 -11.30 18.83
N ILE A 25 6.21 -10.56 17.94
CA ILE A 25 6.47 -10.63 16.51
C ILE A 25 7.91 -10.21 16.21
N LYS A 26 8.34 -9.15 16.89
CA LYS A 26 9.66 -8.57 16.74
C LYS A 26 10.75 -9.60 16.98
N LYS A 27 10.58 -10.39 18.03
CA LYS A 27 11.60 -11.33 18.46
C LYS A 27 11.59 -12.58 17.58
N GLU A 28 10.41 -13.02 17.14
CA GLU A 28 10.33 -14.20 16.29
C GLU A 28 10.80 -13.90 14.88
N ALA A 29 10.69 -12.65 14.46
CA ALA A 29 11.25 -12.22 13.18
C ALA A 29 12.74 -11.97 13.33
N GLN A 30 13.21 -12.05 14.58
CA GLN A 30 14.63 -11.90 14.92
C GLN A 30 15.14 -10.51 14.57
N LEU A 31 14.22 -9.57 14.41
CA LEU A 31 14.57 -8.21 14.05
C LEU A 31 14.66 -7.32 15.28
N ASP A 32 14.62 -7.96 16.44
CA ASP A 32 14.84 -7.26 17.71
C ASP A 32 16.29 -6.80 17.79
N GLU A 33 17.13 -7.45 17.02
CA GLU A 33 18.54 -7.10 16.92
C GLU A 33 18.70 -5.75 16.23
N GLU A 34 17.73 -5.38 15.40
CA GLU A 34 17.75 -4.11 14.70
C GLU A 34 16.93 -3.06 15.47
N GLY A 35 15.61 -3.16 15.37
CA GLY A 35 14.74 -2.28 16.14
C GLY A 35 14.48 -0.95 15.45
N GLN A 36 15.54 -0.24 15.11
CA GLN A 36 15.43 1.11 14.59
C GLN A 36 14.74 1.13 13.22
N PHE A 37 15.20 0.28 12.30
CA PHE A 37 14.65 0.25 10.93
C PHE A 37 14.82 1.59 10.24
N LEU A 38 16.03 1.83 9.73
CA LEU A 38 16.36 3.09 9.07
C LEU A 38 15.84 3.13 7.65
N VAL A 39 15.76 4.34 7.10
CA VAL A 39 15.24 4.55 5.75
C VAL A 39 16.32 4.27 4.70
N ARG A 40 17.56 4.66 5.02
CA ARG A 40 18.67 4.57 4.06
C ARG A 40 19.07 3.12 3.78
N ILE A 41 18.76 2.23 4.71
CA ILE A 41 19.21 0.84 4.62
C ILE A 41 18.49 0.08 3.51
N ILE A 42 17.21 0.40 3.30
CA ILE A 42 16.39 -0.30 2.32
C ILE A 42 16.32 -1.79 2.66
N TYR A 43 15.47 -2.11 3.62
CA TYR A 43 15.32 -3.48 4.10
C TYR A 43 14.61 -4.33 3.05
N ASP A 44 15.12 -5.53 2.85
CA ASP A 44 14.54 -6.44 1.85
C ASP A 44 13.09 -6.75 2.21
N ASP A 45 12.27 -6.89 1.18
CA ASP A 45 10.85 -7.17 1.37
C ASP A 45 10.65 -8.52 2.05
N SER A 46 11.63 -9.41 1.89
CA SER A 46 11.60 -10.73 2.52
C SER A 46 11.50 -10.62 4.05
N LYS A 47 12.24 -9.68 4.64
CA LYS A 47 12.26 -9.52 6.09
C LYS A 47 10.91 -9.04 6.59
N THR A 48 10.24 -8.25 5.76
CA THR A 48 8.90 -7.75 6.11
C THR A 48 7.88 -8.88 5.99
N TYR A 49 8.15 -9.83 5.12
CA TYR A 49 7.27 -10.99 4.96
C TYR A 49 7.36 -11.91 6.17
N ASP A 50 8.54 -11.98 6.77
CA ASP A 50 8.72 -12.80 7.95
C ASP A 50 8.07 -12.13 9.16
N LEU A 51 8.07 -10.81 9.17
CA LEU A 51 7.36 -10.05 10.20
C LEU A 51 5.87 -10.35 10.19
N VAL A 52 5.25 -10.24 9.02
CA VAL A 52 3.83 -10.49 8.92
C VAL A 52 3.50 -11.97 9.11
N ALA A 53 4.47 -12.82 8.80
CA ALA A 53 4.32 -14.26 8.98
C ALA A 53 4.21 -14.60 10.47
N ALA A 54 5.05 -13.95 11.26
CA ALA A 54 5.01 -14.12 12.71
C ALA A 54 3.71 -13.54 13.27
N ALA A 55 3.18 -12.52 12.60
CA ALA A 55 1.93 -11.91 13.02
C ALA A 55 0.77 -12.85 12.72
N SER A 56 0.94 -13.65 11.67
CA SER A 56 -0.04 -14.66 11.29
C SER A 56 -0.11 -15.75 12.35
N LYS A 57 0.96 -15.85 13.14
CA LYS A 57 1.06 -16.88 14.17
C LYS A 57 0.42 -16.40 15.46
N VAL A 58 0.98 -15.34 16.04
CA VAL A 58 0.56 -14.86 17.36
C VAL A 58 -0.86 -14.28 17.33
N LEU A 59 -1.26 -13.73 16.19
CA LEU A 59 -2.60 -13.14 16.08
C LEU A 59 -3.59 -14.17 15.53
N ASN A 60 -3.04 -15.31 15.08
CA ASN A 60 -3.84 -16.39 14.48
C ASN A 60 -4.57 -15.89 13.23
N LEU A 61 -4.05 -14.81 12.65
CA LEU A 61 -4.66 -14.23 11.47
C LEU A 61 -3.96 -14.75 10.22
N ASN A 62 -4.44 -14.31 9.07
CA ASN A 62 -3.83 -14.66 7.81
C ASN A 62 -3.08 -13.45 7.25
N ALA A 63 -1.99 -13.73 6.53
CA ALA A 63 -1.12 -12.70 6.02
C ALA A 63 -1.82 -11.81 5.00
N GLY A 64 -2.90 -12.30 4.43
CA GLY A 64 -3.69 -11.51 3.50
C GLY A 64 -4.35 -10.33 4.18
N GLU A 65 -5.01 -10.60 5.31
CA GLU A 65 -5.68 -9.55 6.08
C GLU A 65 -4.67 -8.56 6.64
N ILE A 66 -3.57 -9.08 7.18
CA ILE A 66 -2.55 -8.23 7.79
C ILE A 66 -1.88 -7.33 6.75
N LEU A 67 -1.66 -7.88 5.57
CA LEU A 67 -1.04 -7.15 4.47
C LEU A 67 -1.93 -6.01 4.01
N GLN A 68 -3.22 -6.30 3.85
CA GLN A 68 -4.18 -5.28 3.39
C GLN A 68 -4.35 -4.17 4.42
N MET A 69 -4.47 -4.54 5.69
CA MET A 69 -4.68 -3.56 6.75
C MET A 69 -3.43 -2.69 6.90
N PHE A 70 -2.28 -3.23 6.51
CA PHE A 70 -1.05 -2.47 6.51
C PHE A 70 -1.10 -1.36 5.46
N GLY A 71 -1.65 -1.68 4.30
CA GLY A 71 -1.78 -0.68 3.25
C GLY A 71 -2.69 0.47 3.65
N LYS A 72 -3.83 0.13 4.25
CA LYS A 72 -4.80 1.14 4.68
C LYS A 72 -4.21 2.02 5.79
N MET A 73 -3.54 1.38 6.74
CA MET A 73 -2.93 2.09 7.86
C MET A 73 -1.78 2.98 7.41
N PHE A 74 -1.09 2.57 6.36
CA PHE A 74 0.01 3.36 5.83
C PHE A 74 -0.49 4.69 5.28
N PHE A 75 -1.67 4.67 4.67
CA PHE A 75 -2.29 5.87 4.16
C PHE A 75 -2.60 6.84 5.29
N VAL A 76 -3.35 6.38 6.28
CA VAL A 76 -3.72 7.25 7.40
C VAL A 76 -2.49 7.67 8.20
N PHE A 77 -1.48 6.80 8.25
CA PHE A 77 -0.22 7.12 8.90
C PHE A 77 0.39 8.40 8.33
N CYS A 78 0.58 8.41 7.02
CA CYS A 78 1.15 9.56 6.34
C CYS A 78 0.28 10.80 6.52
N GLN A 79 -1.04 10.61 6.49
CA GLN A 79 -1.98 11.71 6.64
C GLN A 79 -1.92 12.29 8.05
N GLU A 80 -1.69 11.43 9.04
CA GLU A 80 -1.65 11.86 10.44
C GLU A 80 -0.25 12.34 10.82
N SER A 81 0.64 12.43 9.84
CA SER A 81 1.99 12.90 10.10
C SER A 81 1.99 14.43 10.26
N GLY A 82 0.88 15.05 9.86
CA GLY A 82 0.71 16.48 10.07
C GLY A 82 1.22 17.32 8.93
N TYR A 83 2.18 16.80 8.17
CA TYR A 83 2.77 17.54 7.08
C TYR A 83 1.79 17.72 5.92
N ASP A 84 1.34 18.95 5.76
CA ASP A 84 0.39 19.32 4.71
C ASP A 84 1.00 19.08 3.32
N THR A 85 2.33 19.18 3.25
CA THR A 85 3.05 18.90 2.02
C THR A 85 2.69 17.51 1.48
N ILE A 86 2.69 16.52 2.37
CA ILE A 86 2.40 15.15 1.98
C ILE A 86 0.97 15.02 1.47
N LEU A 87 0.09 15.85 2.01
CA LEU A 87 -1.31 15.84 1.63
C LEU A 87 -1.51 16.48 0.26
N ARG A 88 -0.59 17.36 -0.12
CA ARG A 88 -0.66 18.05 -1.41
C ARG A 88 -0.12 17.13 -2.52
N VAL A 89 0.81 16.27 -2.15
CA VAL A 89 1.34 15.27 -3.07
C VAL A 89 0.23 14.31 -3.50
N LEU A 90 0.36 13.74 -4.70
CA LEU A 90 -0.58 12.76 -5.21
C LEU A 90 -1.91 13.43 -5.58
N GLY A 91 -1.82 14.71 -5.95
CA GLY A 91 -2.97 15.45 -6.42
C GLY A 91 -4.00 15.73 -5.35
N SER A 92 -3.78 15.18 -4.15
CA SER A 92 -4.71 15.35 -3.03
C SER A 92 -6.08 14.71 -3.33
N ASN A 93 -6.14 13.83 -4.34
CA ASN A 93 -7.42 13.22 -4.70
C ASN A 93 -7.23 11.78 -5.13
N VAL A 94 -8.29 11.17 -5.65
CA VAL A 94 -8.28 9.74 -5.96
C VAL A 94 -7.59 9.45 -7.29
N ARG A 95 -8.05 10.10 -8.35
CA ARG A 95 -7.56 9.81 -9.70
C ARG A 95 -6.10 10.23 -9.85
N GLU A 96 -5.76 11.40 -9.36
CA GLU A 96 -4.39 11.90 -9.46
C GLU A 96 -3.46 11.07 -8.59
N PHE A 97 -3.99 10.50 -7.51
CA PHE A 97 -3.22 9.69 -6.58
C PHE A 97 -2.45 8.60 -7.32
N LEU A 98 -3.15 7.89 -8.19
CA LEU A 98 -2.55 6.80 -8.94
C LEU A 98 -1.96 7.28 -10.27
N GLN A 99 -2.41 8.43 -10.76
CA GLN A 99 -1.99 8.92 -12.06
C GLN A 99 -0.64 9.62 -11.99
N ASN A 100 -0.42 10.36 -10.91
CA ASN A 100 0.81 11.15 -10.75
C ASN A 100 1.99 10.28 -10.35
N LEU A 101 1.79 8.97 -10.27
CA LEU A 101 2.82 8.05 -9.81
C LEU A 101 4.12 8.21 -10.60
N ASP A 102 4.03 8.59 -11.87
CA ASP A 102 5.23 8.87 -12.67
C ASP A 102 6.09 9.93 -11.99
N ALA A 103 5.46 11.02 -11.60
CA ALA A 103 6.15 12.11 -10.90
C ALA A 103 6.72 11.62 -9.59
N LEU A 104 6.05 10.65 -8.98
CA LEU A 104 6.50 10.07 -7.72
C LEU A 104 7.76 9.24 -7.93
N HIS A 105 7.81 8.52 -9.05
CA HIS A 105 8.96 7.69 -9.41
C HIS A 105 10.21 8.55 -9.47
N ASP A 106 10.08 9.69 -10.13
CA ASP A 106 11.19 10.63 -10.23
C ASP A 106 11.39 11.37 -8.90
N HIS A 107 10.31 11.52 -8.16
CA HIS A 107 10.34 12.25 -6.89
C HIS A 107 11.19 11.51 -5.87
N LEU A 108 10.94 10.22 -5.72
CA LEU A 108 11.67 9.39 -4.77
C LEU A 108 13.15 9.32 -5.14
N ALA A 109 13.41 9.28 -6.45
CA ALA A 109 14.77 9.22 -6.95
C ALA A 109 15.53 10.50 -6.63
N THR A 110 14.83 11.62 -6.64
CA THR A 110 15.44 12.92 -6.34
C THR A 110 15.80 13.00 -4.85
N ILE A 111 15.06 12.29 -4.02
CA ILE A 111 15.31 12.31 -2.58
C ILE A 111 16.43 11.33 -2.22
N TYR A 112 16.26 10.08 -2.61
CA TYR A 112 17.26 9.05 -2.31
C TYR A 112 17.76 8.38 -3.58
N PRO A 113 18.81 8.95 -4.20
CA PRO A 113 19.47 8.34 -5.35
C PRO A 113 19.99 6.95 -5.01
N GLY A 114 19.40 5.93 -5.60
CA GLY A 114 19.76 4.57 -5.28
C GLY A 114 18.56 3.78 -4.80
N MET A 115 17.50 4.49 -4.44
CA MET A 115 16.26 3.85 -4.06
C MET A 115 15.52 3.37 -5.30
N ARG A 116 15.32 2.07 -5.42
CA ARG A 116 14.62 1.50 -6.55
C ARG A 116 13.14 1.90 -6.53
N ALA A 117 12.72 2.60 -7.56
CA ALA A 117 11.33 2.96 -7.71
C ALA A 117 10.67 2.06 -8.75
N PRO A 118 9.51 1.47 -8.40
CA PRO A 118 8.78 0.57 -9.31
C PRO A 118 8.32 1.29 -10.58
N SER A 119 8.13 0.52 -11.64
CA SER A 119 7.63 1.06 -12.89
C SER A 119 6.12 0.86 -12.93
N PHE A 120 5.41 1.84 -13.47
CA PHE A 120 3.96 1.79 -13.50
C PHE A 120 3.40 2.72 -14.56
N ARG A 121 2.21 2.39 -15.04
CA ARG A 121 1.52 3.22 -16.03
C ARG A 121 0.02 2.99 -15.93
N CYS A 122 -0.74 4.07 -15.84
CA CYS A 122 -2.18 3.99 -15.64
C CYS A 122 -2.91 4.37 -16.92
N THR A 123 -3.59 3.39 -17.50
CA THR A 123 -4.35 3.60 -18.72
C THR A 123 -5.82 3.31 -18.49
N ASP A 124 -6.68 4.19 -18.98
CA ASP A 124 -8.12 4.07 -18.76
C ASP A 124 -8.65 2.76 -19.33
N ALA A 125 -9.66 2.20 -18.67
CA ALA A 125 -10.25 0.96 -19.09
C ALA A 125 -11.24 1.19 -20.24
N GLU A 126 -10.77 0.94 -21.45
CA GLU A 126 -11.58 1.15 -22.65
C GLU A 126 -12.79 0.22 -22.65
N LYS A 127 -12.60 -0.97 -22.13
CA LYS A 127 -13.65 -1.97 -22.10
C LYS A 127 -14.25 -2.09 -20.70
N GLY A 128 -14.06 -1.05 -19.90
CA GLY A 128 -14.55 -1.08 -18.53
C GLY A 128 -14.93 0.31 -18.06
N LYS A 129 -15.33 0.41 -16.81
CA LYS A 129 -15.72 1.69 -16.24
C LYS A 129 -14.73 2.10 -15.18
N GLY A 130 -13.54 2.51 -15.62
CA GLY A 130 -12.52 2.96 -14.70
C GLY A 130 -11.14 3.00 -15.32
N LEU A 131 -10.24 2.18 -14.80
CA LEU A 131 -8.83 2.27 -15.15
C LEU A 131 -8.18 0.89 -15.17
N ILE A 132 -7.16 0.73 -16.01
CA ILE A 132 -6.33 -0.47 -15.99
C ILE A 132 -4.91 -0.08 -15.60
N LEU A 133 -4.54 -0.35 -14.36
CA LEU A 133 -3.26 0.09 -13.83
C LEU A 133 -2.19 -0.98 -14.06
N HIS A 134 -1.07 -0.58 -14.65
CA HIS A 134 0.05 -1.49 -14.84
C HIS A 134 1.13 -1.18 -13.81
N TYR A 135 1.58 -2.20 -13.11
CA TYR A 135 2.54 -2.02 -12.03
C TYR A 135 3.63 -3.08 -12.12
N TYR A 136 4.88 -2.67 -11.98
CA TYR A 136 6.01 -3.58 -12.10
C TYR A 136 7.01 -3.35 -10.98
N SER A 137 7.25 -4.38 -10.19
CA SER A 137 8.20 -4.31 -9.10
C SER A 137 8.90 -5.64 -8.93
N GLU A 138 9.96 -5.68 -8.12
CA GLU A 138 10.81 -6.86 -8.00
C GLU A 138 10.27 -7.91 -7.03
N ARG A 139 9.01 -7.77 -6.64
CA ARG A 139 8.40 -8.74 -5.72
C ARG A 139 6.89 -8.80 -5.91
N GLU A 140 6.32 -9.95 -5.59
CA GLU A 140 4.88 -10.14 -5.69
C GLU A 140 4.28 -10.20 -4.29
N GLY A 141 2.99 -10.54 -4.20
CA GLY A 141 2.35 -10.69 -2.92
C GLY A 141 1.86 -9.37 -2.35
N LEU A 142 2.72 -8.36 -2.42
CA LEU A 142 2.42 -7.03 -1.92
C LEU A 142 1.46 -6.30 -2.87
N GLN A 143 0.78 -7.07 -3.71
CA GLN A 143 -0.19 -6.54 -4.63
C GLN A 143 -1.35 -5.87 -3.87
N ASP A 144 -1.80 -6.51 -2.80
CA ASP A 144 -2.91 -6.00 -2.00
C ASP A 144 -2.55 -4.71 -1.26
N ILE A 145 -1.25 -4.39 -1.23
CA ILE A 145 -0.79 -3.14 -0.62
C ILE A 145 -1.41 -1.96 -1.34
N VAL A 146 -1.27 -1.92 -2.66
CA VAL A 146 -1.80 -0.80 -3.43
C VAL A 146 -3.31 -0.88 -3.47
N ILE A 147 -3.84 -2.10 -3.56
CA ILE A 147 -5.28 -2.32 -3.52
C ILE A 147 -5.88 -1.69 -2.26
N GLY A 148 -5.20 -1.90 -1.13
CA GLY A 148 -5.68 -1.38 0.13
C GLY A 148 -5.58 0.12 0.24
N ILE A 149 -4.53 0.69 -0.34
CA ILE A 149 -4.31 2.13 -0.25
C ILE A 149 -5.35 2.90 -1.07
N ILE A 150 -5.51 2.50 -2.32
CA ILE A 150 -6.30 3.27 -3.26
C ILE A 150 -7.79 3.27 -2.90
N LYS A 151 -8.33 2.11 -2.50
CA LYS A 151 -9.75 2.07 -2.12
C LYS A 151 -10.01 2.90 -0.87
N THR A 152 -9.00 3.04 -0.04
CA THR A 152 -9.12 3.83 1.18
C THR A 152 -9.11 5.33 0.85
N VAL A 153 -8.20 5.75 -0.02
CA VAL A 153 -8.10 7.17 -0.36
C VAL A 153 -9.35 7.62 -1.12
N ALA A 154 -9.99 6.68 -1.80
CA ALA A 154 -11.21 6.97 -2.53
C ALA A 154 -12.32 7.36 -1.58
N GLN A 155 -12.61 6.49 -0.62
CA GLN A 155 -13.75 6.68 0.27
C GLN A 155 -13.50 7.78 1.30
N GLN A 156 -12.25 7.99 1.66
CA GLN A 156 -11.90 8.96 2.69
C GLN A 156 -11.85 10.38 2.15
N ILE A 157 -11.36 10.53 0.93
CA ILE A 157 -11.18 11.86 0.34
C ILE A 157 -12.46 12.32 -0.37
N HIS A 158 -12.89 11.58 -1.37
CA HIS A 158 -14.05 11.98 -2.16
C HIS A 158 -15.27 11.11 -1.91
N GLY A 159 -15.07 10.00 -1.20
CA GLY A 159 -16.17 9.07 -0.97
C GLY A 159 -16.51 8.29 -2.22
N THR A 160 -15.54 8.21 -3.13
CA THR A 160 -15.75 7.59 -4.42
C THR A 160 -15.83 6.07 -4.31
N GLU A 161 -16.90 5.50 -4.85
CA GLU A 161 -17.10 4.07 -4.83
C GLU A 161 -16.24 3.40 -5.89
N ILE A 162 -15.10 2.85 -5.50
CA ILE A 162 -14.25 2.13 -6.44
C ILE A 162 -14.00 0.71 -5.95
N ASP A 163 -13.89 -0.20 -6.90
CA ASP A 163 -13.59 -1.58 -6.59
C ASP A 163 -12.36 -2.01 -7.39
N MET A 164 -11.25 -2.18 -6.69
CA MET A 164 -10.01 -2.56 -7.33
C MET A 164 -9.67 -4.01 -7.01
N LYS A 165 -9.40 -4.78 -8.05
CA LYS A 165 -9.02 -6.18 -7.89
C LYS A 165 -7.79 -6.47 -8.74
N VAL A 166 -7.00 -7.44 -8.34
CA VAL A 166 -5.79 -7.78 -9.07
C VAL A 166 -6.01 -9.00 -9.96
N ILE A 167 -5.78 -8.84 -11.27
CA ILE A 167 -6.00 -9.92 -12.21
C ILE A 167 -4.73 -10.74 -12.42
N GLN A 168 -3.58 -10.10 -12.31
CA GLN A 168 -2.30 -10.78 -12.46
C GLN A 168 -1.22 -9.96 -11.78
N GLN A 169 -0.20 -10.65 -11.27
CA GLN A 169 0.95 -9.99 -10.67
C GLN A 169 2.22 -10.57 -11.24
N ARG A 170 3.33 -9.87 -11.04
CA ARG A 170 4.63 -10.33 -11.48
C ARG A 170 5.02 -11.62 -10.76
N ASN A 171 4.78 -12.73 -11.42
CA ASN A 171 5.09 -14.04 -10.88
C ASN A 171 6.21 -14.67 -11.69
N GLU A 172 6.39 -15.97 -11.57
CA GLU A 172 7.35 -16.68 -12.39
C GLU A 172 6.82 -16.81 -13.82
N GLU A 173 5.51 -16.88 -13.96
CA GLU A 173 4.88 -17.03 -15.26
C GLU A 173 4.85 -15.71 -16.01
N CYS A 174 4.16 -14.74 -15.44
CA CYS A 174 4.02 -13.44 -16.07
C CYS A 174 4.65 -12.37 -15.18
N ASP A 175 5.52 -11.56 -15.76
CA ASP A 175 6.23 -10.54 -14.99
C ASP A 175 5.49 -9.21 -15.02
N HIS A 176 4.18 -9.27 -15.20
CA HIS A 176 3.36 -8.06 -15.30
C HIS A 176 2.26 -8.08 -14.26
N THR A 177 2.17 -7.01 -13.48
CA THR A 177 1.11 -6.87 -12.51
C THR A 177 0.05 -5.92 -13.06
N GLN A 178 -1.21 -6.34 -13.01
CA GLN A 178 -2.28 -5.54 -13.56
C GLN A 178 -3.49 -5.51 -12.62
N PHE A 179 -4.01 -4.32 -12.40
CA PHE A 179 -5.17 -4.13 -11.54
C PHE A 179 -6.32 -3.54 -12.33
N LEU A 180 -7.51 -4.07 -12.12
CA LEU A 180 -8.70 -3.54 -12.76
C LEU A 180 -9.46 -2.66 -11.76
N ILE A 181 -9.51 -1.37 -12.06
CA ILE A 181 -10.21 -0.42 -11.22
C ILE A 181 -11.56 -0.07 -11.84
N GLU A 182 -12.61 -0.61 -11.26
CA GLU A 182 -13.95 -0.29 -11.71
C GLU A 182 -14.57 0.72 -10.76
N GLU A 183 -14.55 1.99 -11.15
CA GLU A 183 -15.11 3.04 -10.34
C GLU A 183 -16.59 3.23 -10.66
N LYS A 184 -17.39 3.25 -9.63
CA LYS A 184 -18.82 3.39 -9.79
C LYS A 184 -19.17 4.87 -9.92
N GLU A 185 -18.74 5.44 -11.03
CA GLU A 185 -19.03 6.84 -11.36
C GLU A 185 -20.52 7.03 -11.59
N SER A 186 -21.22 5.93 -11.75
CA SER A 186 -22.66 5.96 -11.91
C SER A 186 -23.34 6.09 -10.54
N LYS A 187 -24.25 7.04 -10.45
CA LYS A 187 -24.96 7.31 -9.20
C LYS A 187 -26.45 7.15 -9.40
N GLU A 188 -26.81 6.39 -10.43
CA GLU A 188 -28.20 6.14 -10.81
C GLU A 188 -28.87 7.37 -11.39
N HIS A 189 -29.44 7.21 -12.57
CA HIS A 189 -30.23 8.25 -13.20
C HIS A 189 -31.68 8.14 -12.72
N HIS A 190 -31.92 7.13 -11.89
CA HIS A 190 -33.21 6.95 -11.25
C HIS A 190 -33.42 8.05 -10.20
N HIS A 191 -34.55 8.00 -9.53
CA HIS A 191 -34.88 9.02 -8.53
C HIS A 191 -33.95 8.93 -7.33
N HIS A 192 -33.34 10.06 -6.99
CA HIS A 192 -32.44 10.13 -5.84
C HIS A 192 -33.23 10.49 -4.59
N HIS A 193 -32.57 10.38 -3.45
CA HIS A 193 -33.16 10.84 -2.19
C HIS A 193 -32.64 12.23 -1.87
N HIS A 194 -32.38 12.98 -2.93
CA HIS A 194 -31.86 14.33 -2.81
C HIS A 194 -33.01 15.33 -2.80
OAA Z90 B . 6.99 -3.13 -3.14
OAB Z90 B . 12.03 -1.49 -1.98
OAC Z90 B . 6.58 -2.82 -5.30
OAD Z90 B . 11.08 -1.82 -0.07
CAE Z90 B . 11.42 9.71 3.00
CAF Z90 B . 11.29 9.50 1.63
CAG Z90 B . 10.37 9.38 3.86
CAH Z90 B . 0.90 3.28 -4.69
CAI Z90 B . 0.35 4.39 -4.05
CAJ Z90 B . 10.12 8.94 1.13
CAK Z90 B . 9.22 8.81 3.35
CAL Z90 B . 2.15 2.81 -4.31
CAM Z90 B . 1.06 5.03 -3.05
CAN Z90 B . 4.75 7.90 1.23
CAO Z90 B . 5.83 8.37 -0.88
CAP Z90 B . 3.71 7.27 0.56
CAQ Z90 B . 4.79 7.74 -1.54
CAR Z90 B . 7.78 0.33 -1.21
CAS Z90 B . 8.88 0.78 -3.30
CAT Z90 B . 8.88 -0.40 -0.78
CAU Z90 B . 9.99 0.06 -2.86
CAV Z90 B . 4.34 -2.82 -2.47
CAW Z90 B . 4.16 -1.29 -2.42
CAX Z90 B . 4.73 -3.28 -3.88
CAY Z90 B . 7.94 7.99 1.49
CAZ Z90 B . 6.88 9.05 1.17
CBA Z90 B . 4.12 2.97 -2.89
CBB Z90 B . 5.45 -0.58 -2.81
CBC Z90 B . 4.21 1.46 -3.12
CBD Z90 B . 2.71 6.53 -1.52
CBE Z90 B . 6.62 1.53 -2.96
OBF Z90 B . 3.08 5.16 -1.71
CBG Z90 B . 6.23 -3.06 -4.13
CBH Z90 B . 11.07 -1.30 -1.20
CBI Z90 B . 9.09 8.60 1.99
CBJ Z90 B . 5.81 8.45 0.51
CBK Z90 B . 3.73 7.19 -0.83
CBL Z90 B . 7.77 0.90 -2.48
CBM Z90 B . 9.98 -0.53 -1.60
CBN Z90 B . 2.87 3.45 -3.29
CBO Z90 B . 2.32 4.56 -2.68
NBP Z90 B . 5.40 0.86 -2.47
HAE Z90 B . 12.33 10.15 3.40
HAF Z90 B . 12.10 9.77 0.97
HAG Z90 B . 10.48 9.55 4.93
HAH Z90 B . 0.35 2.78 -5.48
HAI Z90 B . -0.63 4.75 -4.35
HAJ Z90 B . 10.02 8.77 0.06
HAK Z90 B . 8.40 8.57 4.03
HAL Z90 B . 2.58 1.94 -4.81
HAM Z90 B . 0.62 5.91 -2.55
HAN Z90 B . 4.73 7.96 2.32
HAO Z90 B . 6.66 8.80 -1.44
HAP Z90 B . 2.87 6.85 1.12
HAQ Z90 B . 4.80 7.68 -2.62
HAR Z90 B . 6.90 0.43 -0.55
HAS Z90 B . 8.88 1.24 -4.28
HAT Z90 B . 8.88 -0.84 0.21
HAU Z90 B . 10.86 -0.03 -3.51
HAV Z90 B . 5.12 -3.11 -1.76
HAVA Z90 B . 3.41 -3.30 -2.18
HAW Z90 B . 3.36 -1.01 -3.12
HAWA Z90 B . 3.86 -1.00 -1.42
HAX Z90 B . 4.16 -2.72 -4.61
HAXA Z90 B . 4.50 -4.34 -3.99
HAY Z90 B . 7.54 7.29 2.22
HAYA Z90 B . 8.19 7.44 0.57
HAZ Z90 B . 6.53 9.51 2.10
HAZA Z90 B . 7.31 9.82 0.54
HBA Z90 B . 4.28 3.19 -1.84
HBAA Z90 B . 4.91 3.45 -3.47
HBB Z90 B . 6.29 -1.04 -2.28
HBBA Z90 B . 5.62 -0.69 -3.87
HBC Z90 B . 4.26 1.25 -4.19
HBCA Z90 B . 3.32 0.98 -2.72
HBD Z90 B . 1.79 6.58 -0.94
HBDA Z90 B . 2.56 7.01 -2.48
HBE Z90 B . 6.63 1.51 -4.05
HBEA Z90 B . 6.61 2.56 -2.63
N MET A 1 13.03 -2.72 0.78
CA MET A 1 12.03 -1.98 1.59
C MET A 1 12.71 -0.87 2.38
N TYR A 2 12.05 0.28 2.48
CA TYR A 2 12.64 1.41 3.15
C TYR A 2 11.99 1.64 4.51
N GLY A 3 12.78 2.16 5.44
CA GLY A 3 12.40 2.21 6.84
C GLY A 3 11.13 2.98 7.13
N PHE A 4 10.72 3.83 6.19
CA PHE A 4 9.49 4.60 6.37
C PHE A 4 8.30 3.66 6.51
N VAL A 5 8.15 2.77 5.53
CA VAL A 5 7.03 1.82 5.56
C VAL A 5 7.26 0.73 6.58
N ASN A 6 8.53 0.42 6.87
CA ASN A 6 8.84 -0.54 7.93
C ASN A 6 8.50 0.04 9.29
N HIS A 7 8.59 1.36 9.41
CA HIS A 7 8.20 2.05 10.64
C HIS A 7 6.68 2.04 10.78
N ALA A 8 6.00 2.18 9.65
CA ALA A 8 4.54 2.13 9.64
C ALA A 8 4.06 0.71 9.92
N LEU A 9 4.89 -0.28 9.60
CA LEU A 9 4.60 -1.67 9.89
C LEU A 9 4.68 -1.90 11.40
N GLU A 10 5.73 -1.38 12.00
CA GLU A 10 5.90 -1.42 13.45
C GLU A 10 4.68 -0.80 14.14
N LEU A 11 4.34 0.41 13.71
CA LEU A 11 3.20 1.14 14.26
C LEU A 11 1.88 0.39 14.03
N LEU A 12 1.81 -0.33 12.92
CA LEU A 12 0.61 -1.09 12.56
C LEU A 12 0.28 -2.08 13.66
N VAL A 13 1.31 -2.70 14.23
CA VAL A 13 1.11 -3.69 15.27
C VAL A 13 0.93 -3.03 16.64
N ILE A 14 1.85 -2.15 17.00
CA ILE A 14 1.87 -1.53 18.33
C ILE A 14 0.58 -0.75 18.60
N ARG A 15 0.17 0.08 17.66
CA ARG A 15 -0.97 0.97 17.88
C ARG A 15 -2.30 0.23 17.75
N ASN A 16 -2.38 -0.69 16.81
CA ASN A 16 -3.62 -1.42 16.55
C ASN A 16 -3.83 -2.50 17.60
N TYR A 17 -2.85 -3.36 17.77
CA TYR A 17 -3.01 -4.55 18.61
C TYR A 17 -2.40 -4.34 19.99
N GLY A 18 -1.22 -3.75 20.03
CA GLY A 18 -0.56 -3.49 21.30
C GLY A 18 0.94 -3.73 21.24
N PRO A 19 1.72 -3.00 22.06
CA PRO A 19 3.18 -3.16 22.12
C PRO A 19 3.59 -4.57 22.55
N GLU A 20 2.74 -5.21 23.36
CA GLU A 20 3.00 -6.58 23.79
C GLU A 20 2.93 -7.51 22.59
N VAL A 21 1.98 -7.25 21.70
CA VAL A 21 1.80 -8.06 20.51
C VAL A 21 2.97 -7.85 19.56
N TRP A 22 3.51 -6.65 19.56
CA TRP A 22 4.69 -6.34 18.76
C TRP A 22 5.87 -7.19 19.21
N GLU A 23 5.97 -7.42 20.52
CA GLU A 23 7.04 -8.24 21.05
C GLU A 23 6.91 -9.68 20.54
N ASP A 24 5.69 -10.19 20.51
CA ASP A 24 5.44 -11.56 20.05
C ASP A 24 5.75 -11.73 18.58
N ILE A 25 5.26 -10.82 17.76
CA ILE A 25 5.45 -10.89 16.31
C ILE A 25 6.93 -10.72 15.96
N LYS A 26 7.55 -9.71 16.56
CA LYS A 26 8.95 -9.40 16.32
C LYS A 26 9.84 -10.55 16.79
N LYS A 27 9.45 -11.19 17.88
CA LYS A 27 10.21 -12.30 18.44
C LYS A 27 10.12 -13.52 17.53
N GLU A 28 8.94 -13.74 16.95
CA GLU A 28 8.72 -14.86 16.05
C GLU A 28 9.50 -14.67 14.75
N ALA A 29 9.60 -13.43 14.31
CA ALA A 29 10.38 -13.10 13.12
C ALA A 29 11.87 -13.07 13.44
N GLN A 30 12.19 -13.33 14.70
CA GLN A 30 13.57 -13.39 15.19
C GLN A 30 14.28 -12.05 15.01
N LEU A 31 13.50 -11.00 14.95
CA LEU A 31 14.02 -9.65 14.81
C LEU A 31 13.87 -8.93 16.14
N ASP A 32 13.90 -9.69 17.22
CA ASP A 32 13.74 -9.15 18.57
C ASP A 32 14.83 -8.13 18.89
N GLU A 33 15.95 -8.25 18.19
CA GLU A 33 17.03 -7.28 18.28
C GLU A 33 16.49 -5.87 18.04
N GLU A 34 15.63 -5.76 17.03
CA GLU A 34 14.98 -4.51 16.69
C GLU A 34 16.01 -3.43 16.42
N GLY A 35 16.67 -3.53 15.28
CA GLY A 35 17.71 -2.60 14.90
C GLY A 35 17.16 -1.27 14.42
N GLN A 36 16.15 -0.78 15.13
CA GLN A 36 15.52 0.52 14.86
C GLN A 36 14.81 0.55 13.52
N PHE A 37 13.49 0.41 13.56
CA PHE A 37 12.67 0.52 12.37
C PHE A 37 12.44 2.00 12.04
N LEU A 38 13.52 2.69 11.68
CA LEU A 38 13.45 4.10 11.37
C LEU A 38 13.48 4.32 9.87
N VAL A 39 13.13 5.52 9.43
CA VAL A 39 12.99 5.82 8.00
C VAL A 39 14.28 5.50 7.23
N ARG A 40 15.42 5.86 7.80
CA ARG A 40 16.70 5.71 7.12
C ARG A 40 17.19 4.26 7.14
N ILE A 41 16.59 3.44 7.98
CA ILE A 41 17.00 2.05 8.13
C ILE A 41 16.24 1.16 7.14
N ILE A 42 16.94 0.68 6.12
CA ILE A 42 16.30 -0.11 5.07
C ILE A 42 16.25 -1.59 5.45
N TYR A 43 15.27 -2.29 4.90
CA TYR A 43 15.09 -3.71 5.16
C TYR A 43 14.91 -4.47 3.86
N ASP A 44 15.37 -5.71 3.84
CA ASP A 44 15.30 -6.55 2.64
C ASP A 44 13.94 -7.22 2.52
N ASP A 45 13.55 -7.59 1.31
CA ASP A 45 12.22 -8.13 1.06
C ASP A 45 11.98 -9.40 1.89
N SER A 46 12.92 -10.33 1.86
CA SER A 46 12.77 -11.61 2.53
C SER A 46 12.53 -11.45 4.03
N LYS A 47 13.21 -10.47 4.62
CA LYS A 47 13.07 -10.19 6.04
C LYS A 47 11.70 -9.60 6.34
N THR A 48 11.20 -8.81 5.40
CA THR A 48 9.90 -8.17 5.55
C THR A 48 8.77 -9.20 5.42
N TYR A 49 8.96 -10.18 4.54
CA TYR A 49 7.97 -11.23 4.34
C TYR A 49 7.85 -12.10 5.58
N ASP A 50 8.98 -12.39 6.21
CA ASP A 50 8.99 -13.26 7.38
C ASP A 50 8.41 -12.53 8.59
N LEU A 51 8.58 -11.21 8.62
CA LEU A 51 8.02 -10.40 9.69
C LEU A 51 6.50 -10.43 9.63
N VAL A 52 5.93 -10.17 8.46
CA VAL A 52 4.48 -10.20 8.31
C VAL A 52 3.95 -11.62 8.44
N ALA A 53 4.79 -12.60 8.11
CA ALA A 53 4.44 -14.00 8.25
C ALA A 53 4.29 -14.36 9.73
N ALA A 54 5.11 -13.74 10.56
CA ALA A 54 5.03 -13.93 12.00
C ALA A 54 3.71 -13.40 12.53
N ALA A 55 3.25 -12.29 11.96
CA ALA A 55 1.98 -11.70 12.35
C ALA A 55 0.84 -12.58 11.82
N SER A 56 1.09 -13.22 10.70
CA SER A 56 0.14 -14.16 10.11
C SER A 56 -0.04 -15.36 11.03
N LYS A 57 0.95 -15.63 11.86
CA LYS A 57 0.90 -16.76 12.77
C LYS A 57 0.15 -16.40 14.05
N VAL A 58 0.67 -15.43 14.79
CA VAL A 58 0.14 -15.10 16.10
C VAL A 58 -1.27 -14.48 16.03
N LEU A 59 -1.55 -13.76 14.95
CA LEU A 59 -2.87 -13.15 14.78
C LEU A 59 -3.75 -14.06 13.92
N ASN A 60 -3.15 -15.12 13.38
CA ASN A 60 -3.85 -16.09 12.54
C ASN A 60 -4.44 -15.43 11.30
N LEU A 61 -3.87 -14.29 10.93
CA LEU A 61 -4.31 -13.54 9.76
C LEU A 61 -3.59 -14.04 8.51
N ASN A 62 -3.92 -13.48 7.37
CA ASN A 62 -3.21 -13.79 6.14
C ASN A 62 -2.25 -12.65 5.82
N ALA A 63 -1.08 -12.99 5.28
CA ALA A 63 -0.03 -12.00 5.03
C ALA A 63 -0.57 -10.78 4.28
N GLY A 64 -1.28 -11.04 3.19
CA GLY A 64 -1.80 -9.97 2.36
C GLY A 64 -2.81 -9.11 3.09
N GLU A 65 -3.60 -9.71 3.97
CA GLU A 65 -4.59 -8.96 4.74
C GLU A 65 -3.91 -8.01 5.70
N ILE A 66 -2.76 -8.40 6.20
CA ILE A 66 -1.97 -7.53 7.06
C ILE A 66 -1.42 -6.37 6.25
N LEU A 67 -1.07 -6.65 5.00
CA LEU A 67 -0.64 -5.62 4.08
C LEU A 67 -1.81 -4.72 3.68
N GLN A 68 -3.01 -5.30 3.66
CA GLN A 68 -4.23 -4.54 3.41
C GLN A 68 -4.44 -3.48 4.48
N MET A 69 -4.52 -3.94 5.73
CA MET A 69 -4.74 -3.03 6.86
C MET A 69 -3.55 -2.09 7.03
N PHE A 70 -2.40 -2.50 6.51
CA PHE A 70 -1.22 -1.65 6.49
C PHE A 70 -1.49 -0.40 5.65
N GLY A 71 -1.94 -0.61 4.41
CA GLY A 71 -2.21 0.52 3.52
C GLY A 71 -3.35 1.38 4.03
N LYS A 72 -4.33 0.73 4.66
CA LYS A 72 -5.47 1.43 5.23
C LYS A 72 -5.01 2.40 6.33
N MET A 73 -4.25 1.89 7.29
CA MET A 73 -3.74 2.72 8.38
C MET A 73 -2.67 3.68 7.87
N PHE A 74 -2.05 3.32 6.75
CA PHE A 74 -1.02 4.16 6.15
C PHE A 74 -1.59 5.50 5.76
N PHE A 75 -2.84 5.51 5.29
CA PHE A 75 -3.53 6.75 4.99
C PHE A 75 -3.76 7.55 6.28
N VAL A 76 -4.22 6.86 7.32
CA VAL A 76 -4.45 7.48 8.61
C VAL A 76 -3.15 8.07 9.17
N PHE A 77 -2.07 7.29 9.06
CA PHE A 77 -0.75 7.73 9.52
C PHE A 77 -0.24 8.90 8.68
N CYS A 78 -0.60 8.90 7.40
CA CYS A 78 -0.21 9.98 6.50
C CYS A 78 -0.81 11.30 6.95
N GLN A 79 -1.99 11.24 7.57
CA GLN A 79 -2.66 12.44 8.06
C GLN A 79 -1.85 13.12 9.16
N GLU A 80 -0.99 12.36 9.83
CA GLU A 80 -0.07 12.91 10.82
C GLU A 80 1.23 13.31 10.14
N SER A 81 1.51 12.63 9.04
CA SER A 81 2.75 12.73 8.31
C SER A 81 2.63 13.72 7.15
N GLY A 82 1.85 14.77 7.34
CA GLY A 82 1.37 15.55 6.21
C GLY A 82 -0.12 15.46 6.08
N TYR A 83 -0.78 16.26 6.92
CA TYR A 83 -2.23 16.31 7.13
C TYR A 83 -3.07 16.23 5.84
N ASP A 84 -4.38 16.06 6.07
CA ASP A 84 -5.40 15.79 5.04
C ASP A 84 -5.20 16.57 3.73
N THR A 85 -4.59 17.75 3.80
CA THR A 85 -4.34 18.57 2.63
C THR A 85 -3.65 17.77 1.49
N ILE A 86 -2.96 16.68 1.85
CA ILE A 86 -2.26 15.86 0.87
C ILE A 86 -3.22 15.22 -0.15
N LEU A 87 -4.50 15.09 0.18
CA LEU A 87 -5.46 14.51 -0.75
C LEU A 87 -5.95 15.57 -1.73
N ARG A 88 -5.59 16.81 -1.47
CA ARG A 88 -5.84 17.91 -2.40
C ARG A 88 -4.77 17.88 -3.47
N VAL A 89 -3.61 17.37 -3.09
CA VAL A 89 -2.53 17.10 -4.03
C VAL A 89 -2.95 15.96 -4.97
N LEU A 90 -2.40 15.97 -6.18
CA LEU A 90 -2.65 14.90 -7.18
C LEU A 90 -4.09 14.98 -7.70
N GLY A 91 -4.52 16.18 -8.03
CA GLY A 91 -5.81 16.36 -8.68
C GLY A 91 -6.99 16.29 -7.73
N SER A 92 -6.81 15.63 -6.58
CA SER A 92 -7.87 15.45 -5.60
C SER A 92 -8.93 14.47 -6.11
N ASN A 93 -8.56 13.61 -7.05
CA ASN A 93 -9.52 12.67 -7.60
C ASN A 93 -8.94 11.27 -7.68
N VAL A 94 -9.83 10.28 -7.84
CA VAL A 94 -9.45 8.88 -7.76
C VAL A 94 -8.35 8.51 -8.76
N ARG A 95 -8.63 8.70 -10.05
CA ARG A 95 -7.70 8.30 -11.09
C ARG A 95 -6.50 9.23 -11.12
N GLU A 96 -6.68 10.45 -10.65
CA GLU A 96 -5.59 11.42 -10.65
C GLU A 96 -4.57 11.11 -9.57
N PHE A 97 -5.04 10.69 -8.40
CA PHE A 97 -4.16 10.34 -7.28
C PHE A 97 -3.23 9.20 -7.69
N LEU A 98 -3.80 8.23 -8.39
CA LEU A 98 -3.04 7.07 -8.87
C LEU A 98 -2.12 7.45 -10.03
N GLN A 99 -2.65 8.23 -10.98
CA GLN A 99 -1.91 8.61 -12.17
C GLN A 99 -0.74 9.54 -11.83
N ASN A 100 -1.03 10.55 -11.03
CA ASN A 100 -0.04 11.59 -10.73
C ASN A 100 0.91 11.12 -9.61
N LEU A 101 0.73 9.89 -9.16
CA LEU A 101 1.59 9.30 -8.12
C LEU A 101 3.07 9.42 -8.50
N ASP A 102 3.35 9.39 -9.80
CA ASP A 102 4.72 9.49 -10.29
C ASP A 102 5.36 10.81 -9.87
N ALA A 103 4.57 11.87 -9.86
CA ALA A 103 5.05 13.19 -9.47
C ALA A 103 5.32 13.23 -7.97
N LEU A 104 4.49 12.51 -7.22
CA LEU A 104 4.68 12.41 -5.77
C LEU A 104 5.98 11.69 -5.48
N HIS A 105 6.29 10.69 -6.30
CA HIS A 105 7.53 9.95 -6.16
C HIS A 105 8.73 10.87 -6.33
N ASP A 106 8.66 11.74 -7.34
CA ASP A 106 9.74 12.70 -7.57
C ASP A 106 9.85 13.67 -6.42
N HIS A 107 8.72 14.03 -5.84
CA HIS A 107 8.68 14.95 -4.71
C HIS A 107 9.39 14.31 -3.52
N LEU A 108 9.05 13.05 -3.26
CA LEU A 108 9.65 12.31 -2.16
C LEU A 108 11.14 12.08 -2.42
N ALA A 109 11.48 11.75 -3.66
CA ALA A 109 12.86 11.47 -4.02
C ALA A 109 13.75 12.69 -3.86
N THR A 110 13.15 13.87 -3.92
CA THR A 110 13.89 15.12 -3.72
C THR A 110 14.22 15.31 -2.23
N ILE A 111 13.50 14.58 -1.38
CA ILE A 111 13.71 14.64 0.06
C ILE A 111 14.56 13.47 0.51
N TYR A 112 14.10 12.25 0.20
CA TYR A 112 14.81 11.03 0.53
C TYR A 112 15.09 10.22 -0.73
N PRO A 113 16.19 10.52 -1.42
CA PRO A 113 16.60 9.78 -2.62
C PRO A 113 17.00 8.35 -2.29
N GLY A 114 16.66 7.42 -3.17
CA GLY A 114 17.00 6.03 -2.94
C GLY A 114 15.98 5.10 -3.55
N MET A 115 14.73 5.25 -3.15
CA MET A 115 13.64 4.41 -3.66
C MET A 115 13.43 4.67 -5.15
N ARG A 116 13.61 3.62 -5.96
CA ARG A 116 13.43 3.72 -7.40
C ARG A 116 11.95 3.79 -7.74
N ALA A 117 11.65 4.19 -8.97
CA ALA A 117 10.27 4.31 -9.41
C ALA A 117 9.88 3.11 -10.28
N PRO A 118 9.01 2.24 -9.77
CA PRO A 118 8.49 1.10 -10.53
C PRO A 118 7.75 1.56 -11.77
N SER A 119 7.70 0.71 -12.78
CA SER A 119 7.02 1.05 -14.02
C SER A 119 5.56 0.60 -13.97
N PHE A 120 4.66 1.52 -14.28
CA PHE A 120 3.23 1.23 -14.23
C PHE A 120 2.43 2.19 -15.09
N ARG A 121 1.25 1.76 -15.50
CA ARG A 121 0.34 2.60 -16.28
C ARG A 121 -1.10 2.15 -16.05
N CYS A 122 -2.02 3.11 -16.04
CA CYS A 122 -3.42 2.81 -15.77
C CYS A 122 -4.25 2.86 -17.05
N THR A 123 -4.84 1.73 -17.42
CA THR A 123 -5.65 1.64 -18.63
C THR A 123 -7.12 1.43 -18.29
N ASP A 124 -7.95 2.38 -18.69
CA ASP A 124 -9.39 2.31 -18.45
C ASP A 124 -10.04 1.38 -19.47
N ALA A 125 -10.90 0.50 -18.96
CA ALA A 125 -11.54 -0.52 -19.77
C ALA A 125 -12.62 0.04 -20.71
N GLU A 126 -13.22 1.17 -20.36
CA GLU A 126 -14.31 1.73 -21.16
C GLU A 126 -14.25 3.26 -21.22
N LYS A 127 -14.78 3.90 -20.18
CA LYS A 127 -14.84 5.35 -20.12
C LYS A 127 -14.80 5.81 -18.66
N GLY A 128 -14.01 5.13 -17.87
CA GLY A 128 -14.00 5.36 -16.43
C GLY A 128 -14.74 4.24 -15.73
N LYS A 129 -14.60 3.05 -16.29
CA LYS A 129 -15.29 1.87 -15.79
C LYS A 129 -14.34 0.69 -15.76
N GLY A 130 -13.65 0.53 -14.65
CA GLY A 130 -12.71 -0.56 -14.53
C GLY A 130 -11.32 -0.15 -14.94
N LEU A 131 -10.67 0.62 -14.11
CA LEU A 131 -9.30 1.03 -14.37
C LEU A 131 -8.37 -0.15 -14.13
N ILE A 132 -7.69 -0.58 -15.17
CA ILE A 132 -6.78 -1.70 -15.06
C ILE A 132 -5.35 -1.22 -15.23
N LEU A 133 -4.62 -1.15 -14.12
CA LEU A 133 -3.26 -0.66 -14.15
C LEU A 133 -2.28 -1.81 -14.23
N HIS A 134 -1.24 -1.61 -15.00
CA HIS A 134 -0.20 -2.62 -15.17
C HIS A 134 1.02 -2.19 -14.38
N TYR A 135 1.42 -3.03 -13.43
CA TYR A 135 2.44 -2.64 -12.46
C TYR A 135 3.60 -3.64 -12.46
N TYR A 136 4.82 -3.13 -12.51
CA TYR A 136 6.00 -3.97 -12.45
C TYR A 136 6.91 -3.55 -11.30
N SER A 137 7.52 -4.53 -10.64
CA SER A 137 8.39 -4.26 -9.50
C SER A 137 9.31 -5.46 -9.25
N GLU A 138 10.30 -5.30 -8.38
CA GLU A 138 11.25 -6.36 -8.09
C GLU A 138 10.52 -7.57 -7.50
N ARG A 139 9.73 -7.33 -6.48
CA ARG A 139 9.12 -8.40 -5.70
C ARG A 139 7.60 -8.24 -5.64
N GLU A 140 6.94 -9.25 -5.09
CA GLU A 140 5.49 -9.27 -5.02
C GLU A 140 5.02 -8.99 -3.59
N GLY A 141 3.77 -9.31 -3.30
CA GLY A 141 3.27 -9.18 -1.94
C GLY A 141 2.82 -7.77 -1.61
N LEU A 142 3.71 -6.81 -1.81
CA LEU A 142 3.46 -5.41 -1.44
C LEU A 142 2.44 -4.76 -2.39
N GLN A 143 1.70 -5.56 -3.12
CA GLN A 143 0.65 -5.07 -4.00
C GLN A 143 -0.62 -4.81 -3.20
N ASP A 144 -0.83 -5.61 -2.15
CA ASP A 144 -1.97 -5.42 -1.25
C ASP A 144 -1.88 -4.07 -0.55
N ILE A 145 -0.66 -3.55 -0.44
CA ILE A 145 -0.43 -2.22 0.12
C ILE A 145 -1.21 -1.17 -0.66
N VAL A 146 -1.16 -1.29 -1.99
CA VAL A 146 -1.84 -0.36 -2.87
C VAL A 146 -3.34 -0.41 -2.64
N ILE A 147 -3.85 -1.62 -2.48
CA ILE A 147 -5.28 -1.85 -2.28
C ILE A 147 -5.79 -1.09 -1.06
N GLY A 148 -5.07 -1.24 0.05
CA GLY A 148 -5.49 -0.60 1.30
C GLY A 148 -5.46 0.92 1.22
N ILE A 149 -4.52 1.46 0.43
CA ILE A 149 -4.35 2.91 0.35
C ILE A 149 -5.43 3.55 -0.52
N ILE A 150 -5.58 3.06 -1.75
CA ILE A 150 -6.48 3.71 -2.71
C ILE A 150 -7.94 3.53 -2.32
N LYS A 151 -8.25 2.40 -1.68
CA LYS A 151 -9.62 2.11 -1.26
C LYS A 151 -10.14 3.19 -0.31
N THR A 152 -9.28 3.68 0.57
CA THR A 152 -9.69 4.69 1.53
C THR A 152 -9.62 6.09 0.92
N VAL A 153 -8.59 6.35 0.12
CA VAL A 153 -8.41 7.66 -0.50
C VAL A 153 -9.58 8.01 -1.43
N ALA A 154 -9.94 7.06 -2.28
CA ALA A 154 -10.99 7.28 -3.28
C ALA A 154 -12.30 7.70 -2.64
N GLN A 155 -12.70 6.97 -1.60
CA GLN A 155 -13.97 7.23 -0.92
C GLN A 155 -13.83 8.40 0.05
N GLN A 156 -12.61 8.81 0.32
CA GLN A 156 -12.36 9.84 1.31
C GLN A 156 -12.59 11.23 0.72
N ILE A 157 -11.95 11.50 -0.41
CA ILE A 157 -11.98 12.82 -1.02
C ILE A 157 -13.39 13.17 -1.49
N HIS A 158 -13.77 12.62 -2.63
CA HIS A 158 -15.11 12.83 -3.19
C HIS A 158 -15.31 11.97 -4.43
N GLY A 159 -14.70 10.78 -4.41
CA GLY A 159 -14.75 9.94 -5.58
C GLY A 159 -15.76 8.82 -5.44
N THR A 160 -15.38 7.77 -4.74
CA THR A 160 -16.20 6.58 -4.66
C THR A 160 -15.51 5.49 -3.83
N GLU A 161 -16.32 4.64 -3.21
CA GLU A 161 -15.82 3.43 -2.61
C GLU A 161 -15.50 2.48 -3.75
N ILE A 162 -14.38 1.77 -3.66
CA ILE A 162 -13.92 0.95 -4.78
C ILE A 162 -13.49 -0.42 -4.31
N ASP A 163 -13.59 -1.39 -5.19
CA ASP A 163 -13.03 -2.71 -4.93
C ASP A 163 -11.91 -2.97 -5.92
N MET A 164 -10.68 -2.94 -5.43
CA MET A 164 -9.54 -3.21 -6.27
C MET A 164 -8.91 -4.54 -5.89
N LYS A 165 -8.71 -5.38 -6.88
CA LYS A 165 -8.20 -6.70 -6.68
C LYS A 165 -7.27 -7.08 -7.82
N VAL A 166 -6.25 -7.88 -7.51
CA VAL A 166 -5.30 -8.29 -8.52
C VAL A 166 -5.84 -9.47 -9.32
N ILE A 167 -5.96 -9.28 -10.63
CA ILE A 167 -6.44 -10.34 -11.50
C ILE A 167 -5.30 -11.26 -11.89
N GLN A 168 -4.08 -10.76 -11.71
CA GLN A 168 -2.87 -11.53 -11.93
C GLN A 168 -1.81 -11.09 -10.94
N GLN A 169 -1.41 -11.99 -10.06
CA GLN A 169 -0.42 -11.67 -9.04
C GLN A 169 0.99 -11.96 -9.56
N ARG A 170 1.97 -11.27 -9.00
CA ARG A 170 3.35 -11.39 -9.46
C ARG A 170 4.00 -12.66 -8.92
N ASN A 171 3.78 -13.75 -9.62
CA ASN A 171 4.49 -14.98 -9.36
C ASN A 171 5.80 -14.94 -10.14
N GLU A 172 6.73 -15.83 -9.83
CA GLU A 172 8.00 -15.89 -10.56
C GLU A 172 7.76 -15.98 -12.06
N GLU A 173 6.75 -16.76 -12.44
CA GLU A 173 6.44 -16.98 -13.85
C GLU A 173 5.60 -15.83 -14.42
N CYS A 174 5.07 -14.99 -13.53
CA CYS A 174 4.16 -13.93 -13.95
C CYS A 174 4.88 -12.60 -14.14
N ASP A 175 5.88 -12.33 -13.29
CA ASP A 175 6.74 -11.14 -13.40
C ASP A 175 6.01 -9.84 -13.01
N HIS A 176 4.74 -9.74 -13.37
CA HIS A 176 4.01 -8.48 -13.24
C HIS A 176 2.68 -8.68 -12.56
N THR A 177 2.10 -7.58 -12.10
CA THR A 177 0.81 -7.61 -11.43
C THR A 177 -0.19 -6.73 -12.17
N GLN A 178 -1.43 -7.18 -12.25
CA GLN A 178 -2.48 -6.39 -12.88
C GLN A 178 -3.61 -6.13 -11.90
N PHE A 179 -3.92 -4.86 -11.69
CA PHE A 179 -4.97 -4.47 -10.75
C PHE A 179 -6.26 -4.12 -11.50
N LEU A 180 -7.38 -4.56 -10.97
CA LEU A 180 -8.67 -4.18 -11.51
C LEU A 180 -9.40 -3.30 -10.50
N ILE A 181 -9.59 -2.04 -10.84
CA ILE A 181 -10.28 -1.09 -9.99
C ILE A 181 -11.75 -1.02 -10.38
N GLU A 182 -12.61 -1.53 -9.51
CA GLU A 182 -14.03 -1.47 -9.73
C GLU A 182 -14.63 -0.31 -8.94
N GLU A 183 -14.91 0.78 -9.62
CA GLU A 183 -15.53 1.92 -8.97
C GLU A 183 -17.04 1.78 -8.95
N LYS A 184 -17.62 2.00 -7.77
CA LYS A 184 -19.05 1.90 -7.59
C LYS A 184 -19.74 3.18 -8.01
N GLU A 185 -19.11 4.31 -7.66
CA GLU A 185 -19.61 5.64 -7.98
C GLU A 185 -21.10 5.76 -7.67
N SER A 186 -21.41 5.77 -6.38
CA SER A 186 -22.79 5.75 -5.92
C SER A 186 -23.15 7.06 -5.22
N LYS A 187 -22.49 8.14 -5.60
CA LYS A 187 -22.76 9.45 -5.01
C LYS A 187 -24.02 10.05 -5.61
N GLU A 188 -24.13 10.01 -6.92
CA GLU A 188 -25.34 10.44 -7.60
C GLU A 188 -26.31 9.27 -7.73
N HIS A 189 -25.76 8.11 -8.02
CA HIS A 189 -26.54 6.88 -8.14
C HIS A 189 -26.38 6.04 -6.89
N HIS A 190 -27.14 6.37 -5.85
CA HIS A 190 -27.07 5.64 -4.59
C HIS A 190 -27.46 4.19 -4.80
N HIS A 191 -26.74 3.28 -4.12
CA HIS A 191 -26.94 1.83 -4.25
C HIS A 191 -26.33 1.30 -5.54
N HIS A 192 -25.97 2.23 -6.45
CA HIS A 192 -25.31 1.91 -7.72
C HIS A 192 -25.81 0.61 -8.36
N HIS A 193 -27.08 0.59 -8.74
CA HIS A 193 -27.66 -0.60 -9.32
C HIS A 193 -27.26 -0.75 -10.78
N HIS A 194 -26.21 -1.53 -11.01
CA HIS A 194 -25.73 -1.80 -12.35
C HIS A 194 -26.56 -2.90 -13.01
OAA Z90 B . 7.15 -2.13 -5.23
OAB Z90 B . 10.61 -0.20 -1.14
OAC Z90 B . 5.90 -3.93 -5.59
OAD Z90 B . 9.65 0.56 0.64
CAE Z90 B . 11.63 7.29 2.84
CAF Z90 B . 11.49 6.45 1.75
CAG Z90 B . 10.57 8.08 3.25
CAH Z90 B . -0.86 4.30 -4.79
CAI Z90 B . -0.89 5.55 -4.19
CAJ Z90 B . 10.28 6.40 1.07
CAK Z90 B . 9.36 8.04 2.57
CAL Z90 B . 0.01 3.32 -4.34
CAM Z90 B . -0.03 5.84 -3.14
CAN Z90 B . 4.86 6.90 0.74
CAO Z90 B . 5.94 5.23 -0.63
CAP Z90 B . 3.76 6.89 -0.11
CAQ Z90 B . 4.84 5.23 -1.48
CAR Z90 B . 6.39 1.78 -1.56
CAS Z90 B . 7.64 1.27 -3.55
CAT Z90 B . 7.46 1.35 -0.78
CAU Z90 B . 8.71 0.84 -2.77
CAV Z90 B . 5.58 -1.25 -3.21
CAW Z90 B . 4.46 -0.57 -2.41
CAX Z90 B . 4.99 -2.21 -4.24
CAY Z90 B . 8.03 7.20 0.75
CAZ Z90 B . 7.08 6.13 1.30
CBA Z90 B . 1.76 2.63 -2.83
CBB Z90 B . 3.70 0.42 -3.31
CBC Z90 B . 3.07 2.72 -3.62
CBD Z90 B . 2.68 6.06 -2.09
CBE Z90 B . 5.40 2.12 -3.73
OBF Z90 B . 1.73 5.07 -1.68
CBG Z90 B . 6.12 -2.81 -5.08
CBH Z90 B . 9.66 0.40 -0.61
CBI Z90 B . 9.22 7.20 1.47
CBJ Z90 B . 5.95 6.07 0.48
CBK Z90 B . 3.76 6.05 -1.22
CBL Z90 B . 6.48 1.74 -2.95
CBM Z90 B . 8.61 0.87 -1.39
CBN Z90 B . 0.87 3.61 -3.28
CBO Z90 B . 0.84 4.85 -2.70
NBP Z90 B . 4.10 1.84 -3.07
HAE Z90 B . 12.57 7.32 3.38
HAF Z90 B . 12.32 5.82 1.43
HAG Z90 B . 10.68 8.75 4.12
HAH Z90 B . -1.52 4.08 -5.63
HAI Z90 B . -1.59 6.31 -4.55
HAJ Z90 B . 10.17 5.73 0.21
HAK Z90 B . 8.52 8.66 2.89
HAL Z90 B . 0.03 2.34 -4.82
HAM Z90 B . -0.05 6.82 -2.66
HAN Z90 B . 4.87 7.55 1.62
HAO Z90 B . 6.79 4.58 -0.83
HAP Z90 B . 2.91 7.54 0.10
HAQ Z90 B . 4.84 4.57 -2.35
HAR Z90 B . 5.48 2.16 -1.09
HAS Z90 B . 7.72 1.25 -4.64
HAT Z90 B . 7.38 1.39 0.30
HAU Z90 B . 9.62 0.47 -3.25
HAV Z90 B . 6.18 -0.51 -3.72
HAVA Z90 B . 6.22 -1.82 -2.51
HAW Z90 B . 3.76 -1.32 -2.05
HAWA Z90 B . 4.88 -0.05 -1.57
HAX Z90 B . 4.29 -1.68 -4.88
HAXA Z90 B . 4.45 -3.00 -3.72
HAY Z90 B . 8.23 7.01 -0.29
HAYA Z90 B . 7.54 8.17 0.85
HAZ Z90 B . 7.58 5.15 1.29
HAZA Z90 B . 6.77 6.38 2.31
HBA Z90 B . 1.32 1.65 -2.95
HBAA Z90 B . 1.97 2.79 -1.77
HBB Z90 B . 3.89 0.18 -4.35
HBBA Z90 B . 2.63 0.31 -3.12
HBC Z90 B . 3.44 3.75 -3.59
HBCA Z90 B . 2.88 2.45 -4.67
HBD Z90 B . 2.19 7.04 -2.07
HBDA Z90 B . 3.01 5.84 -3.10
HBE Z90 B . 5.44 1.58 -4.68
HBEA Z90 B . 5.46 3.19 -3.94
N MET A 1 13.48 -3.65 0.41
CA MET A 1 12.65 -2.54 0.90
C MET A 1 13.55 -1.45 1.45
N TYR A 2 12.96 -0.43 2.04
CA TYR A 2 13.72 0.57 2.77
C TYR A 2 13.01 0.93 4.06
N GLY A 3 13.79 1.48 5.00
CA GLY A 3 13.35 1.59 6.38
C GLY A 3 12.04 2.33 6.56
N PHE A 4 11.71 3.20 5.62
CA PHE A 4 10.47 3.95 5.65
C PHE A 4 9.28 3.01 5.81
N VAL A 5 9.10 2.10 4.84
CA VAL A 5 7.96 1.19 4.84
C VAL A 5 8.04 0.21 6.01
N ASN A 6 9.26 -0.19 6.37
CA ASN A 6 9.44 -1.12 7.47
C ASN A 6 9.11 -0.47 8.80
N HIS A 7 9.36 0.83 8.91
CA HIS A 7 9.08 1.55 10.15
C HIS A 7 7.58 1.78 10.31
N ALA A 8 6.89 2.00 9.20
CA ALA A 8 5.45 2.17 9.21
C ALA A 8 4.75 0.84 9.46
N LEU A 9 5.39 -0.24 9.05
CA LEU A 9 4.88 -1.59 9.32
C LEU A 9 4.90 -1.83 10.83
N GLU A 10 6.01 -1.49 11.46
CA GLU A 10 6.13 -1.55 12.91
C GLU A 10 5.02 -0.74 13.57
N LEU A 11 4.82 0.48 13.08
CA LEU A 11 3.82 1.39 13.61
C LEU A 11 2.42 0.80 13.53
N LEU A 12 2.18 -0.01 12.50
CA LEU A 12 0.87 -0.63 12.30
C LEU A 12 0.49 -1.50 13.49
N VAL A 13 1.43 -2.30 13.96
CA VAL A 13 1.15 -3.24 15.03
C VAL A 13 1.07 -2.54 16.39
N ILE A 14 1.99 -1.61 16.63
CA ILE A 14 2.02 -0.87 17.89
C ILE A 14 0.75 -0.04 18.06
N ARG A 15 0.30 0.57 16.97
CA ARG A 15 -0.86 1.47 17.01
C ARG A 15 -2.16 0.69 17.13
N ASN A 16 -2.29 -0.39 16.36
CA ASN A 16 -3.53 -1.17 16.34
C ASN A 16 -3.67 -2.06 17.57
N TYR A 17 -2.56 -2.63 18.02
CA TYR A 17 -2.63 -3.59 19.13
C TYR A 17 -1.85 -3.09 20.35
N GLY A 18 -0.56 -2.89 20.18
CA GLY A 18 0.26 -2.42 21.28
C GLY A 18 1.70 -2.85 21.17
N PRO A 19 2.61 -2.14 21.86
CA PRO A 19 4.06 -2.42 21.82
C PRO A 19 4.39 -3.85 22.20
N GLU A 20 3.71 -4.36 23.22
CA GLU A 20 3.95 -5.71 23.72
C GLU A 20 3.66 -6.75 22.65
N VAL A 21 2.61 -6.51 21.88
CA VAL A 21 2.20 -7.43 20.83
C VAL A 21 3.22 -7.41 19.70
N TRP A 22 3.77 -6.22 19.45
CA TRP A 22 4.79 -6.04 18.43
C TRP A 22 6.07 -6.77 18.81
N GLU A 23 6.32 -6.88 20.11
CA GLU A 23 7.52 -7.53 20.60
C GLU A 23 7.45 -9.03 20.39
N ASP A 24 6.27 -9.59 20.69
CA ASP A 24 6.07 -11.03 20.54
C ASP A 24 6.11 -11.45 19.08
N ILE A 25 5.49 -10.64 18.22
CA ILE A 25 5.47 -10.91 16.78
C ILE A 25 6.89 -10.87 16.20
N LYS A 26 7.67 -9.90 16.63
CA LYS A 26 9.05 -9.77 16.17
C LYS A 26 9.90 -10.95 16.61
N LYS A 27 9.60 -11.47 17.81
CA LYS A 27 10.28 -12.67 18.32
C LYS A 27 9.89 -13.89 17.48
N GLU A 28 8.63 -13.93 17.06
CA GLU A 28 8.11 -15.04 16.28
C GLU A 28 8.75 -15.10 14.90
N ALA A 29 9.06 -13.94 14.34
CA ALA A 29 9.71 -13.86 13.04
C ALA A 29 11.23 -14.04 13.17
N GLN A 30 11.70 -14.17 14.42
CA GLN A 30 13.12 -14.35 14.71
C GLN A 30 13.92 -13.12 14.28
N LEU A 31 13.25 -11.98 14.20
CA LEU A 31 13.89 -10.74 13.80
C LEU A 31 14.35 -9.97 15.01
N ASP A 32 14.50 -10.69 16.12
CA ASP A 32 15.02 -10.10 17.34
C ASP A 32 16.50 -9.78 17.19
N GLU A 33 17.13 -10.44 16.21
CA GLU A 33 18.50 -10.14 15.84
C GLU A 33 18.60 -8.73 15.29
N GLU A 34 17.56 -8.32 14.59
CA GLU A 34 17.48 -6.96 14.05
C GLU A 34 17.02 -6.02 15.15
N GLY A 35 15.98 -6.42 15.86
CA GLY A 35 15.55 -5.71 17.05
C GLY A 35 14.74 -4.47 16.75
N GLN A 36 15.30 -3.58 15.95
CA GLN A 36 14.68 -2.31 15.65
C GLN A 36 14.56 -2.08 14.16
N PHE A 37 13.57 -1.31 13.77
CA PHE A 37 13.33 -1.00 12.37
C PHE A 37 13.30 0.51 12.16
N LEU A 38 14.45 1.07 11.81
CA LEU A 38 14.59 2.50 11.61
C LEU A 38 14.20 2.88 10.19
N VAL A 39 14.32 4.16 9.87
CA VAL A 39 13.84 4.67 8.60
C VAL A 39 14.95 4.65 7.54
N ARG A 40 16.16 5.06 7.92
CA ARG A 40 17.25 5.21 6.95
C ARG A 40 18.14 3.96 6.91
N ILE A 41 17.76 2.90 7.59
CA ILE A 41 18.58 1.70 7.65
C ILE A 41 18.39 0.82 6.42
N ILE A 42 17.14 0.69 5.98
CA ILE A 42 16.81 -0.13 4.80
C ILE A 42 16.87 -1.63 5.12
N TYR A 43 15.78 -2.33 4.84
CA TYR A 43 15.67 -3.75 5.18
C TYR A 43 15.23 -4.55 3.97
N ASP A 44 15.63 -5.81 3.91
CA ASP A 44 15.34 -6.67 2.77
C ASP A 44 13.90 -7.17 2.84
N ASP A 45 13.30 -7.29 1.65
CA ASP A 45 11.89 -7.67 1.52
C ASP A 45 11.62 -9.08 2.04
N SER A 46 12.65 -9.94 2.01
CA SER A 46 12.51 -11.31 2.50
C SER A 46 12.14 -11.31 3.98
N LYS A 47 12.77 -10.40 4.73
CA LYS A 47 12.54 -10.31 6.16
C LYS A 47 11.24 -9.58 6.44
N THR A 48 10.75 -8.86 5.44
CA THR A 48 9.50 -8.14 5.57
C THR A 48 8.32 -9.11 5.43
N TYR A 49 8.45 -10.06 4.51
CA TYR A 49 7.42 -11.06 4.30
C TYR A 49 7.44 -12.09 5.41
N ASP A 50 8.64 -12.35 5.92
CA ASP A 50 8.82 -13.26 7.03
C ASP A 50 8.18 -12.70 8.31
N LEU A 51 8.30 -11.39 8.47
CA LEU A 51 7.72 -10.69 9.60
C LEU A 51 6.19 -10.80 9.57
N VAL A 52 5.59 -10.46 8.44
CA VAL A 52 4.13 -10.48 8.31
C VAL A 52 3.62 -11.92 8.39
N ALA A 53 4.45 -12.87 7.98
CA ALA A 53 4.11 -14.29 8.05
C ALA A 53 4.02 -14.76 9.49
N ALA A 54 4.76 -14.09 10.36
CA ALA A 54 4.68 -14.37 11.78
C ALA A 54 3.48 -13.67 12.38
N ALA A 55 3.16 -12.50 11.87
CA ALA A 55 2.08 -11.69 12.40
C ALA A 55 0.72 -12.29 12.09
N SER A 56 0.65 -13.01 10.97
CA SER A 56 -0.58 -13.66 10.57
C SER A 56 -0.87 -14.83 11.52
N LYS A 57 0.17 -15.39 12.12
CA LYS A 57 -0.01 -16.48 13.06
C LYS A 57 -0.45 -15.95 14.42
N VAL A 58 0.30 -14.98 14.93
CA VAL A 58 0.05 -14.41 16.25
C VAL A 58 -1.33 -13.77 16.33
N LEU A 59 -1.69 -13.04 15.28
CA LEU A 59 -2.94 -12.31 15.26
C LEU A 59 -4.06 -13.14 14.64
N ASN A 60 -3.70 -14.33 14.15
CA ASN A 60 -4.65 -15.24 13.49
C ASN A 60 -5.26 -14.56 12.26
N LEU A 61 -4.43 -13.83 11.53
CA LEU A 61 -4.86 -13.10 10.34
C LEU A 61 -4.20 -13.69 9.10
N ASN A 62 -4.39 -13.03 7.97
CA ASN A 62 -3.74 -13.44 6.73
C ASN A 62 -2.72 -12.38 6.32
N ALA A 63 -1.77 -12.75 5.49
CA ALA A 63 -0.72 -11.81 5.06
C ALA A 63 -1.35 -10.58 4.39
N GLY A 64 -2.19 -10.81 3.39
CA GLY A 64 -2.82 -9.73 2.67
C GLY A 64 -3.77 -8.94 3.54
N GLU A 65 -4.33 -9.61 4.55
CA GLU A 65 -5.21 -8.96 5.51
C GLU A 65 -4.45 -7.88 6.27
N ILE A 66 -3.24 -8.21 6.70
CA ILE A 66 -2.39 -7.28 7.43
C ILE A 66 -1.93 -6.13 6.55
N LEU A 67 -1.64 -6.45 5.29
CA LEU A 67 -1.22 -5.44 4.31
C LEU A 67 -2.36 -4.46 4.03
N GLN A 68 -3.58 -4.99 3.98
CA GLN A 68 -4.77 -4.16 3.82
C GLN A 68 -4.87 -3.19 4.99
N MET A 69 -4.59 -3.71 6.19
CA MET A 69 -4.60 -2.91 7.41
C MET A 69 -3.55 -1.80 7.33
N PHE A 70 -2.43 -2.10 6.70
CA PHE A 70 -1.36 -1.12 6.53
C PHE A 70 -1.86 0.06 5.71
N GLY A 71 -2.63 -0.24 4.66
CA GLY A 71 -3.13 0.80 3.79
C GLY A 71 -4.09 1.74 4.49
N LYS A 72 -5.05 1.18 5.21
CA LYS A 72 -6.05 1.99 5.90
C LYS A 72 -5.44 2.75 7.08
N MET A 73 -4.36 2.22 7.63
CA MET A 73 -3.66 2.86 8.74
C MET A 73 -2.95 4.11 8.24
N PHE A 74 -2.29 3.99 7.09
CA PHE A 74 -1.62 5.13 6.46
C PHE A 74 -2.62 6.26 6.19
N PHE A 75 -3.83 5.88 5.80
CA PHE A 75 -4.89 6.84 5.54
C PHE A 75 -5.25 7.62 6.80
N VAL A 76 -5.61 6.90 7.87
CA VAL A 76 -6.07 7.54 9.09
C VAL A 76 -4.92 8.31 9.76
N PHE A 77 -3.69 7.82 9.61
CA PHE A 77 -2.52 8.47 10.19
C PHE A 77 -2.32 9.87 9.59
N CYS A 78 -2.26 9.94 8.28
CA CYS A 78 -2.06 11.21 7.58
C CYS A 78 -3.18 12.19 7.90
N GLN A 79 -4.41 11.69 7.91
CA GLN A 79 -5.56 12.52 8.22
C GLN A 79 -5.51 13.01 9.67
N GLU A 80 -4.93 12.18 10.54
CA GLU A 80 -4.80 12.52 11.95
C GLU A 80 -3.67 13.53 12.15
N SER A 81 -2.73 13.55 11.21
CA SER A 81 -1.57 14.42 11.31
C SER A 81 -1.97 15.89 11.20
N GLY A 82 -3.04 16.14 10.46
CA GLY A 82 -3.59 17.48 10.37
C GLY A 82 -2.83 18.38 9.40
N TYR A 83 -1.69 17.91 8.93
CA TYR A 83 -0.89 18.67 7.97
C TYR A 83 -1.64 18.82 6.66
N ASP A 84 -1.86 20.06 6.25
CA ASP A 84 -2.61 20.36 5.03
C ASP A 84 -1.84 19.93 3.78
N THR A 85 -0.59 19.52 3.98
CA THR A 85 0.23 19.01 2.89
C THR A 85 -0.39 17.76 2.28
N ILE A 86 -1.20 17.04 3.06
CA ILE A 86 -1.83 15.80 2.61
C ILE A 86 -2.85 16.07 1.49
N LEU A 87 -3.27 17.31 1.35
CA LEU A 87 -4.20 17.69 0.30
C LEU A 87 -3.47 17.74 -1.05
N ARG A 88 -2.18 18.02 -1.00
CA ARG A 88 -1.35 18.08 -2.20
C ARG A 88 -0.79 16.69 -2.51
N VAL A 89 -0.56 15.91 -1.46
CA VAL A 89 -0.04 14.57 -1.60
C VAL A 89 -1.00 13.70 -2.39
N LEU A 90 -0.56 13.29 -3.58
CA LEU A 90 -1.34 12.41 -4.44
C LEU A 90 -2.65 13.08 -4.87
N GLY A 91 -2.68 14.41 -4.76
CA GLY A 91 -3.85 15.18 -5.16
C GLY A 91 -5.06 14.95 -4.27
N SER A 92 -4.96 13.99 -3.36
CA SER A 92 -6.06 13.60 -2.49
C SER A 92 -7.27 13.13 -3.33
N ASN A 93 -7.00 12.67 -4.55
CA ASN A 93 -8.07 12.23 -5.44
C ASN A 93 -7.84 10.79 -5.89
N VAL A 94 -8.73 10.28 -6.72
CA VAL A 94 -8.62 8.91 -7.20
C VAL A 94 -7.59 8.80 -8.33
N ARG A 95 -7.82 9.54 -9.41
CA ARG A 95 -6.93 9.49 -10.57
C ARG A 95 -5.57 10.10 -10.25
N GLU A 96 -5.58 11.17 -9.47
CA GLU A 96 -4.34 11.83 -9.07
C GLU A 96 -3.51 10.93 -8.17
N PHE A 97 -4.18 10.03 -7.46
CA PHE A 97 -3.50 9.11 -6.55
C PHE A 97 -2.48 8.26 -7.32
N LEU A 98 -2.91 7.77 -8.47
CA LEU A 98 -2.03 6.99 -9.34
C LEU A 98 -1.04 7.90 -10.07
N GLN A 99 -1.57 8.99 -10.63
CA GLN A 99 -0.79 9.91 -11.43
C GLN A 99 0.39 10.51 -10.65
N ASN A 100 0.16 10.81 -9.38
CA ASN A 100 1.17 11.48 -8.57
C ASN A 100 2.19 10.50 -8.00
N LEU A 101 2.04 9.22 -8.28
CA LEU A 101 3.01 8.23 -7.82
C LEU A 101 4.37 8.48 -8.44
N ASP A 102 4.37 9.02 -9.65
CA ASP A 102 5.64 9.30 -10.32
C ASP A 102 6.28 10.53 -9.72
N ALA A 103 5.47 11.38 -9.09
CA ALA A 103 6.00 12.52 -8.36
C ALA A 103 6.69 12.03 -7.09
N LEU A 104 6.15 10.95 -6.53
CA LEU A 104 6.78 10.29 -5.39
C LEU A 104 8.13 9.73 -5.80
N HIS A 105 8.14 9.10 -6.98
CA HIS A 105 9.37 8.56 -7.56
C HIS A 105 10.44 9.62 -7.61
N ASP A 106 10.06 10.77 -8.17
CA ASP A 106 10.97 11.89 -8.37
C ASP A 106 11.59 12.34 -7.05
N HIS A 107 10.77 12.40 -6.00
CA HIS A 107 11.23 12.87 -4.70
C HIS A 107 12.23 11.90 -4.10
N LEU A 108 11.95 10.61 -4.24
CA LEU A 108 12.81 9.59 -3.67
C LEU A 108 14.07 9.41 -4.51
N ALA A 109 13.91 9.46 -5.83
CA ALA A 109 15.03 9.23 -6.74
C ALA A 109 16.08 10.33 -6.64
N THR A 110 15.65 11.57 -6.48
CA THR A 110 16.56 12.70 -6.44
C THR A 110 17.28 12.80 -5.10
N ILE A 111 16.73 12.15 -4.07
CA ILE A 111 17.34 12.21 -2.74
C ILE A 111 18.13 10.94 -2.44
N TYR A 112 17.62 9.80 -2.89
CA TYR A 112 18.22 8.50 -2.57
C TYR A 112 18.75 7.82 -3.83
N PRO A 113 20.04 8.07 -4.17
CA PRO A 113 20.66 7.47 -5.36
C PRO A 113 20.56 5.96 -5.37
N GLY A 114 19.75 5.44 -6.26
CA GLY A 114 19.51 4.01 -6.32
C GLY A 114 18.04 3.70 -6.43
N MET A 115 17.23 4.63 -5.97
CA MET A 115 15.78 4.50 -6.08
C MET A 115 15.33 4.82 -7.51
N ARG A 116 14.76 3.83 -8.18
CA ARG A 116 14.36 3.99 -9.57
C ARG A 116 12.95 4.55 -9.66
N ALA A 117 12.60 5.11 -10.82
CA ALA A 117 11.23 5.51 -11.08
C ALA A 117 10.61 4.60 -12.14
N PRO A 118 9.70 3.70 -11.73
CA PRO A 118 8.98 2.83 -12.67
C PRO A 118 7.86 3.57 -13.39
N SER A 119 7.40 3.02 -14.50
CA SER A 119 6.39 3.65 -15.33
C SER A 119 5.02 3.02 -15.08
N PHE A 120 3.96 3.75 -15.43
CA PHE A 120 2.60 3.26 -15.25
C PHE A 120 1.64 3.93 -16.21
N ARG A 121 0.48 3.30 -16.40
CA ARG A 121 -0.61 3.87 -17.19
C ARG A 121 -1.92 3.18 -16.81
N CYS A 122 -3.03 3.86 -16.99
CA CYS A 122 -4.32 3.28 -16.67
C CYS A 122 -5.06 2.88 -17.95
N THR A 123 -5.47 1.63 -18.02
CA THR A 123 -6.14 1.11 -19.20
C THR A 123 -7.38 0.32 -18.80
N ASP A 124 -8.56 0.81 -19.18
CA ASP A 124 -9.79 0.13 -18.85
C ASP A 124 -10.02 -1.05 -19.77
N ALA A 125 -10.51 -2.14 -19.21
CA ALA A 125 -10.64 -3.40 -19.94
C ALA A 125 -11.46 -3.23 -21.22
N GLU A 126 -12.72 -2.86 -21.06
CA GLU A 126 -13.64 -2.79 -22.18
C GLU A 126 -14.13 -1.36 -22.40
N LYS A 127 -15.04 -0.91 -21.55
CA LYS A 127 -15.61 0.42 -21.67
C LYS A 127 -15.73 1.07 -20.31
N GLY A 128 -14.59 1.34 -19.70
CA GLY A 128 -14.58 1.98 -18.40
C GLY A 128 -14.70 0.98 -17.27
N LYS A 129 -15.69 0.11 -17.37
CA LYS A 129 -15.95 -0.92 -16.37
C LYS A 129 -14.74 -1.83 -16.19
N GLY A 130 -14.05 -1.66 -15.07
CA GLY A 130 -12.90 -2.47 -14.77
C GLY A 130 -11.63 -1.82 -15.27
N LEU A 131 -11.10 -0.91 -14.50
CA LEU A 131 -9.91 -0.17 -14.89
C LEU A 131 -8.65 -0.92 -14.44
N ILE A 132 -7.82 -1.33 -15.39
CA ILE A 132 -6.58 -2.01 -15.06
C ILE A 132 -5.41 -1.06 -15.18
N LEU A 133 -4.77 -0.75 -14.07
CA LEU A 133 -3.60 0.11 -14.10
C LEU A 133 -2.35 -0.76 -14.25
N HIS A 134 -1.46 -0.31 -15.12
CA HIS A 134 -0.26 -1.06 -15.45
C HIS A 134 0.94 -0.37 -14.83
N TYR A 135 1.39 -0.89 -13.70
CA TYR A 135 2.50 -0.32 -12.97
C TYR A 135 3.53 -1.42 -12.71
N TYR A 136 4.78 -1.16 -13.05
CA TYR A 136 5.77 -2.21 -12.91
C TYR A 136 6.54 -2.02 -11.61
N SER A 137 6.01 -2.64 -10.56
CA SER A 137 6.61 -2.60 -9.23
C SER A 137 5.99 -3.71 -8.37
N GLU A 138 6.76 -4.73 -8.03
CA GLU A 138 6.26 -5.82 -7.20
C GLU A 138 7.34 -6.88 -7.02
N ARG A 139 7.23 -7.60 -5.92
CA ARG A 139 8.07 -8.77 -5.66
C ARG A 139 7.33 -9.69 -4.70
N GLU A 140 6.08 -9.96 -5.06
CA GLU A 140 5.20 -10.85 -4.30
C GLU A 140 5.02 -10.35 -2.86
N GLY A 141 4.43 -9.17 -2.70
CA GLY A 141 4.16 -8.66 -1.38
C GLY A 141 3.59 -7.24 -1.35
N LEU A 142 3.75 -6.50 -2.45
CA LEU A 142 3.30 -5.12 -2.50
C LEU A 142 1.93 -5.01 -3.16
N GLN A 143 1.22 -6.13 -3.22
CA GLN A 143 -0.06 -6.19 -3.90
C GLN A 143 -1.15 -5.55 -3.06
N ASP A 144 -1.43 -6.16 -1.92
CA ASP A 144 -2.49 -5.71 -1.03
C ASP A 144 -2.15 -4.35 -0.41
N ILE A 145 -0.87 -3.98 -0.46
CA ILE A 145 -0.44 -2.66 -0.02
C ILE A 145 -1.17 -1.59 -0.84
N VAL A 146 -1.12 -1.75 -2.15
CA VAL A 146 -1.76 -0.82 -3.06
C VAL A 146 -3.27 -0.84 -2.85
N ILE A 147 -3.80 -2.05 -2.73
CA ILE A 147 -5.22 -2.26 -2.51
C ILE A 147 -5.69 -1.54 -1.25
N GLY A 148 -4.96 -1.73 -0.17
CA GLY A 148 -5.32 -1.18 1.12
C GLY A 148 -5.38 0.33 1.14
N ILE A 149 -4.57 0.98 0.31
CA ILE A 149 -4.51 2.43 0.32
C ILE A 149 -5.55 3.06 -0.61
N ILE A 150 -5.50 2.68 -1.89
CA ILE A 150 -6.32 3.33 -2.91
C ILE A 150 -7.82 3.05 -2.70
N LYS A 151 -8.16 1.80 -2.40
CA LYS A 151 -9.55 1.42 -2.22
C LYS A 151 -10.18 2.24 -1.09
N THR A 152 -9.43 2.40 -0.01
CA THR A 152 -9.92 3.09 1.17
C THR A 152 -10.16 4.58 0.88
N VAL A 153 -9.19 5.23 0.23
CA VAL A 153 -9.26 6.68 0.07
C VAL A 153 -10.31 7.10 -0.96
N ALA A 154 -10.56 6.25 -1.96
CA ALA A 154 -11.50 6.59 -3.02
C ALA A 154 -12.94 6.64 -2.50
N GLN A 155 -13.31 5.64 -1.72
CA GLN A 155 -14.67 5.54 -1.21
C GLN A 155 -14.87 6.43 0.01
N GLN A 156 -13.81 6.64 0.78
CA GLN A 156 -13.93 7.35 2.05
C GLN A 156 -13.85 8.86 1.86
N ILE A 157 -12.78 9.33 1.24
CA ILE A 157 -12.57 10.76 1.06
C ILE A 157 -13.58 11.30 0.04
N HIS A 158 -13.39 10.91 -1.21
CA HIS A 158 -14.26 11.31 -2.30
C HIS A 158 -13.78 10.66 -3.58
N GLY A 159 -14.70 10.43 -4.50
CA GLY A 159 -14.35 9.82 -5.75
C GLY A 159 -15.39 8.82 -6.21
N THR A 160 -15.35 7.63 -5.63
CA THR A 160 -16.25 6.57 -6.03
C THR A 160 -16.04 5.33 -5.17
N GLU A 161 -17.03 4.44 -5.19
CA GLU A 161 -17.00 3.24 -4.37
C GLU A 161 -16.40 2.08 -5.17
N ILE A 162 -15.13 1.81 -4.94
CA ILE A 162 -14.42 0.81 -5.74
C ILE A 162 -14.05 -0.41 -4.90
N ASP A 163 -13.83 -1.52 -5.58
CA ASP A 163 -13.24 -2.70 -4.96
C ASP A 163 -12.05 -3.12 -5.81
N MET A 164 -10.93 -3.35 -5.17
CA MET A 164 -9.69 -3.58 -5.89
C MET A 164 -9.16 -4.99 -5.65
N LYS A 165 -8.48 -5.52 -6.66
CA LYS A 165 -7.91 -6.85 -6.59
C LYS A 165 -6.69 -6.92 -7.52
N VAL A 166 -5.76 -7.81 -7.22
CA VAL A 166 -4.57 -7.95 -8.04
C VAL A 166 -4.70 -9.16 -8.96
N ILE A 167 -4.50 -8.95 -10.26
CA ILE A 167 -4.64 -10.03 -11.23
C ILE A 167 -3.27 -10.56 -11.65
N GLN A 168 -2.31 -9.66 -11.83
CA GLN A 168 -0.95 -10.05 -12.17
C GLN A 168 0.03 -9.21 -11.35
N GLN A 169 1.18 -9.78 -11.04
CA GLN A 169 2.16 -9.12 -10.19
C GLN A 169 3.57 -9.57 -10.56
N ARG A 170 4.56 -8.75 -10.23
CA ARG A 170 5.94 -9.07 -10.54
C ARG A 170 6.49 -10.09 -9.56
N ASN A 171 7.03 -11.16 -10.11
CA ASN A 171 7.63 -12.22 -9.33
C ASN A 171 8.50 -13.08 -10.24
N GLU A 172 8.76 -14.32 -9.86
CA GLU A 172 9.56 -15.21 -10.69
C GLU A 172 8.86 -15.48 -12.03
N GLU A 173 7.54 -15.30 -12.04
CA GLU A 173 6.73 -15.58 -13.22
C GLU A 173 6.64 -14.36 -14.12
N CYS A 174 6.00 -13.31 -13.63
CA CYS A 174 5.75 -12.13 -14.43
C CYS A 174 6.58 -10.94 -13.94
N ASP A 175 6.82 -10.00 -14.84
CA ASP A 175 7.59 -8.81 -14.51
C ASP A 175 6.72 -7.56 -14.60
N HIS A 176 5.42 -7.74 -14.44
CA HIS A 176 4.48 -6.63 -14.55
C HIS A 176 3.38 -6.75 -13.50
N THR A 177 3.00 -5.62 -12.91
CA THR A 177 1.92 -5.61 -11.93
C THR A 177 0.67 -5.01 -12.55
N GLN A 178 -0.45 -5.69 -12.41
CA GLN A 178 -1.71 -5.24 -12.97
C GLN A 178 -2.80 -5.29 -11.91
N PHE A 179 -3.33 -4.12 -11.57
CA PHE A 179 -4.41 -4.05 -10.59
C PHE A 179 -5.73 -3.76 -11.29
N LEU A 180 -6.75 -4.53 -10.95
CA LEU A 180 -8.06 -4.36 -11.54
C LEU A 180 -8.98 -3.66 -10.54
N ILE A 181 -9.49 -2.51 -10.95
CA ILE A 181 -10.36 -1.71 -10.10
C ILE A 181 -11.76 -1.66 -10.70
N GLU A 182 -12.75 -2.12 -9.97
CA GLU A 182 -14.13 -2.05 -10.43
C GLU A 182 -14.86 -0.93 -9.69
N GLU A 183 -15.24 0.10 -10.44
CA GLU A 183 -15.82 1.29 -9.85
C GLU A 183 -17.33 1.19 -9.71
N LYS A 184 -17.81 1.66 -8.56
CA LYS A 184 -19.22 1.83 -8.28
C LYS A 184 -20.01 0.54 -8.37
N GLU A 185 -19.35 -0.59 -8.12
CA GLU A 185 -20.05 -1.87 -8.08
C GLU A 185 -20.64 -2.08 -6.68
N SER A 186 -21.48 -1.15 -6.29
CA SER A 186 -22.11 -1.17 -4.99
C SER A 186 -23.61 -1.31 -5.11
N LYS A 187 -24.06 -1.88 -6.23
CA LYS A 187 -25.47 -2.07 -6.49
C LYS A 187 -26.04 -3.10 -5.53
N GLU A 188 -25.47 -4.29 -5.59
CA GLU A 188 -25.89 -5.39 -4.74
C GLU A 188 -24.73 -6.35 -4.53
N HIS A 189 -24.16 -6.31 -3.33
CA HIS A 189 -23.08 -7.21 -2.98
C HIS A 189 -23.65 -8.58 -2.61
N HIS A 190 -24.10 -9.30 -3.65
CA HIS A 190 -24.71 -10.62 -3.52
C HIS A 190 -26.14 -10.54 -3.00
N HIS A 191 -26.35 -9.84 -1.89
CA HIS A 191 -27.68 -9.63 -1.35
C HIS A 191 -27.82 -8.18 -0.87
N HIS A 192 -28.76 -7.44 -1.44
CA HIS A 192 -28.99 -6.06 -1.04
C HIS A 192 -30.40 -5.61 -1.44
N HIS A 193 -31.32 -6.56 -1.50
CA HIS A 193 -32.72 -6.24 -1.81
C HIS A 193 -33.65 -6.84 -0.77
N HIS A 194 -33.10 -7.12 0.41
CA HIS A 194 -33.90 -7.67 1.50
C HIS A 194 -34.09 -6.62 2.58
OAA Z90 B . 8.67 -0.42 -4.97
OAB Z90 B . 11.25 -0.60 -1.53
OAC Z90 B . 7.30 0.51 -6.44
OAD Z90 B . 10.54 -0.48 0.51
CAE Z90 B . 8.10 6.78 7.01
CAF Z90 B . 8.23 7.66 5.95
CAG Z90 B . 7.30 5.66 6.89
CAH Z90 B . -0.29 3.20 -4.73
CAI Z90 B . -0.82 4.29 -4.04
CAJ Z90 B . 7.56 7.42 4.75
CAK Z90 B . 6.63 5.40 5.70
CAL Z90 B . 0.77 2.49 -4.20
CAM Z90 B . -0.27 4.67 -2.82
CAN Z90 B . 3.97 7.31 1.30
CAO Z90 B . 3.15 5.31 2.34
CAP Z90 B . 3.18 7.05 0.18
CAQ Z90 B . 2.36 5.05 1.22
CAR Z90 B . 7.99 1.47 -2.89
CAS Z90 B . 7.42 1.93 -0.61
CAT Z90 B . 9.06 0.70 -2.47
CAU Z90 B . 8.49 1.17 -0.18
CAV Z90 B . 5.07 -0.44 -5.23
CAW Z90 B . 5.01 0.92 -4.52
CAX Z90 B . 6.41 -1.13 -4.97
CAY Z90 B . 6.07 6.06 3.45
CAZ Z90 B . 4.70 6.73 3.52
CBA Z90 B . 2.36 2.13 -2.42
CBB Z90 B . 4.93 0.71 -3.00
CBC Z90 B . 3.69 2.80 -2.75
CBD Z90 B . 1.58 5.67 -0.97
CBE Z90 B . 6.06 2.79 -2.38
OBF Z90 B . 1.40 4.25 -1.11
CBG Z90 B . 7.56 -0.29 -5.51
CBH Z90 B . 10.40 -0.20 -0.70
CBI Z90 B . 6.77 6.29 4.63
CBJ Z90 B . 3.95 6.44 2.38
CBK Z90 B . 2.37 5.92 0.14
CBL Z90 B . 7.16 2.08 -1.96
CBM Z90 B . 9.32 0.55 -1.12
CBN Z90 B . 1.32 2.86 -2.99
CBO Z90 B . 0.80 3.95 -2.30
NBP Z90 B . 4.83 1.99 -2.25
HAE Z90 B . 8.63 6.97 7.95
HAF Z90 B . 8.86 8.55 6.05
HAG Z90 B . 7.21 4.96 7.72
HAH Z90 B . -0.72 2.91 -5.69
HAI Z90 B . -1.67 4.84 -4.45
HAJ Z90 B . 7.66 8.11 3.92
HAK Z90 B . 6.01 4.52 5.61
HAL Z90 B . 1.20 1.65 -4.75
HAM Z90 B . -0.68 5.51 -2.27
HAN Z90 B . 4.61 8.19 1.32
HAO Z90 B . 3.13 4.61 3.18
HAP Z90 B . 3.20 7.74 -0.67
HAQ Z90 B . 1.72 4.16 1.20
HAR Z90 B . 7.79 1.59 -3.96
HAS Z90 B . 6.77 2.42 0.13
HAT Z90 B . 9.71 0.22 -3.20
HAU Z90 B . 8.71 1.06 0.88
HAV Z90 B . 4.26 -1.08 -4.86
HAVA Z90 B . 4.94 -0.28 -6.30
HAW Z90 B . 5.90 1.50 -4.75
HAWA Z90 B . 4.14 1.46 -4.87
HAX Z90 B . 6.42 -2.11 -5.47
HAXA Z90 B . 6.53 -1.28 -3.90
HAY Z90 B . 5.96 4.99 3.29
HAYA Z90 B . 6.63 6.48 2.60
HAZ Z90 B . 4.16 6.36 4.40
HAZA Z90 B . 4.82 7.80 3.61
HBA Z90 B . 2.35 1.11 -2.83
HBAA Z90 B . 2.23 2.06 -1.34
HBB Z90 B . 4.05 0.11 -2.78
HBBA Z90 B . 5.81 0.17 -2.67
HBC Z90 B . 3.72 3.77 -2.25
HBCA Z90 B . 3.78 2.95 -3.81
HBD Z90 B . 0.61 6.13 -0.84
HBDA Z90 B . 2.05 6.07 -1.87
HBE Z90 B . 6.18 3.09 -3.42
HBEA Z90 B . 5.96 3.69 -1.76
N MET A 1 11.35 -2.73 2.24
CA MET A 1 10.15 -1.98 2.68
C MET A 1 10.35 -1.51 4.12
N TYR A 2 11.21 -0.51 4.32
CA TYR A 2 11.63 -0.14 5.67
C TYR A 2 11.57 1.37 5.90
N GLY A 3 12.04 1.78 7.08
CA GLY A 3 12.14 3.19 7.44
C GLY A 3 10.80 3.86 7.71
N PHE A 4 10.05 4.13 6.66
CA PHE A 4 8.80 4.85 6.80
C PHE A 4 7.65 3.88 7.02
N VAL A 5 7.43 3.00 6.05
CA VAL A 5 6.31 2.08 6.09
C VAL A 5 6.49 1.01 7.17
N ASN A 6 7.72 0.61 7.45
CA ASN A 6 7.96 -0.39 8.49
C ASN A 6 7.71 0.22 9.86
N HIS A 7 8.00 1.51 10.00
CA HIS A 7 7.70 2.21 11.24
C HIS A 7 6.20 2.34 11.43
N ALA A 8 5.48 2.47 10.32
CA ALA A 8 4.03 2.47 10.33
C ALA A 8 3.50 1.07 10.67
N LEU A 9 4.24 0.06 10.21
CA LEU A 9 3.90 -1.33 10.52
C LEU A 9 4.00 -1.57 12.02
N GLU A 10 5.04 -1.02 12.63
CA GLU A 10 5.19 -1.08 14.08
C GLU A 10 3.96 -0.51 14.76
N LEU A 11 3.69 0.76 14.48
CA LEU A 11 2.56 1.48 15.07
C LEU A 11 1.25 0.74 14.81
N LEU A 12 1.13 0.15 13.62
CA LEU A 12 -0.09 -0.59 13.24
C LEU A 12 -0.45 -1.64 14.28
N VAL A 13 0.44 -2.60 14.46
CA VAL A 13 0.16 -3.72 15.35
C VAL A 13 0.14 -3.30 16.82
N ILE A 14 0.92 -2.27 17.14
CA ILE A 14 1.00 -1.76 18.51
C ILE A 14 -0.32 -1.10 18.92
N ARG A 15 -0.86 -0.23 18.07
CA ARG A 15 -2.07 0.49 18.40
C ARG A 15 -3.33 -0.33 18.12
N ASN A 16 -3.31 -1.09 17.04
CA ASN A 16 -4.48 -1.87 16.67
C ASN A 16 -4.68 -3.07 17.60
N TYR A 17 -3.60 -3.60 18.13
CA TYR A 17 -3.67 -4.79 18.98
C TYR A 17 -2.91 -4.61 20.29
N GLY A 18 -1.62 -4.37 20.19
CA GLY A 18 -0.81 -4.18 21.38
C GLY A 18 0.68 -4.24 21.08
N PRO A 19 1.51 -3.59 21.92
CA PRO A 19 2.98 -3.58 21.74
C PRO A 19 3.57 -4.98 21.74
N GLU A 20 2.97 -5.86 22.55
CA GLU A 20 3.46 -7.24 22.69
C GLU A 20 3.37 -7.99 21.38
N VAL A 21 2.43 -7.58 20.53
CA VAL A 21 2.24 -8.20 19.23
C VAL A 21 3.46 -7.95 18.36
N TRP A 22 3.92 -6.71 18.36
CA TRP A 22 5.10 -6.32 17.57
C TRP A 22 6.33 -7.07 18.07
N GLU A 23 6.41 -7.27 19.37
CA GLU A 23 7.53 -7.99 19.96
C GLU A 23 7.52 -9.44 19.50
N ASP A 24 6.34 -10.05 19.53
CA ASP A 24 6.18 -11.45 19.10
C ASP A 24 6.55 -11.60 17.63
N ILE A 25 6.17 -10.61 16.83
CA ILE A 25 6.50 -10.57 15.41
C ILE A 25 8.01 -10.53 15.21
N LYS A 26 8.67 -9.62 15.93
CA LYS A 26 10.11 -9.46 15.83
C LYS A 26 10.83 -10.74 16.26
N LYS A 27 10.34 -11.35 17.33
CA LYS A 27 10.91 -12.60 17.84
C LYS A 27 10.84 -13.69 16.77
N GLU A 28 9.65 -13.87 16.20
CA GLU A 28 9.39 -14.95 15.27
C GLU A 28 10.14 -14.75 13.96
N ALA A 29 10.36 -13.49 13.59
CA ALA A 29 11.04 -13.17 12.34
C ALA A 29 12.55 -13.08 12.52
N GLN A 30 13.02 -13.38 13.72
CA GLN A 30 14.45 -13.29 14.06
C GLN A 30 14.98 -11.88 13.85
N LEU A 31 14.11 -10.90 14.02
CA LEU A 31 14.48 -9.51 13.87
C LEU A 31 14.20 -8.77 15.17
N ASP A 32 14.35 -9.48 16.28
CA ASP A 32 14.17 -8.89 17.60
C ASP A 32 15.36 -8.02 17.94
N GLU A 33 16.53 -8.44 17.51
CA GLU A 33 17.74 -7.69 17.74
C GLU A 33 18.15 -6.99 16.44
N GLU A 34 17.19 -6.27 15.87
CA GLU A 34 17.43 -5.54 14.63
C GLU A 34 18.29 -4.30 14.86
N GLY A 35 18.83 -3.76 13.78
CA GLY A 35 19.65 -2.57 13.86
C GLY A 35 18.89 -1.34 13.40
N GLN A 36 17.66 -1.20 13.89
CA GLN A 36 16.80 -0.07 13.57
C GLN A 36 16.25 -0.19 12.16
N PHE A 37 14.93 -0.25 12.05
CA PHE A 37 14.27 -0.41 10.75
C PHE A 37 14.22 0.91 9.99
N LEU A 38 15.38 1.41 9.60
CA LEU A 38 15.46 2.61 8.78
C LEU A 38 15.61 2.26 7.31
N VAL A 39 15.25 3.21 6.44
CA VAL A 39 15.24 2.96 5.00
C VAL A 39 16.53 3.45 4.34
N ARG A 40 17.43 3.99 5.15
CA ARG A 40 18.72 4.46 4.64
C ARG A 40 19.60 3.29 4.20
N ILE A 41 19.70 2.28 5.06
CA ILE A 41 20.47 1.08 4.75
C ILE A 41 19.74 0.25 3.69
N ILE A 42 18.42 0.35 3.68
CA ILE A 42 17.58 -0.41 2.75
C ILE A 42 17.75 -1.91 3.00
N TYR A 43 17.02 -2.43 3.97
CA TYR A 43 17.07 -3.84 4.29
C TYR A 43 16.30 -4.63 3.24
N ASP A 44 16.77 -5.84 2.97
CA ASP A 44 16.15 -6.72 1.97
C ASP A 44 14.68 -6.96 2.28
N ASP A 45 13.85 -6.76 1.27
CA ASP A 45 12.41 -6.94 1.38
C ASP A 45 12.06 -8.40 1.73
N SER A 46 13.01 -9.29 1.51
CA SER A 46 12.86 -10.69 1.85
C SER A 46 12.63 -10.85 3.36
N LYS A 47 13.17 -9.93 4.16
CA LYS A 47 13.02 -10.00 5.60
C LYS A 47 11.63 -9.54 6.02
N THR A 48 11.08 -8.56 5.29
CA THR A 48 9.73 -8.09 5.56
C THR A 48 8.69 -9.16 5.21
N TYR A 49 9.05 -10.06 4.30
CA TYR A 49 8.19 -11.20 3.99
C TYR A 49 7.98 -12.05 5.24
N ASP A 50 9.05 -12.18 6.01
CA ASP A 50 9.02 -13.00 7.21
C ASP A 50 8.32 -12.25 8.34
N LEU A 51 8.48 -10.92 8.35
CA LEU A 51 7.80 -10.08 9.32
C LEU A 51 6.29 -10.21 9.21
N VAL A 52 5.77 -10.08 7.99
CA VAL A 52 4.33 -10.19 7.78
C VAL A 52 3.85 -11.61 8.03
N ALA A 53 4.75 -12.57 7.87
CA ALA A 53 4.44 -13.96 8.15
C ALA A 53 4.29 -14.17 9.66
N ALA A 54 5.19 -13.58 10.42
CA ALA A 54 5.13 -13.63 11.87
C ALA A 54 3.87 -12.93 12.37
N ALA A 55 3.48 -11.87 11.67
CA ALA A 55 2.26 -11.16 12.00
C ALA A 55 1.04 -12.02 11.70
N SER A 56 1.13 -12.78 10.61
CA SER A 56 0.07 -13.71 10.23
C SER A 56 -0.15 -14.75 11.32
N LYS A 57 0.91 -15.05 12.05
CA LYS A 57 0.85 -16.01 13.14
C LYS A 57 0.16 -15.42 14.36
N VAL A 58 0.72 -14.33 14.88
CA VAL A 58 0.26 -13.74 16.14
C VAL A 58 -1.12 -13.07 15.99
N LEU A 59 -1.40 -12.54 14.80
CA LEU A 59 -2.68 -11.90 14.55
C LEU A 59 -3.71 -12.92 14.09
N ASN A 60 -3.22 -14.07 13.65
CA ASN A 60 -4.06 -15.16 13.14
C ASN A 60 -4.81 -14.71 11.88
N LEU A 61 -4.31 -13.66 11.25
CA LEU A 61 -4.91 -13.13 10.05
C LEU A 61 -4.13 -13.59 8.83
N ASN A 62 -4.76 -13.54 7.67
CA ASN A 62 -4.08 -13.89 6.44
C ASN A 62 -3.22 -12.72 5.98
N ALA A 63 -2.11 -13.00 5.32
CA ALA A 63 -1.18 -11.95 4.91
C ALA A 63 -1.90 -10.81 4.19
N GLY A 64 -2.75 -11.16 3.23
CA GLY A 64 -3.47 -10.16 2.45
C GLY A 64 -4.32 -9.25 3.32
N GLU A 65 -4.92 -9.81 4.36
CA GLU A 65 -5.74 -9.03 5.28
C GLU A 65 -4.89 -7.99 6.02
N ILE A 66 -3.74 -8.43 6.49
CA ILE A 66 -2.84 -7.57 7.24
C ILE A 66 -2.28 -6.46 6.35
N LEU A 67 -1.93 -6.84 5.12
CA LEU A 67 -1.33 -5.91 4.17
C LEU A 67 -2.30 -4.79 3.80
N GLN A 68 -3.55 -5.13 3.52
CA GLN A 68 -4.53 -4.12 3.13
C GLN A 68 -4.92 -3.28 4.34
N MET A 69 -4.92 -3.90 5.53
CA MET A 69 -5.18 -3.17 6.77
C MET A 69 -4.08 -2.15 7.03
N PHE A 70 -2.86 -2.52 6.66
CA PHE A 70 -1.73 -1.61 6.75
C PHE A 70 -1.96 -0.39 5.88
N GLY A 71 -2.38 -0.63 4.63
CA GLY A 71 -2.68 0.48 3.73
C GLY A 71 -3.84 1.32 4.22
N LYS A 72 -4.79 0.67 4.88
CA LYS A 72 -5.94 1.35 5.47
C LYS A 72 -5.49 2.37 6.51
N MET A 73 -4.67 1.93 7.47
CA MET A 73 -4.19 2.81 8.51
C MET A 73 -3.14 3.79 7.96
N PHE A 74 -2.47 3.39 6.89
CA PHE A 74 -1.44 4.22 6.26
C PHE A 74 -2.01 5.59 5.91
N PHE A 75 -3.28 5.60 5.48
CA PHE A 75 -3.97 6.83 5.12
C PHE A 75 -3.96 7.83 6.28
N VAL A 76 -4.32 7.37 7.47
CA VAL A 76 -4.37 8.26 8.63
C VAL A 76 -2.98 8.44 9.23
N PHE A 77 -2.07 7.52 8.93
CA PHE A 77 -0.71 7.58 9.42
C PHE A 77 0.03 8.79 8.84
N CYS A 78 0.10 8.85 7.51
CA CYS A 78 0.82 9.92 6.84
C CYS A 78 0.12 11.26 7.05
N GLN A 79 -1.21 11.22 7.11
CA GLN A 79 -2.01 12.40 7.33
C GLN A 79 -1.72 13.04 8.69
N GLU A 80 -1.39 12.20 9.67
CA GLU A 80 -1.21 12.66 11.05
C GLU A 80 0.16 13.33 11.24
N SER A 81 0.87 13.56 10.14
CA SER A 81 2.18 14.17 10.22
C SER A 81 2.09 15.69 10.22
N GLY A 82 0.86 16.20 10.31
CA GLY A 82 0.67 17.64 10.37
C GLY A 82 0.18 18.22 9.06
N TYR A 83 0.50 17.56 7.97
CA TYR A 83 0.08 18.03 6.66
C TYR A 83 -1.28 17.43 6.31
N ASP A 84 -2.30 18.28 6.37
CA ASP A 84 -3.69 17.87 6.20
C ASP A 84 -3.96 17.36 4.78
N THR A 85 -3.69 18.21 3.80
CA THR A 85 -3.98 17.86 2.42
C THR A 85 -2.77 17.22 1.72
N ILE A 86 -1.59 17.82 1.90
CA ILE A 86 -0.40 17.42 1.14
C ILE A 86 -0.01 15.97 1.40
N LEU A 87 0.24 15.63 2.66
CA LEU A 87 0.78 14.31 2.97
C LEU A 87 -0.34 13.29 3.19
N ARG A 88 -1.58 13.75 3.15
CA ARG A 88 -2.72 12.84 3.30
C ARG A 88 -2.81 11.91 2.11
N VAL A 89 -2.98 12.50 0.92
CA VAL A 89 -3.03 11.70 -0.30
C VAL A 89 -2.08 12.26 -1.35
N LEU A 90 -0.83 11.85 -1.22
CA LEU A 90 0.24 12.06 -2.22
C LEU A 90 0.17 13.43 -2.91
N GLY A 91 0.04 14.47 -2.12
CA GLY A 91 0.19 15.83 -2.63
C GLY A 91 -1.06 16.42 -3.27
N SER A 92 -1.90 15.61 -3.89
CA SER A 92 -3.02 16.16 -4.64
C SER A 92 -4.32 15.38 -4.43
N ASN A 93 -4.55 14.34 -5.21
CA ASN A 93 -5.83 13.66 -5.21
C ASN A 93 -5.70 12.25 -5.79
N VAL A 94 -6.81 11.52 -5.82
CA VAL A 94 -6.83 10.09 -6.18
C VAL A 94 -6.21 9.82 -7.55
N ARG A 95 -6.89 10.22 -8.61
CA ARG A 95 -6.41 9.96 -9.97
C ARG A 95 -5.23 10.86 -10.28
N GLU A 96 -5.11 11.95 -9.55
CA GLU A 96 -4.01 12.88 -9.73
C GLU A 96 -2.68 12.20 -9.41
N PHE A 97 -2.56 11.70 -8.18
CA PHE A 97 -1.29 11.12 -7.75
C PHE A 97 -1.01 9.81 -8.47
N LEU A 98 -2.09 9.11 -8.83
CA LEU A 98 -1.95 7.83 -9.52
C LEU A 98 -1.37 8.00 -10.92
N GLN A 99 -1.80 9.06 -11.60
CA GLN A 99 -1.30 9.32 -12.95
C GLN A 99 0.02 10.09 -12.91
N ASN A 100 0.30 10.73 -11.78
CA ASN A 100 1.56 11.46 -11.61
C ASN A 100 2.57 10.61 -10.83
N LEU A 101 2.18 9.39 -10.48
CA LEU A 101 3.03 8.50 -9.69
C LEU A 101 4.26 8.09 -10.49
N ASP A 102 4.11 8.08 -11.81
CA ASP A 102 5.23 7.79 -12.70
C ASP A 102 6.29 8.90 -12.60
N ALA A 103 5.82 10.12 -12.40
CA ALA A 103 6.71 11.26 -12.18
C ALA A 103 7.38 11.17 -10.81
N LEU A 104 6.57 10.85 -9.80
CA LEU A 104 7.07 10.69 -8.44
C LEU A 104 8.13 9.58 -8.40
N HIS A 105 7.89 8.57 -9.23
CA HIS A 105 8.83 7.46 -9.42
C HIS A 105 10.23 7.98 -9.73
N ASP A 106 10.32 8.88 -10.72
CA ASP A 106 11.61 9.43 -11.11
C ASP A 106 12.16 10.33 -10.01
N HIS A 107 11.29 11.11 -9.40
CA HIS A 107 11.69 12.07 -8.38
C HIS A 107 12.28 11.38 -7.16
N LEU A 108 11.52 10.48 -6.54
CA LEU A 108 11.97 9.81 -5.33
C LEU A 108 13.27 9.04 -5.56
N ALA A 109 13.38 8.43 -6.73
CA ALA A 109 14.56 7.67 -7.10
C ALA A 109 15.80 8.55 -7.13
N THR A 110 15.66 9.77 -7.64
CA THR A 110 16.78 10.70 -7.72
C THR A 110 17.08 11.34 -6.35
N ILE A 111 16.07 11.43 -5.50
CA ILE A 111 16.25 12.00 -4.17
C ILE A 111 17.03 11.03 -3.29
N TYR A 112 16.62 9.77 -3.30
CA TYR A 112 17.28 8.75 -2.50
C TYR A 112 17.93 7.70 -3.41
N PRO A 113 19.17 7.95 -3.85
CA PRO A 113 19.91 7.03 -4.72
C PRO A 113 20.13 5.68 -4.06
N GLY A 114 19.43 4.67 -4.56
CA GLY A 114 19.52 3.34 -4.01
C GLY A 114 18.18 2.65 -3.97
N MET A 115 17.19 3.33 -3.40
CA MET A 115 15.85 2.77 -3.30
C MET A 115 15.02 3.14 -4.52
N ARG A 116 14.21 2.21 -4.99
CA ARG A 116 13.34 2.45 -6.14
C ARG A 116 11.94 2.82 -5.68
N ALA A 117 11.26 3.63 -6.48
CA ALA A 117 9.90 4.05 -6.15
C ALA A 117 8.90 3.41 -7.10
N PRO A 118 8.05 2.51 -6.59
CA PRO A 118 7.04 1.80 -7.40
C PRO A 118 6.15 2.73 -8.21
N SER A 119 6.18 2.57 -9.52
CA SER A 119 5.35 3.37 -10.41
C SER A 119 4.16 2.57 -10.88
N PHE A 120 3.02 2.79 -10.23
CA PHE A 120 1.79 2.13 -10.64
C PHE A 120 1.11 2.95 -11.73
N ARG A 121 0.96 2.36 -12.89
CA ARG A 121 0.33 3.03 -14.01
C ARG A 121 -1.02 2.41 -14.32
N CYS A 122 -2.05 3.24 -14.33
CA CYS A 122 -3.41 2.77 -14.51
C CYS A 122 -3.88 2.97 -15.94
N THR A 123 -4.72 2.06 -16.40
CA THR A 123 -5.35 2.17 -17.70
C THR A 123 -6.85 1.94 -17.55
N ASP A 124 -7.65 2.73 -18.26
CA ASP A 124 -9.10 2.63 -18.16
C ASP A 124 -9.58 1.26 -18.60
N ALA A 125 -10.50 0.70 -17.82
CA ALA A 125 -11.02 -0.63 -18.10
C ALA A 125 -12.48 -0.57 -18.53
N GLU A 126 -12.69 -0.65 -19.84
CA GLU A 126 -14.03 -0.61 -20.42
C GLU A 126 -14.85 -1.81 -19.97
N LYS A 127 -14.31 -3.02 -20.15
CA LYS A 127 -15.03 -4.23 -19.76
C LYS A 127 -15.09 -4.37 -18.25
N GLY A 128 -14.25 -3.60 -17.55
CA GLY A 128 -14.22 -3.66 -16.11
C GLY A 128 -15.07 -2.61 -15.46
N LYS A 129 -15.49 -1.61 -16.25
CA LYS A 129 -16.27 -0.48 -15.75
C LYS A 129 -15.52 0.23 -14.63
N GLY A 130 -14.25 0.48 -14.89
CA GLY A 130 -13.40 1.13 -13.92
C GLY A 130 -12.03 1.39 -14.48
N LEU A 131 -11.01 0.81 -13.86
CA LEU A 131 -9.64 0.98 -14.31
C LEU A 131 -8.78 -0.18 -13.83
N ILE A 132 -7.76 -0.50 -14.60
CA ILE A 132 -6.84 -1.56 -14.25
C ILE A 132 -5.41 -1.04 -14.30
N LEU A 133 -4.72 -1.07 -13.17
CA LEU A 133 -3.33 -0.65 -13.15
C LEU A 133 -2.45 -1.89 -13.16
N HIS A 134 -1.32 -1.79 -13.85
CA HIS A 134 -0.50 -2.95 -14.13
C HIS A 134 0.97 -2.69 -13.83
N TYR A 135 1.41 -3.13 -12.66
CA TYR A 135 2.78 -2.94 -12.23
C TYR A 135 3.25 -4.17 -11.46
N TYR A 136 4.55 -4.42 -11.44
CA TYR A 136 5.10 -5.49 -10.64
C TYR A 136 5.87 -4.94 -9.44
N SER A 137 5.34 -5.18 -8.25
CA SER A 137 5.99 -4.77 -7.02
C SER A 137 7.31 -5.51 -6.82
N GLU A 138 8.36 -4.75 -6.49
CA GLU A 138 9.69 -5.31 -6.26
C GLU A 138 9.67 -6.29 -5.10
N ARG A 139 8.67 -6.17 -4.25
CA ARG A 139 8.47 -7.09 -3.16
C ARG A 139 7.15 -7.85 -3.35
N GLU A 140 7.21 -8.88 -4.18
CA GLU A 140 6.04 -9.67 -4.51
C GLU A 140 5.46 -10.35 -3.28
N GLY A 141 4.14 -10.42 -3.24
CA GLY A 141 3.45 -10.98 -2.09
C GLY A 141 2.83 -9.90 -1.23
N LEU A 142 3.39 -8.69 -1.33
CA LEU A 142 2.95 -7.56 -0.51
C LEU A 142 2.16 -6.56 -1.35
N GLN A 143 1.66 -7.00 -2.49
CA GLN A 143 0.90 -6.12 -3.39
C GLN A 143 -0.44 -5.71 -2.76
N ASP A 144 -0.89 -6.44 -1.74
CA ASP A 144 -2.15 -6.14 -1.08
C ASP A 144 -2.11 -4.81 -0.33
N ILE A 145 -0.91 -4.30 -0.10
CA ILE A 145 -0.73 -3.00 0.55
C ILE A 145 -1.36 -1.91 -0.31
N VAL A 146 -1.18 -2.04 -1.62
CA VAL A 146 -1.71 -1.08 -2.58
C VAL A 146 -3.23 -1.01 -2.50
N ILE A 147 -3.83 -2.18 -2.27
CA ILE A 147 -5.27 -2.30 -2.15
C ILE A 147 -5.81 -1.36 -1.07
N GLY A 148 -5.19 -1.42 0.10
CA GLY A 148 -5.64 -0.63 1.23
C GLY A 148 -5.47 0.87 1.02
N ILE A 149 -4.39 1.25 0.35
CA ILE A 149 -4.08 2.66 0.15
C ILE A 149 -5.07 3.32 -0.81
N ILE A 150 -5.16 2.78 -2.02
CA ILE A 150 -5.94 3.41 -3.08
C ILE A 150 -7.44 3.36 -2.76
N LYS A 151 -7.87 2.23 -2.20
CA LYS A 151 -9.27 2.04 -1.83
C LYS A 151 -9.73 3.09 -0.84
N THR A 152 -8.88 3.39 0.15
CA THR A 152 -9.22 4.33 1.20
C THR A 152 -9.24 5.77 0.70
N VAL A 153 -8.25 6.13 -0.12
CA VAL A 153 -8.14 7.52 -0.59
C VAL A 153 -9.31 7.88 -1.52
N ALA A 154 -9.78 6.91 -2.29
CA ALA A 154 -10.87 7.16 -3.23
C ALA A 154 -12.18 7.40 -2.49
N GLN A 155 -12.46 6.57 -1.51
CA GLN A 155 -13.72 6.66 -0.77
C GLN A 155 -13.69 7.83 0.20
N GLN A 156 -12.50 8.25 0.60
CA GLN A 156 -12.37 9.30 1.60
C GLN A 156 -12.49 10.67 0.96
N ILE A 157 -11.90 10.83 -0.22
CA ILE A 157 -11.91 12.12 -0.90
C ILE A 157 -13.22 12.32 -1.67
N HIS A 158 -13.48 11.47 -2.66
CA HIS A 158 -14.64 11.65 -3.52
C HIS A 158 -15.81 10.78 -3.08
N GLY A 159 -15.60 9.96 -2.06
CA GLY A 159 -16.63 9.04 -1.62
C GLY A 159 -16.83 7.93 -2.62
N THR A 160 -15.85 7.75 -3.48
CA THR A 160 -15.93 6.77 -4.54
C THR A 160 -15.30 5.46 -4.10
N GLU A 161 -16.12 4.52 -3.69
CA GLU A 161 -15.63 3.22 -3.31
C GLU A 161 -15.07 2.50 -4.53
N ILE A 162 -13.84 2.08 -4.46
CA ILE A 162 -13.25 1.28 -5.51
C ILE A 162 -12.90 -0.09 -4.97
N ASP A 163 -13.29 -1.12 -5.69
CA ASP A 163 -13.00 -2.48 -5.27
C ASP A 163 -11.77 -2.97 -5.99
N MET A 164 -10.71 -3.18 -5.23
CA MET A 164 -9.42 -3.54 -5.80
C MET A 164 -9.04 -4.97 -5.44
N LYS A 165 -8.71 -5.75 -6.45
CA LYS A 165 -8.22 -7.10 -6.25
C LYS A 165 -7.39 -7.51 -7.46
N VAL A 166 -6.41 -8.36 -7.24
CA VAL A 166 -5.57 -8.81 -8.33
C VAL A 166 -6.17 -10.03 -9.00
N ILE A 167 -6.23 -10.01 -10.31
CA ILE A 167 -6.79 -11.12 -11.06
C ILE A 167 -5.74 -12.21 -11.25
N GLN A 168 -4.49 -11.85 -11.04
CA GLN A 168 -3.38 -12.78 -11.08
C GLN A 168 -2.10 -12.06 -10.69
N GLN A 169 -1.35 -12.64 -9.77
CA GLN A 169 -0.07 -12.09 -9.37
C GLN A 169 1.02 -12.57 -10.32
N ARG A 170 0.98 -12.10 -11.55
CA ARG A 170 2.03 -12.41 -12.51
C ARG A 170 3.32 -11.75 -12.06
N ASN A 171 4.29 -12.57 -11.69
CA ASN A 171 5.58 -12.06 -11.24
C ASN A 171 6.39 -11.56 -12.42
N GLU A 172 7.59 -11.05 -12.15
CA GLU A 172 8.47 -10.57 -13.21
C GLU A 172 8.77 -11.71 -14.19
N GLU A 173 8.75 -12.92 -13.66
CA GLU A 173 8.98 -14.12 -14.45
C GLU A 173 7.93 -14.26 -15.54
N CYS A 174 6.72 -13.82 -15.24
CA CYS A 174 5.62 -13.89 -16.19
C CYS A 174 5.41 -12.54 -16.87
N ASP A 175 4.77 -11.60 -16.17
CA ASP A 175 4.46 -10.30 -16.74
C ASP A 175 4.53 -9.21 -15.68
N HIS A 176 3.46 -9.08 -14.92
CA HIS A 176 3.28 -8.01 -13.94
C HIS A 176 1.97 -8.22 -13.21
N THR A 177 1.85 -7.67 -12.02
CA THR A 177 0.67 -7.85 -11.21
C THR A 177 -0.49 -7.00 -11.74
N GLN A 178 -1.62 -7.65 -12.00
CA GLN A 178 -2.77 -6.99 -12.58
C GLN A 178 -3.82 -6.66 -11.52
N PHE A 179 -3.97 -5.38 -11.22
CA PHE A 179 -4.93 -4.94 -10.22
C PHE A 179 -6.24 -4.51 -10.90
N LEU A 180 -7.30 -5.25 -10.63
CA LEU A 180 -8.62 -4.92 -11.17
C LEU A 180 -9.33 -3.98 -10.21
N ILE A 181 -9.67 -2.79 -10.69
CA ILE A 181 -10.33 -1.80 -9.87
C ILE A 181 -11.74 -1.50 -10.38
N GLU A 182 -12.74 -1.94 -9.64
CA GLU A 182 -14.12 -1.63 -9.97
C GLU A 182 -14.59 -0.43 -9.14
N GLU A 183 -14.60 0.73 -9.76
CA GLU A 183 -14.98 1.95 -9.06
C GLU A 183 -16.50 2.11 -9.07
N LYS A 184 -17.04 2.54 -7.92
CA LYS A 184 -18.47 2.80 -7.81
C LYS A 184 -18.74 4.29 -7.79
N GLU A 185 -18.48 4.94 -8.91
CA GLU A 185 -18.75 6.36 -9.05
C GLU A 185 -20.13 6.60 -9.67
N SER A 186 -20.64 5.58 -10.34
CA SER A 186 -21.97 5.64 -10.92
C SER A 186 -23.01 5.25 -9.86
N LYS A 187 -24.28 5.27 -10.24
CA LYS A 187 -25.39 5.03 -9.31
C LYS A 187 -25.39 6.12 -8.24
N GLU A 188 -24.91 7.29 -8.65
CA GLU A 188 -24.83 8.44 -7.76
C GLU A 188 -26.19 9.10 -7.62
N HIS A 189 -26.82 9.37 -8.76
CA HIS A 189 -28.13 10.02 -8.76
C HIS A 189 -29.15 9.13 -9.47
N HIS A 190 -29.89 8.38 -8.68
CA HIS A 190 -30.96 7.54 -9.20
C HIS A 190 -31.98 7.26 -8.11
N HIS A 191 -32.42 8.32 -7.44
CA HIS A 191 -33.42 8.19 -6.38
C HIS A 191 -34.81 8.22 -7.00
N HIS A 192 -35.21 7.08 -7.58
CA HIS A 192 -36.46 6.95 -8.35
C HIS A 192 -36.34 7.69 -9.67
N HIS A 193 -35.95 8.95 -9.60
CA HIS A 193 -35.63 9.74 -10.79
C HIS A 193 -34.16 9.59 -11.11
N HIS A 194 -33.65 10.41 -12.03
CA HIS A 194 -32.24 10.39 -12.35
C HIS A 194 -31.48 11.42 -11.53
OAA Z90 B . 6.58 -1.92 -3.69
OAB Z90 B . 12.32 -0.30 -0.17
OAC Z90 B . 5.07 -1.96 -5.33
OAD Z90 B . 11.76 0.39 1.79
CAE Z90 B . 12.67 8.27 3.41
CAF Z90 B . 11.45 8.64 3.97
CAG Z90 B . 12.72 7.84 2.09
CAH Z90 B . 0.68 3.10 -3.49
CAI Z90 B . 0.64 4.49 -3.57
CAJ Z90 B . 10.29 8.59 3.20
CAK Z90 B . 11.57 7.80 1.32
CAL Z90 B . 1.87 2.45 -3.16
CAM Z90 B . 1.79 5.23 -3.30
CAN Z90 B . 7.48 6.22 -0.83
CAO Z90 B . 6.18 6.98 1.05
CAP Z90 B . 6.32 6.12 -1.59
CAQ Z90 B . 5.01 6.88 0.28
CAR Z90 B . 8.84 1.11 -1.80
CAS Z90 B . 8.06 1.56 0.44
CAT Z90 B . 10.05 0.68 -1.29
CAU Z90 B . 9.28 1.14 0.94
CAV Z90 B . 4.68 -1.89 -1.74
CAW Z90 B . 4.74 -0.37 -1.84
CAX Z90 B . 4.33 -2.47 -3.12
CAY Z90 B . 9.19 8.10 1.12
CAZ Z90 B . 8.55 6.72 1.26
CBA Z90 B . 4.20 2.55 -2.56
CBB Z90 B . 5.25 0.22 -0.51
CBC Z90 B . 4.28 2.38 -1.03
CBD Z90 B . 3.93 6.29 -1.79
CBE Z90 B . 6.63 2.00 -1.46
OBF Z90 B . 4.14 5.22 -2.72
CBG Z90 B . 5.42 -2.08 -4.14
CBH Z90 B . 11.50 0.25 0.58
CBI Z90 B . 10.35 8.16 1.88
CBJ Z90 B . 7.40 6.65 0.49
CBK Z90 B . 5.09 6.44 -1.04
CBL Z90 B . 7.84 1.54 -0.94
CBM Z90 B . 10.29 0.70 0.08
CBN Z90 B . 3.01 3.19 -2.90
CBO Z90 B . 2.96 4.57 -2.98
NBP Z90 B . 5.49 1.67 -0.57
HAE Z90 B . 13.58 8.31 4.01
HAF Z90 B . 11.40 8.97 5.00
HAG Z90 B . 13.68 7.56 1.65
HAH Z90 B . -0.22 2.51 -3.71
HAI Z90 B . -0.29 5.00 -3.81
HAJ Z90 B . 9.34 8.87 3.64
HAK Z90 B . 11.62 7.45 0.29
HAL Z90 B . 1.90 1.36 -3.11
HAM Z90 B . 1.77 6.31 -3.36
HAN Z90 B . 8.44 5.96 -1.27
HAO Z90 B . 6.11 7.32 2.08
HAP Z90 B . 6.38 5.78 -2.63
HAQ Z90 B . 4.05 7.15 0.71
HAR Z90 B . 8.66 1.07 -2.87
HAS Z90 B . 7.28 1.91 1.11
HAT Z90 B . 10.85 0.35 -1.97
HAU Z90 B . 9.46 1.16 2.01
HAV Z90 B . 5.63 -2.29 -1.40
HAVA Z90 B . 3.89 -2.17 -1.03
HAW Z90 B . 5.44 -0.08 -2.63
HAWA Z90 B . 3.76 0.03 -2.06
HAX Z90 B . 3.37 -2.09 -3.45
HAXA Z90 B . 4.27 -3.56 -3.04
HAY Z90 B . 9.42 8.29 0.07
HAYA Z90 B . 8.48 8.85 1.47
HAZ Z90 B . 9.26 5.96 0.93
HAZA Z90 B . 8.31 6.54 2.31
HBA Z90 B . 5.04 3.15 -2.90
HBAA Z90 B . 4.24 1.57 -3.04
HBB Z90 B . 4.50 0.02 0.27
HBBA Z90 B . 6.18 -0.29 -0.23
HBC Z90 B . 3.39 1.82 -0.69
HBCA Z90 B . 4.24 3.37 -0.57
HBD Z90 B . 3.10 6.04 -1.13
HBDA Z90 B . 3.70 7.20 -2.32
HBE Z90 B . 6.47 1.54 -2.43
HBEA Z90 B . 6.69 3.08 -1.59
N MET A 1 12.22 -4.82 4.04
CA MET A 1 11.97 -3.75 3.06
C MET A 1 12.46 -2.42 3.62
N TYR A 2 12.17 -1.32 2.95
CA TYR A 2 12.56 -0.01 3.45
C TYR A 2 11.95 0.24 4.82
N GLY A 3 12.79 0.68 5.75
CA GLY A 3 12.39 0.83 7.14
C GLY A 3 11.30 1.84 7.35
N PHE A 4 11.11 2.75 6.40
CA PHE A 4 10.06 3.75 6.50
C PHE A 4 8.69 3.08 6.61
N VAL A 5 8.34 2.30 5.59
CA VAL A 5 7.03 1.65 5.55
C VAL A 5 6.96 0.51 6.57
N ASN A 6 8.09 -0.06 6.92
CA ASN A 6 8.12 -1.14 7.91
C ASN A 6 7.94 -0.58 9.31
N HIS A 7 8.47 0.62 9.54
CA HIS A 7 8.27 1.30 10.81
C HIS A 7 6.82 1.70 10.98
N ALA A 8 6.16 1.97 9.85
CA ALA A 8 4.73 2.26 9.85
C ALA A 8 3.95 1.00 10.21
N LEU A 9 4.47 -0.15 9.78
CA LEU A 9 3.86 -1.44 10.11
C LEU A 9 3.91 -1.68 11.61
N GLU A 10 5.00 -1.24 12.23
CA GLU A 10 5.14 -1.32 13.68
C GLU A 10 3.98 -0.60 14.36
N LEU A 11 3.81 0.67 13.98
CA LEU A 11 2.76 1.51 14.54
C LEU A 11 1.39 0.86 14.37
N LEU A 12 1.19 0.19 13.23
CA LEU A 12 -0.06 -0.51 12.95
C LEU A 12 -0.37 -1.52 14.04
N VAL A 13 0.59 -2.38 14.31
CA VAL A 13 0.40 -3.46 15.28
C VAL A 13 0.44 -2.93 16.72
N ILE A 14 1.38 -2.05 17.00
CA ILE A 14 1.56 -1.50 18.34
C ILE A 14 0.30 -0.78 18.83
N ARG A 15 -0.24 0.10 18.00
CA ARG A 15 -1.35 0.95 18.43
C ARG A 15 -2.67 0.19 18.48
N ASN A 16 -2.85 -0.77 17.60
CA ASN A 16 -4.14 -1.48 17.52
C ASN A 16 -4.15 -2.75 18.36
N TYR A 17 -3.03 -3.45 18.40
CA TYR A 17 -2.97 -4.72 19.12
C TYR A 17 -2.22 -4.54 20.44
N GLY A 18 -0.96 -4.12 20.35
CA GLY A 18 -0.17 -3.91 21.53
C GLY A 18 1.31 -3.84 21.25
N PRO A 19 2.06 -3.00 21.97
CA PRO A 19 3.51 -2.89 21.80
C PRO A 19 4.22 -4.20 22.11
N GLU A 20 3.80 -4.84 23.20
CA GLU A 20 4.37 -6.09 23.63
C GLU A 20 4.17 -7.16 22.55
N VAL A 21 3.01 -7.12 21.90
CA VAL A 21 2.68 -8.07 20.85
C VAL A 21 3.64 -7.90 19.67
N TRP A 22 3.88 -6.64 19.32
CA TRP A 22 4.77 -6.35 18.21
C TRP A 22 6.20 -6.80 18.52
N GLU A 23 6.62 -6.62 19.77
CA GLU A 23 7.95 -7.04 20.20
C GLU A 23 8.14 -8.53 19.98
N ASP A 24 7.07 -9.28 20.20
CA ASP A 24 7.11 -10.73 20.03
C ASP A 24 7.26 -11.10 18.55
N ILE A 25 6.49 -10.42 17.70
CA ILE A 25 6.55 -10.64 16.26
C ILE A 25 7.91 -10.20 15.70
N LYS A 26 8.34 -9.01 16.12
CA LYS A 26 9.60 -8.42 15.71
C LYS A 26 10.77 -9.37 15.99
N LYS A 27 10.63 -10.12 17.07
CA LYS A 27 11.66 -11.08 17.48
C LYS A 27 11.58 -12.37 16.64
N GLU A 28 10.36 -12.85 16.41
CA GLU A 28 10.18 -14.10 15.68
C GLU A 28 10.58 -13.96 14.22
N ALA A 29 10.42 -12.76 13.68
CA ALA A 29 10.84 -12.48 12.31
C ALA A 29 12.36 -12.26 12.27
N GLN A 30 12.98 -12.31 13.46
CA GLN A 30 14.43 -12.16 13.61
C GLN A 30 14.90 -10.80 13.12
N LEU A 31 14.00 -9.82 13.14
CA LEU A 31 14.32 -8.50 12.66
C LEU A 31 14.66 -7.57 13.82
N ASP A 32 14.27 -7.98 15.02
CA ASP A 32 14.68 -7.28 16.23
C ASP A 32 16.19 -7.43 16.40
N GLU A 33 16.72 -8.49 15.81
CA GLU A 33 18.14 -8.76 15.82
C GLU A 33 18.89 -7.71 15.02
N GLU A 34 18.24 -7.18 13.99
CA GLU A 34 18.83 -6.16 13.14
C GLU A 34 18.66 -4.76 13.73
N GLY A 35 17.78 -4.66 14.72
CA GLY A 35 17.62 -3.41 15.44
C GLY A 35 16.31 -2.72 15.16
N GLN A 36 16.38 -1.43 14.90
CA GLN A 36 15.19 -0.61 14.70
C GLN A 36 15.02 -0.27 13.22
N PHE A 37 13.78 -0.18 12.79
CA PHE A 37 13.46 0.09 11.40
C PHE A 37 13.41 1.59 11.15
N LEU A 38 14.54 2.17 10.80
CA LEU A 38 14.60 3.57 10.44
C LEU A 38 14.45 3.73 8.94
N VAL A 39 14.37 4.96 8.46
CA VAL A 39 14.15 5.20 7.04
C VAL A 39 15.33 4.66 6.21
N ARG A 40 16.53 4.88 6.69
CA ARG A 40 17.73 4.48 5.98
C ARG A 40 17.92 2.96 6.00
N ILE A 41 17.22 2.29 6.91
CA ILE A 41 17.33 0.84 7.03
C ILE A 41 16.71 0.16 5.82
N ILE A 42 17.55 -0.49 5.03
CA ILE A 42 17.12 -1.11 3.78
C ILE A 42 17.27 -2.63 3.87
N TYR A 43 16.73 -3.22 4.93
CA TYR A 43 16.84 -4.65 5.14
C TYR A 43 16.00 -5.39 4.09
N ASP A 44 16.46 -6.58 3.72
CA ASP A 44 15.83 -7.37 2.66
C ASP A 44 14.32 -7.47 2.83
N ASP A 45 13.60 -7.14 1.75
CA ASP A 45 12.14 -7.18 1.76
C ASP A 45 11.63 -8.61 1.88
N SER A 46 12.50 -9.56 1.55
CA SER A 46 12.19 -10.97 1.67
C SER A 46 11.76 -11.31 3.11
N LYS A 47 12.48 -10.76 4.08
CA LYS A 47 12.19 -11.00 5.49
C LYS A 47 10.89 -10.32 5.91
N THR A 48 10.40 -9.41 5.09
CA THR A 48 9.14 -8.74 5.38
C THR A 48 7.97 -9.69 5.16
N TYR A 49 8.13 -10.63 4.22
CA TYR A 49 7.12 -11.65 3.99
C TYR A 49 7.12 -12.65 5.15
N ASP A 50 8.29 -12.83 5.74
CA ASP A 50 8.43 -13.65 6.95
C ASP A 50 7.79 -12.93 8.13
N LEU A 51 7.94 -11.61 8.16
CA LEU A 51 7.38 -10.79 9.23
C LEU A 51 5.87 -10.93 9.27
N VAL A 52 5.21 -10.73 8.13
CA VAL A 52 3.76 -10.82 8.07
C VAL A 52 3.30 -12.25 8.33
N ALA A 53 4.18 -13.22 8.05
CA ALA A 53 3.88 -14.62 8.30
C ALA A 53 3.84 -14.91 9.79
N ALA A 54 4.75 -14.30 10.53
CA ALA A 54 4.78 -14.45 11.98
C ALA A 54 3.58 -13.75 12.61
N ALA A 55 3.22 -12.60 12.06
CA ALA A 55 2.09 -11.83 12.55
C ALA A 55 0.78 -12.56 12.24
N SER A 56 0.75 -13.23 11.10
CA SER A 56 -0.42 -13.99 10.67
C SER A 56 -0.74 -15.11 11.66
N LYS A 57 0.28 -15.60 12.35
CA LYS A 57 0.11 -16.69 13.29
C LYS A 57 -0.31 -16.18 14.66
N VAL A 58 0.38 -15.16 15.16
CA VAL A 58 0.14 -14.66 16.50
C VAL A 58 -1.13 -13.80 16.57
N LEU A 59 -1.38 -13.01 15.53
CA LEU A 59 -2.57 -12.16 15.50
C LEU A 59 -3.77 -12.95 14.99
N ASN A 60 -3.48 -14.06 14.31
CA ASN A 60 -4.51 -14.94 13.74
C ASN A 60 -5.17 -14.29 12.52
N LEU A 61 -4.59 -13.20 12.04
CA LEU A 61 -5.09 -12.56 10.82
C LEU A 61 -4.39 -13.15 9.61
N ASN A 62 -5.06 -13.13 8.48
CA ASN A 62 -4.45 -13.61 7.24
C ASN A 62 -3.57 -12.54 6.64
N ALA A 63 -2.57 -12.92 5.85
CA ALA A 63 -1.65 -11.96 5.25
C ALA A 63 -2.40 -10.81 4.58
N GLY A 64 -3.37 -11.15 3.75
CA GLY A 64 -4.14 -10.14 3.04
C GLY A 64 -4.84 -9.17 3.97
N GLU A 65 -5.29 -9.66 5.12
CA GLU A 65 -5.98 -8.82 6.08
C GLU A 65 -5.02 -7.83 6.73
N ILE A 66 -3.84 -8.31 7.07
CA ILE A 66 -2.81 -7.46 7.67
C ILE A 66 -2.40 -6.36 6.70
N LEU A 67 -2.23 -6.74 5.44
CA LEU A 67 -1.90 -5.80 4.38
C LEU A 67 -3.04 -4.81 4.15
N GLN A 68 -4.26 -5.33 4.19
CA GLN A 68 -5.46 -4.51 4.00
C GLN A 68 -5.56 -3.44 5.08
N MET A 69 -5.48 -3.86 6.34
CA MET A 69 -5.60 -2.94 7.47
C MET A 69 -4.43 -1.96 7.51
N PHE A 70 -3.26 -2.42 7.06
CA PHE A 70 -2.08 -1.58 7.05
C PHE A 70 -2.21 -0.49 6.00
N GLY A 71 -2.68 -0.85 4.81
CA GLY A 71 -2.88 0.13 3.76
C GLY A 71 -3.82 1.25 4.16
N LYS A 72 -4.91 0.89 4.82
CA LYS A 72 -5.90 1.87 5.27
C LYS A 72 -5.29 2.83 6.31
N MET A 73 -4.56 2.27 7.27
CA MET A 73 -3.95 3.07 8.33
C MET A 73 -2.81 3.93 7.77
N PHE A 74 -2.06 3.37 6.83
CA PHE A 74 -0.91 4.04 6.24
C PHE A 74 -1.31 5.40 5.68
N PHE A 75 -2.45 5.45 4.99
CA PHE A 75 -2.95 6.69 4.42
C PHE A 75 -3.20 7.72 5.51
N VAL A 76 -3.74 7.26 6.63
CA VAL A 76 -4.09 8.16 7.74
C VAL A 76 -2.86 8.88 8.29
N PHE A 77 -1.99 8.14 8.97
CA PHE A 77 -0.81 8.72 9.58
C PHE A 77 0.37 8.81 8.61
N CYS A 78 0.78 7.65 8.13
CA CYS A 78 2.14 7.43 7.64
C CYS A 78 2.39 7.94 6.21
N GLN A 79 1.36 8.39 5.51
CA GLN A 79 1.43 8.63 4.06
C GLN A 79 2.74 9.29 3.62
N GLU A 80 2.92 10.57 3.93
CA GLU A 80 4.13 11.27 3.49
C GLU A 80 5.25 11.18 4.53
N SER A 81 5.03 11.82 5.67
CA SER A 81 6.02 11.84 6.74
C SER A 81 5.43 11.33 8.04
N GLY A 82 4.12 11.16 8.06
CA GLY A 82 3.43 10.84 9.29
C GLY A 82 2.74 12.07 9.87
N TYR A 83 3.19 13.23 9.42
CA TYR A 83 2.62 14.50 9.87
C TYR A 83 1.43 14.90 9.01
N ASP A 84 0.69 15.90 9.47
CA ASP A 84 -0.55 16.34 8.81
C ASP A 84 -0.27 17.02 7.48
N THR A 85 1.00 17.16 7.14
CA THR A 85 1.43 17.72 5.86
C THR A 85 0.84 16.92 4.68
N ILE A 86 0.52 15.66 4.95
CA ILE A 86 -0.03 14.75 3.95
C ILE A 86 -1.28 15.32 3.27
N LEU A 87 -1.97 16.24 3.94
CA LEU A 87 -3.21 16.80 3.43
C LEU A 87 -2.99 17.60 2.15
N ARG A 88 -1.77 18.08 1.95
CA ARG A 88 -1.42 18.80 0.74
C ARG A 88 -0.88 17.85 -0.33
N VAL A 89 -0.28 16.76 0.13
CA VAL A 89 0.43 15.83 -0.75
C VAL A 89 -0.53 15.00 -1.59
N LEU A 90 -0.14 14.77 -2.85
CA LEU A 90 -0.91 13.97 -3.80
C LEU A 90 -2.28 14.59 -4.06
N GLY A 91 -2.41 15.87 -3.76
CA GLY A 91 -3.65 16.59 -4.02
C GLY A 91 -4.76 16.26 -3.04
N SER A 92 -4.66 15.08 -2.41
CA SER A 92 -5.71 14.59 -1.53
C SER A 92 -7.05 14.52 -2.26
N ASN A 93 -7.00 14.02 -3.49
CA ASN A 93 -8.20 13.85 -4.29
C ASN A 93 -8.17 12.47 -4.95
N VAL A 94 -9.33 11.95 -5.33
CA VAL A 94 -9.46 10.58 -5.81
C VAL A 94 -8.54 10.27 -7.00
N ARG A 95 -8.79 10.90 -8.14
CA ARG A 95 -8.03 10.60 -9.34
C ARG A 95 -6.65 11.26 -9.29
N GLU A 96 -6.52 12.27 -8.44
CA GLU A 96 -5.25 12.97 -8.29
C GLU A 96 -4.26 12.08 -7.54
N PHE A 97 -4.75 11.37 -6.54
CA PHE A 97 -3.93 10.46 -5.76
C PHE A 97 -3.28 9.42 -6.68
N LEU A 98 -4.06 8.91 -7.62
CA LEU A 98 -3.58 7.94 -8.59
C LEU A 98 -2.69 8.60 -9.63
N GLN A 99 -3.05 9.81 -10.05
CA GLN A 99 -2.29 10.55 -11.05
C GLN A 99 -0.90 10.90 -10.51
N ASN A 100 -0.86 11.30 -9.25
CA ASN A 100 0.39 11.73 -8.62
C ASN A 100 1.18 10.53 -8.09
N LEU A 101 0.66 9.32 -8.30
CA LEU A 101 1.36 8.11 -7.87
C LEU A 101 2.70 8.00 -8.59
N ASP A 102 2.73 8.40 -9.85
CA ASP A 102 3.98 8.42 -10.60
C ASP A 102 4.88 9.55 -10.11
N ALA A 103 4.27 10.62 -9.61
CA ALA A 103 5.02 11.74 -9.05
C ALA A 103 5.68 11.31 -7.75
N LEU A 104 5.12 10.27 -7.13
CA LEU A 104 5.72 9.67 -5.95
C LEU A 104 7.08 9.07 -6.33
N HIS A 105 7.14 8.49 -7.53
CA HIS A 105 8.40 7.95 -8.05
C HIS A 105 9.44 9.06 -8.11
N ASP A 106 9.03 10.19 -8.68
CA ASP A 106 9.88 11.37 -8.80
C ASP A 106 10.44 11.79 -7.45
N HIS A 107 9.64 11.64 -6.40
CA HIS A 107 10.05 12.04 -5.05
C HIS A 107 11.19 11.17 -4.55
N LEU A 108 10.93 9.87 -4.43
CA LEU A 108 11.89 8.94 -3.83
C LEU A 108 13.18 8.87 -4.65
N ALA A 109 13.05 8.90 -5.97
CA ALA A 109 14.20 8.77 -6.85
C ALA A 109 15.18 9.95 -6.70
N THR A 110 14.65 11.13 -6.42
CA THR A 110 15.49 12.31 -6.30
C THR A 110 15.96 12.53 -4.85
N ILE A 111 15.09 12.26 -3.89
CA ILE A 111 15.43 12.45 -2.48
C ILE A 111 16.38 11.37 -1.99
N TYR A 112 16.16 10.14 -2.44
CA TYR A 112 17.00 9.02 -2.04
C TYR A 112 17.66 8.40 -3.27
N PRO A 113 18.78 8.98 -3.74
CA PRO A 113 19.48 8.50 -4.92
C PRO A 113 19.97 7.06 -4.76
N GLY A 114 19.71 6.25 -5.76
CA GLY A 114 20.13 4.86 -5.69
C GLY A 114 18.97 3.90 -5.62
N MET A 115 17.85 4.35 -5.08
CA MET A 115 16.67 3.52 -4.97
C MET A 115 15.70 3.83 -6.11
N ARG A 116 15.05 2.80 -6.63
CA ARG A 116 14.05 2.99 -7.66
C ARG A 116 12.66 2.65 -7.13
N ALA A 117 11.66 3.33 -7.63
CA ALA A 117 10.29 3.06 -7.23
C ALA A 117 9.52 2.44 -8.41
N PRO A 118 9.17 1.15 -8.29
CA PRO A 118 8.42 0.42 -9.32
C PRO A 118 7.29 1.23 -9.95
N SER A 119 7.26 1.25 -11.28
CA SER A 119 6.37 2.11 -12.02
C SER A 119 4.96 1.54 -12.12
N PHE A 120 4.01 2.43 -12.38
CA PHE A 120 2.62 2.05 -12.57
C PHE A 120 2.09 2.75 -13.81
N ARG A 121 1.68 1.97 -14.81
CA ARG A 121 1.08 2.56 -16.00
C ARG A 121 -0.37 2.13 -16.11
N CYS A 122 -1.26 3.10 -16.27
CA CYS A 122 -2.69 2.83 -16.22
C CYS A 122 -3.30 2.75 -17.61
N THR A 123 -3.90 1.61 -17.92
CA THR A 123 -4.59 1.41 -19.18
C THR A 123 -5.98 0.83 -18.93
N ASP A 124 -7.02 1.55 -19.31
CA ASP A 124 -8.38 1.09 -19.11
C ASP A 124 -8.70 -0.08 -20.04
N ALA A 125 -9.26 -1.14 -19.47
CA ALA A 125 -9.45 -2.40 -20.17
C ALA A 125 -10.17 -2.23 -21.51
N GLU A 126 -11.47 -1.99 -21.46
CA GLU A 126 -12.26 -1.84 -22.69
C GLU A 126 -12.62 -0.38 -22.92
N LYS A 127 -13.64 0.09 -22.21
CA LYS A 127 -14.08 1.48 -22.32
C LYS A 127 -14.77 1.92 -21.04
N GLY A 128 -13.98 2.19 -20.02
CA GLY A 128 -14.52 2.55 -18.73
C GLY A 128 -14.96 1.32 -17.97
N LYS A 129 -14.18 0.26 -18.06
CA LYS A 129 -14.53 -1.02 -17.46
C LYS A 129 -13.32 -1.67 -16.80
N GLY A 130 -12.81 -1.03 -15.76
CA GLY A 130 -11.69 -1.59 -15.04
C GLY A 130 -10.38 -1.07 -15.55
N LEU A 131 -9.74 -0.23 -14.74
CA LEU A 131 -8.46 0.33 -15.09
C LEU A 131 -7.36 -0.68 -14.78
N ILE A 132 -6.58 -1.04 -15.80
CA ILE A 132 -5.52 -2.02 -15.65
C ILE A 132 -4.20 -1.32 -15.38
N LEU A 133 -3.66 -1.50 -14.18
CA LEU A 133 -2.39 -0.89 -13.82
C LEU A 133 -1.24 -1.86 -14.07
N HIS A 134 -0.25 -1.38 -14.80
CA HIS A 134 0.93 -2.17 -15.13
C HIS A 134 1.99 -2.00 -14.06
N TYR A 135 2.17 -3.03 -13.25
CA TYR A 135 3.11 -2.98 -12.14
C TYR A 135 4.41 -3.67 -12.52
N TYR A 136 5.52 -2.94 -12.42
CA TYR A 136 6.81 -3.47 -12.80
C TYR A 136 7.72 -3.64 -11.58
N SER A 137 7.82 -4.87 -11.11
CA SER A 137 8.64 -5.18 -9.95
C SER A 137 8.94 -6.68 -9.93
N GLU A 138 9.67 -7.13 -8.91
CA GLU A 138 10.02 -8.55 -8.78
C GLU A 138 9.56 -9.07 -7.44
N ARG A 139 8.28 -8.92 -7.15
CA ARG A 139 7.72 -9.33 -5.88
C ARG A 139 6.22 -9.54 -5.99
N GLU A 140 5.67 -10.32 -5.07
CA GLU A 140 4.23 -10.54 -5.01
C GLU A 140 3.81 -10.87 -3.58
N GLY A 141 2.51 -11.02 -3.36
CA GLY A 141 2.03 -11.38 -2.03
C GLY A 141 1.89 -10.19 -1.11
N LEU A 142 2.65 -9.14 -1.37
CA LEU A 142 2.61 -7.94 -0.56
C LEU A 142 2.00 -6.78 -1.37
N GLN A 143 1.30 -7.12 -2.44
CA GLN A 143 0.78 -6.13 -3.36
C GLN A 143 -0.57 -5.59 -2.89
N ASP A 144 -1.19 -6.29 -1.94
CA ASP A 144 -2.45 -5.86 -1.34
C ASP A 144 -2.30 -4.50 -0.68
N ILE A 145 -1.06 -4.10 -0.39
CA ILE A 145 -0.78 -2.78 0.15
C ILE A 145 -1.28 -1.70 -0.80
N VAL A 146 -0.98 -1.88 -2.08
CA VAL A 146 -1.42 -0.95 -3.12
C VAL A 146 -2.95 -0.92 -3.18
N ILE A 147 -3.53 -2.12 -3.13
CA ILE A 147 -4.98 -2.29 -3.17
C ILE A 147 -5.65 -1.53 -2.01
N GLY A 148 -5.15 -1.77 -0.80
CA GLY A 148 -5.75 -1.20 0.38
C GLY A 148 -5.70 0.32 0.40
N ILE A 149 -4.57 0.90 0.00
CA ILE A 149 -4.40 2.34 0.08
C ILE A 149 -5.32 3.06 -0.91
N ILE A 150 -5.22 2.71 -2.19
CA ILE A 150 -5.96 3.41 -3.22
C ILE A 150 -7.46 3.24 -3.05
N LYS A 151 -7.88 2.04 -2.64
CA LYS A 151 -9.29 1.76 -2.45
C LYS A 151 -9.88 2.63 -1.34
N THR A 152 -9.14 2.77 -0.25
CA THR A 152 -9.65 3.50 0.90
C THR A 152 -9.62 5.01 0.68
N VAL A 153 -8.58 5.51 0.01
CA VAL A 153 -8.46 6.94 -0.23
C VAL A 153 -9.60 7.44 -1.13
N ALA A 154 -9.98 6.62 -2.09
CA ALA A 154 -11.03 6.99 -3.03
C ALA A 154 -12.35 7.20 -2.30
N GLN A 155 -12.72 6.23 -1.46
CA GLN A 155 -13.99 6.29 -0.75
C GLN A 155 -13.93 7.27 0.42
N GLN A 156 -12.75 7.46 0.99
CA GLN A 156 -12.60 8.32 2.15
C GLN A 156 -12.65 9.78 1.75
N ILE A 157 -11.96 10.11 0.66
CA ILE A 157 -11.88 11.49 0.21
C ILE A 157 -13.19 11.98 -0.38
N HIS A 158 -13.68 11.33 -1.43
CA HIS A 158 -14.91 11.77 -2.08
C HIS A 158 -15.91 10.65 -2.27
N GLY A 159 -15.76 9.59 -1.49
CA GLY A 159 -16.74 8.51 -1.53
C GLY A 159 -16.79 7.79 -2.87
N THR A 160 -15.66 7.74 -3.55
CA THR A 160 -15.59 7.03 -4.81
C THR A 160 -15.33 5.55 -4.57
N GLU A 161 -16.35 4.74 -4.76
CA GLU A 161 -16.28 3.32 -4.45
C GLU A 161 -15.59 2.55 -5.57
N ILE A 162 -14.33 2.22 -5.36
CA ILE A 162 -13.59 1.44 -6.33
C ILE A 162 -13.28 0.07 -5.78
N ASP A 163 -13.55 -0.95 -6.59
CA ASP A 163 -13.26 -2.32 -6.19
C ASP A 163 -11.95 -2.75 -6.85
N MET A 164 -10.92 -2.89 -6.04
CA MET A 164 -9.60 -3.20 -6.54
C MET A 164 -9.25 -4.65 -6.27
N LYS A 165 -8.66 -5.30 -7.26
CA LYS A 165 -8.26 -6.70 -7.13
C LYS A 165 -7.06 -6.98 -8.03
N VAL A 166 -6.26 -7.96 -7.67
CA VAL A 166 -5.14 -8.38 -8.50
C VAL A 166 -5.55 -9.61 -9.31
N ILE A 167 -5.67 -9.43 -10.62
CA ILE A 167 -6.18 -10.48 -11.49
C ILE A 167 -5.10 -11.49 -11.87
N GLN A 168 -3.86 -11.05 -11.95
CA GLN A 168 -2.74 -11.94 -12.21
C GLN A 168 -1.43 -11.29 -11.76
N GLN A 169 -0.51 -12.10 -11.29
CA GLN A 169 0.76 -11.62 -10.80
C GLN A 169 1.91 -12.19 -11.63
N ARG A 170 3.13 -11.79 -11.30
CA ARG A 170 4.30 -12.41 -11.89
C ARG A 170 4.39 -13.87 -11.46
N ASN A 171 4.59 -14.06 -10.16
CA ASN A 171 4.70 -15.39 -9.54
C ASN A 171 6.01 -16.04 -9.93
N GLU A 172 6.20 -16.26 -11.22
CA GLU A 172 7.41 -16.85 -11.76
C GLU A 172 7.37 -16.78 -13.28
N GLU A 173 6.17 -16.96 -13.82
CA GLU A 173 5.96 -16.93 -15.26
C GLU A 173 5.85 -15.52 -15.79
N CYS A 174 4.79 -14.82 -15.40
CA CYS A 174 4.53 -13.49 -15.91
C CYS A 174 5.63 -12.51 -15.51
N ASP A 175 5.94 -11.58 -16.40
CA ASP A 175 7.04 -10.64 -16.17
C ASP A 175 6.54 -9.36 -15.53
N HIS A 176 5.24 -9.30 -15.25
CA HIS A 176 4.65 -8.12 -14.64
C HIS A 176 3.31 -8.47 -14.00
N THR A 177 2.95 -7.71 -12.97
CA THR A 177 1.66 -7.87 -12.32
C THR A 177 0.72 -6.77 -12.82
N GLN A 178 -0.59 -7.05 -12.86
CA GLN A 178 -1.54 -6.03 -13.27
C GLN A 178 -2.72 -5.99 -12.29
N PHE A 179 -3.05 -4.77 -11.86
CA PHE A 179 -4.14 -4.58 -10.92
C PHE A 179 -5.39 -4.12 -11.65
N LEU A 180 -6.53 -4.58 -11.18
CA LEU A 180 -7.81 -4.23 -11.76
C LEU A 180 -8.56 -3.28 -10.84
N ILE A 181 -8.75 -2.05 -11.29
CA ILE A 181 -9.52 -1.07 -10.53
C ILE A 181 -10.87 -0.84 -11.20
N GLU A 182 -11.90 -1.48 -10.68
CA GLU A 182 -13.24 -1.34 -11.21
C GLU A 182 -14.00 -0.31 -10.37
N GLU A 183 -14.17 0.87 -10.93
CA GLU A 183 -14.74 1.97 -10.18
C GLU A 183 -16.26 2.04 -10.32
N LYS A 184 -16.90 2.45 -9.23
CA LYS A 184 -18.35 2.59 -9.17
C LYS A 184 -19.05 1.29 -9.56
N GLU A 185 -18.82 0.27 -8.75
CA GLU A 185 -19.50 -1.01 -8.95
C GLU A 185 -20.90 -0.97 -8.34
N SER A 186 -21.18 0.11 -7.63
CA SER A 186 -22.45 0.29 -6.96
C SER A 186 -23.46 1.01 -7.86
N LYS A 187 -23.15 1.07 -9.15
CA LYS A 187 -24.05 1.70 -10.11
C LYS A 187 -25.19 0.75 -10.46
N GLU A 188 -26.40 1.26 -10.38
CA GLU A 188 -27.58 0.47 -10.65
C GLU A 188 -28.02 0.67 -12.10
N HIS A 189 -28.68 -0.33 -12.65
CA HIS A 189 -29.22 -0.23 -13.99
C HIS A 189 -30.69 0.14 -13.93
N HIS A 190 -31.02 0.98 -12.97
CA HIS A 190 -32.37 1.51 -12.81
C HIS A 190 -32.34 3.03 -12.88
N HIS A 191 -31.21 3.56 -13.35
CA HIS A 191 -30.96 5.00 -13.32
C HIS A 191 -31.77 5.72 -14.39
N HIS A 192 -32.27 4.97 -15.37
CA HIS A 192 -33.13 5.53 -16.40
C HIS A 192 -34.54 5.75 -15.85
N HIS A 193 -34.79 5.14 -14.70
CA HIS A 193 -36.07 5.29 -14.03
C HIS A 193 -35.88 6.07 -12.72
N HIS A 194 -34.74 5.86 -12.09
CA HIS A 194 -34.35 6.60 -10.91
C HIS A 194 -33.25 7.58 -11.26
OAA Z90 B . 5.88 -2.66 -3.81
OAB Z90 B . 9.17 -2.42 -0.05
OAC Z90 B . 7.96 -2.67 -4.62
OAD Z90 B . 10.00 -0.91 1.26
CAE Z90 B . 11.00 7.99 2.52
CAF Z90 B . 10.31 6.92 1.99
CAG Z90 B . 10.51 9.28 2.37
CAH Z90 B . -0.76 2.82 -3.23
CAI Z90 B . -1.02 4.18 -3.00
CAJ Z90 B . 9.12 7.13 1.31
CAK Z90 B . 9.33 9.49 1.69
CAL Z90 B . 0.47 2.28 -2.89
CAM Z90 B . -0.04 4.99 -2.42
CAN Z90 B . 4.95 6.69 0.84
CAO Z90 B . 4.22 8.90 0.22
CAP Z90 B . 3.84 6.16 0.21
CAQ Z90 B . 3.10 8.36 -0.40
CAR Z90 B . 7.67 2.00 -0.48
CAS Z90 B . 6.26 0.22 -1.28
CAT Z90 B . 8.57 1.06 0.02
CAU Z90 B . 7.16 -0.72 -0.79
CAV Z90 B . 5.40 -0.16 -4.77
CAW Z90 B . 5.36 1.32 -5.13
CAX Z90 B . 6.84 -0.59 -4.48
CAY Z90 B . 7.43 8.62 0.48
CAZ Z90 B . 6.27 8.58 1.47
CBA Z90 B . 2.66 2.53 -1.93
CBB Z90 B . 5.82 2.17 -3.95
CBC Z90 B . 3.68 2.74 -3.05
CBD Z90 B . 1.83 6.42 -1.06
CBE Z90 B . 5.59 2.50 -1.59
OBF Z90 B . 2.22 5.13 -1.54
CBG Z90 B . 6.90 -2.10 -4.27
CBH Z90 B . 9.19 -1.24 0.37
CBI Z90 B . 8.62 8.42 1.16
CBJ Z90 B . 5.14 8.06 0.85
CBK Z90 B . 2.91 6.98 -0.41
CBL Z90 B . 6.51 1.58 -1.11
CBM Z90 B . 8.31 -0.30 -0.14
CBN Z90 B . 1.44 3.08 -2.31
CBO Z90 B . 1.19 4.43 -2.08
NBP Z90 B . 4.92 1.99 -2.80
HAE Z90 B . 11.93 7.83 3.06
HAF Z90 B . 10.69 5.91 2.12
HAG Z90 B . 11.06 10.13 2.78
HAH Z90 B . -1.52 2.19 -3.67
HAI Z90 B . -1.98 4.60 -3.28
HAJ Z90 B . 8.57 6.28 0.91
HAK Z90 B . 8.93 10.50 1.57
HAL Z90 B . 0.67 1.23 -3.07
HAM Z90 B . -0.24 6.04 -2.25
HAN Z90 B . 5.67 6.03 1.32
HAO Z90 B . 4.38 9.98 0.24
HAP Z90 B . 3.69 5.07 0.21
HAQ Z90 B . 2.38 9.01 -0.89
HAR Z90 B . 7.87 3.06 -0.36
HAS Z90 B . 5.34 -0.10 -1.78
HAT Z90 B . 9.48 1.39 0.52
HAU Z90 B . 6.95 -1.78 -0.91
HAV Z90 B . 4.77 -0.33 -3.89
HAVA Z90 B . 4.99 -0.74 -5.60
HAW Z90 B . 6.02 1.51 -5.98
HAWA Z90 B . 4.35 1.61 -5.42
HAX Z90 B . 7.19 -0.09 -3.58
HAXA Z90 B . 7.46 -0.30 -5.31
HAY Z90 B . 7.29 7.85 -0.27
HAYA Z90 B . 7.44 9.60 -0.01
HAZ Z90 B . 6.53 7.97 2.32
HAZA Z90 B . 6.06 9.59 1.82
HBA Z90 B . 2.54 1.47 -1.72
HBAA Z90 B . 3.01 3.03 -1.02
HBB Z90 B . 6.83 1.86 -3.65
HBBA Z90 B . 5.84 3.22 -4.23
HBC Z90 B . 3.92 3.80 -3.13
HBCA Z90 B . 3.24 2.40 -3.99
HBD Z90 B . 0.99 6.31 -0.37
HBDA Z90 B . 1.53 7.05 -1.90
HBE Z90 B . 6.10 3.44 -1.82
HBEA Z90 B . 4.86 2.69 -0.80
N MET A 1 10.63 -2.82 3.12
CA MET A 1 10.49 -1.77 2.08
C MET A 1 11.40 -0.59 2.41
N TYR A 2 11.13 0.57 1.82
CA TYR A 2 11.80 1.81 2.17
C TYR A 2 11.56 2.10 3.66
N GLY A 3 12.58 2.62 4.33
CA GLY A 3 12.55 2.75 5.78
C GLY A 3 11.27 3.37 6.34
N PHE A 4 10.77 4.41 5.69
CA PHE A 4 9.60 5.13 6.17
C PHE A 4 8.40 4.20 6.33
N VAL A 5 7.97 3.58 5.24
CA VAL A 5 6.79 2.72 5.27
C VAL A 5 7.07 1.41 6.01
N ASN A 6 8.35 1.09 6.17
CA ASN A 6 8.74 -0.09 6.94
C ASN A 6 8.51 0.18 8.43
N HIS A 7 8.74 1.43 8.82
CA HIS A 7 8.45 1.87 10.19
C HIS A 7 6.95 1.95 10.39
N ALA A 8 6.22 2.18 9.32
CA ALA A 8 4.77 2.18 9.36
C ALA A 8 4.24 0.75 9.51
N LEU A 9 5.03 -0.21 9.04
CA LEU A 9 4.67 -1.62 9.16
C LEU A 9 4.61 -2.00 10.64
N GLU A 10 5.69 -1.74 11.37
CA GLU A 10 5.71 -2.04 12.80
C GLU A 10 4.63 -1.23 13.52
N LEU A 11 4.46 0.02 13.09
CA LEU A 11 3.50 0.94 13.68
C LEU A 11 2.08 0.40 13.59
N LEU A 12 1.82 -0.43 12.58
CA LEU A 12 0.50 -1.03 12.40
C LEU A 12 0.10 -1.83 13.63
N VAL A 13 0.97 -2.75 14.04
CA VAL A 13 0.62 -3.67 15.12
C VAL A 13 0.66 -2.97 16.48
N ILE A 14 1.55 -2.00 16.62
CA ILE A 14 1.68 -1.26 17.87
C ILE A 14 0.44 -0.42 18.15
N ARG A 15 -0.05 0.25 17.12
CA ARG A 15 -1.19 1.15 17.27
C ARG A 15 -2.51 0.40 17.33
N ASN A 16 -2.68 -0.58 16.44
CA ASN A 16 -3.96 -1.27 16.31
C ASN A 16 -4.20 -2.24 17.47
N TYR A 17 -3.15 -2.90 17.92
CA TYR A 17 -3.30 -3.94 18.94
C TYR A 17 -2.58 -3.56 20.23
N GLY A 18 -1.27 -3.32 20.13
CA GLY A 18 -0.50 -2.94 21.29
C GLY A 18 0.98 -3.21 21.09
N PRO A 19 1.86 -2.50 21.82
CA PRO A 19 3.31 -2.69 21.72
C PRO A 19 3.73 -4.11 22.13
N GLU A 20 2.91 -4.72 22.97
CA GLU A 20 3.13 -6.09 23.43
C GLU A 20 3.20 -7.03 22.22
N VAL A 21 2.32 -6.78 21.27
CA VAL A 21 2.23 -7.60 20.06
C VAL A 21 3.49 -7.46 19.24
N TRP A 22 4.02 -6.25 19.20
CA TRP A 22 5.25 -5.99 18.43
C TRP A 22 6.43 -6.75 19.01
N GLU A 23 6.41 -6.96 20.33
CA GLU A 23 7.49 -7.71 20.97
C GLU A 23 7.45 -9.17 20.54
N ASP A 24 6.26 -9.74 20.51
CA ASP A 24 6.08 -11.15 20.18
C ASP A 24 6.45 -11.42 18.73
N ILE A 25 6.05 -10.51 17.85
CA ILE A 25 6.37 -10.61 16.43
C ILE A 25 7.87 -10.47 16.21
N LYS A 26 8.48 -9.57 16.95
CA LYS A 26 9.90 -9.29 16.85
C LYS A 26 10.73 -10.53 17.20
N LYS A 27 10.26 -11.31 18.16
CA LYS A 27 10.95 -12.54 18.55
C LYS A 27 10.66 -13.66 17.56
N GLU A 28 9.42 -13.72 17.12
CA GLU A 28 8.95 -14.79 16.24
C GLU A 28 9.64 -14.71 14.88
N ALA A 29 9.76 -13.49 14.36
CA ALA A 29 10.36 -13.28 13.04
C ALA A 29 11.87 -13.22 13.12
N GLN A 30 12.42 -13.50 14.32
CA GLN A 30 13.86 -13.45 14.54
C GLN A 30 14.40 -12.07 14.22
N LEU A 31 13.55 -11.07 14.40
CA LEU A 31 13.89 -9.68 14.12
C LEU A 31 14.49 -9.04 15.37
N ASP A 32 14.89 -9.89 16.30
CA ASP A 32 15.40 -9.45 17.60
C ASP A 32 16.65 -8.59 17.45
N GLU A 33 17.52 -8.94 16.50
CA GLU A 33 18.77 -8.22 16.30
C GLU A 33 18.52 -6.83 15.73
N GLU A 34 17.42 -6.68 15.02
CA GLU A 34 17.05 -5.39 14.45
C GLU A 34 16.61 -4.45 15.56
N GLY A 35 16.58 -3.16 15.28
CA GLY A 35 16.19 -2.22 16.28
C GLY A 35 15.37 -1.09 15.73
N GLN A 36 16.03 -0.08 15.20
CA GLN A 36 15.37 1.13 14.75
C GLN A 36 15.27 1.15 13.23
N PHE A 37 14.05 0.97 12.73
CA PHE A 37 13.79 1.06 11.31
C PHE A 37 13.88 2.51 10.84
N LEU A 38 15.05 2.87 10.33
CA LEU A 38 15.30 4.25 9.92
C LEU A 38 14.76 4.47 8.50
N VAL A 39 14.25 5.67 8.27
CA VAL A 39 13.56 5.97 7.02
C VAL A 39 14.54 6.06 5.84
N ARG A 40 15.82 6.15 6.16
CA ARG A 40 16.85 6.29 5.13
C ARG A 40 17.43 4.92 4.74
N ILE A 41 17.09 3.89 5.50
CA ILE A 41 17.63 2.57 5.25
C ILE A 41 16.67 1.74 4.38
N ILE A 42 17.23 1.00 3.44
CA ILE A 42 16.44 0.14 2.57
C ILE A 42 16.33 -1.26 3.16
N TYR A 43 15.16 -1.62 3.64
CA TYR A 43 14.93 -2.94 4.23
C TYR A 43 14.30 -3.86 3.20
N ASP A 44 14.99 -4.96 2.91
CA ASP A 44 14.55 -5.91 1.89
C ASP A 44 13.23 -6.56 2.28
N ASP A 45 12.48 -6.94 1.25
CA ASP A 45 11.15 -7.51 1.39
C ASP A 45 11.15 -8.82 2.17
N SER A 46 12.31 -9.46 2.26
CA SER A 46 12.44 -10.72 2.99
C SER A 46 12.00 -10.53 4.45
N LYS A 47 12.40 -9.39 5.03
CA LYS A 47 12.04 -9.08 6.40
C LYS A 47 10.54 -8.90 6.54
N THR A 48 9.91 -8.41 5.48
CA THR A 48 8.47 -8.17 5.48
C THR A 48 7.71 -9.49 5.48
N TYR A 49 8.16 -10.45 4.68
CA TYR A 49 7.50 -11.74 4.59
C TYR A 49 7.52 -12.46 5.93
N ASP A 50 8.67 -12.41 6.60
CA ASP A 50 8.84 -13.14 7.85
C ASP A 50 8.06 -12.47 8.97
N LEU A 51 8.02 -11.14 8.94
CA LEU A 51 7.30 -10.37 9.95
C LEU A 51 5.79 -10.61 9.90
N VAL A 52 5.22 -10.58 8.70
CA VAL A 52 3.80 -10.79 8.55
C VAL A 52 3.44 -12.24 8.90
N ALA A 53 4.36 -13.16 8.61
CA ALA A 53 4.17 -14.56 8.95
C ALA A 53 4.09 -14.73 10.47
N ALA A 54 4.90 -13.95 11.18
CA ALA A 54 4.91 -13.97 12.64
C ALA A 54 3.60 -13.42 13.18
N ALA A 55 3.05 -12.41 12.50
CA ALA A 55 1.82 -11.78 12.93
C ALA A 55 0.63 -12.70 12.63
N SER A 56 0.81 -13.58 11.68
CA SER A 56 -0.18 -14.58 11.33
C SER A 56 -0.31 -15.59 12.46
N LYS A 57 0.75 -15.73 13.26
CA LYS A 57 0.78 -16.69 14.34
C LYS A 57 0.22 -16.09 15.63
N VAL A 58 0.78 -14.96 16.05
CA VAL A 58 0.41 -14.35 17.31
C VAL A 58 -0.99 -13.72 17.26
N LEU A 59 -1.35 -13.13 16.13
CA LEU A 59 -2.66 -12.52 15.98
C LEU A 59 -3.67 -13.50 15.41
N ASN A 60 -3.15 -14.63 14.92
CA ASN A 60 -3.97 -15.69 14.33
C ASN A 60 -4.74 -15.19 13.11
N LEU A 61 -4.16 -14.21 12.44
CA LEU A 61 -4.77 -13.62 11.25
C LEU A 61 -4.07 -14.11 9.99
N ASN A 62 -4.63 -13.81 8.84
CA ASN A 62 -4.07 -14.25 7.57
C ASN A 62 -3.04 -13.24 7.07
N ALA A 63 -1.98 -13.72 6.45
CA ALA A 63 -0.88 -12.85 5.99
C ALA A 63 -1.41 -11.68 5.17
N GLY A 64 -2.18 -11.99 4.14
CA GLY A 64 -2.75 -10.97 3.28
C GLY A 64 -3.62 -9.99 4.04
N GLU A 65 -4.43 -10.52 4.94
CA GLU A 65 -5.33 -9.69 5.76
C GLU A 65 -4.55 -8.67 6.57
N ILE A 66 -3.35 -9.05 6.99
CA ILE A 66 -2.50 -8.18 7.78
C ILE A 66 -1.96 -7.02 6.94
N LEU A 67 -1.47 -7.34 5.74
CA LEU A 67 -0.97 -6.30 4.85
C LEU A 67 -2.11 -5.46 4.27
N GLN A 68 -3.33 -5.98 4.32
CA GLN A 68 -4.52 -5.20 3.97
C GLN A 68 -4.68 -4.07 4.97
N MET A 69 -4.65 -4.43 6.25
CA MET A 69 -4.77 -3.46 7.33
C MET A 69 -3.63 -2.46 7.28
N PHE A 70 -2.48 -2.91 6.81
CA PHE A 70 -1.33 -2.04 6.64
C PHE A 70 -1.62 -0.94 5.60
N GLY A 71 -2.23 -1.33 4.49
CA GLY A 71 -2.54 -0.37 3.44
C GLY A 71 -3.47 0.73 3.92
N LYS A 72 -4.52 0.33 4.64
CA LYS A 72 -5.47 1.28 5.17
C LYS A 72 -4.83 2.17 6.23
N MET A 73 -3.96 1.57 7.04
CA MET A 73 -3.32 2.27 8.14
C MET A 73 -2.41 3.38 7.63
N PHE A 74 -1.83 3.18 6.45
CA PHE A 74 -1.00 4.20 5.82
C PHE A 74 -1.74 5.53 5.73
N PHE A 75 -3.00 5.47 5.30
CA PHE A 75 -3.82 6.67 5.22
C PHE A 75 -4.16 7.18 6.60
N VAL A 76 -4.40 6.26 7.52
CA VAL A 76 -4.71 6.59 8.91
C VAL A 76 -3.56 7.40 9.53
N PHE A 77 -2.34 6.86 9.40
CA PHE A 77 -1.16 7.50 9.98
C PHE A 77 -0.94 8.90 9.41
N CYS A 78 -0.97 9.02 8.08
CA CYS A 78 -0.77 10.31 7.42
C CYS A 78 -1.76 11.36 7.95
N GLN A 79 -3.02 10.98 8.02
CA GLN A 79 -4.07 11.86 8.53
C GLN A 79 -3.84 12.17 10.02
N GLU A 80 -3.34 11.17 10.74
CA GLU A 80 -3.13 11.32 12.18
C GLU A 80 -1.97 12.27 12.47
N SER A 81 -1.03 12.34 11.54
CA SER A 81 0.14 13.18 11.72
C SER A 81 -0.04 14.53 11.03
N GLY A 82 -1.05 14.59 10.17
CA GLY A 82 -1.45 15.83 9.56
C GLY A 82 -0.47 16.36 8.53
N TYR A 83 -0.05 15.51 7.61
CA TYR A 83 0.88 15.94 6.57
C TYR A 83 0.18 16.85 5.55
N ASP A 84 0.48 18.14 5.62
CA ASP A 84 -0.12 19.10 4.71
C ASP A 84 0.49 18.98 3.32
N THR A 85 1.59 18.24 3.24
CA THR A 85 2.24 17.94 1.98
C THR A 85 1.24 17.32 1.00
N ILE A 86 0.34 16.49 1.53
CA ILE A 86 -0.63 15.77 0.70
C ILE A 86 -1.51 16.74 -0.08
N LEU A 87 -1.76 17.91 0.47
CA LEU A 87 -2.66 18.89 -0.14
C LEU A 87 -2.13 19.35 -1.50
N ARG A 88 -0.82 19.54 -1.60
CA ARG A 88 -0.23 20.04 -2.84
C ARG A 88 0.20 18.91 -3.77
N VAL A 89 0.65 17.80 -3.18
CA VAL A 89 1.22 16.71 -3.98
C VAL A 89 0.14 15.70 -4.35
N LEU A 90 0.23 15.17 -5.57
CA LEU A 90 -0.73 14.18 -6.08
C LEU A 90 -2.15 14.74 -6.04
N GLY A 91 -2.25 16.07 -6.14
CA GLY A 91 -3.54 16.73 -6.22
C GLY A 91 -4.39 16.60 -4.96
N SER A 92 -3.91 15.83 -3.99
CA SER A 92 -4.65 15.57 -2.76
C SER A 92 -5.99 14.90 -3.05
N ASN A 93 -6.11 14.26 -4.20
CA ASN A 93 -7.37 13.63 -4.57
C ASN A 93 -7.15 12.26 -5.19
N VAL A 94 -8.11 11.36 -5.01
CA VAL A 94 -7.94 9.96 -5.40
C VAL A 94 -7.45 9.80 -6.85
N ARG A 95 -8.06 10.53 -7.77
CA ARG A 95 -7.77 10.37 -9.19
C ARG A 95 -6.31 10.68 -9.49
N GLU A 96 -5.79 11.74 -8.87
CA GLU A 96 -4.39 12.10 -9.05
C GLU A 96 -3.48 11.26 -8.16
N PHE A 97 -3.96 10.94 -6.96
CA PHE A 97 -3.19 10.14 -6.02
C PHE A 97 -2.84 8.78 -6.64
N LEU A 98 -3.76 8.25 -7.42
CA LEU A 98 -3.57 6.97 -8.07
C LEU A 98 -2.79 7.13 -9.38
N GLN A 99 -3.25 8.02 -10.24
CA GLN A 99 -2.66 8.18 -11.57
C GLN A 99 -1.26 8.79 -11.51
N ASN A 100 -1.07 9.78 -10.63
CA ASN A 100 0.21 10.47 -10.53
C ASN A 100 1.15 9.73 -9.58
N LEU A 101 0.68 8.61 -9.03
CA LEU A 101 1.49 7.77 -8.16
C LEU A 101 2.72 7.31 -8.94
N ASP A 102 2.52 7.10 -10.23
CA ASP A 102 3.60 6.75 -11.14
C ASP A 102 4.70 7.79 -11.11
N ALA A 103 4.32 9.05 -11.21
CA ALA A 103 5.27 10.15 -11.24
C ALA A 103 5.96 10.28 -9.89
N LEU A 104 5.33 9.76 -8.85
CA LEU A 104 5.92 9.73 -7.53
C LEU A 104 7.13 8.78 -7.52
N HIS A 105 6.97 7.62 -8.16
CA HIS A 105 8.06 6.66 -8.29
C HIS A 105 9.27 7.32 -8.93
N ASP A 106 9.05 7.90 -10.10
CA ASP A 106 10.11 8.59 -10.84
C ASP A 106 10.73 9.71 -10.02
N HIS A 107 9.91 10.40 -9.24
CA HIS A 107 10.36 11.56 -8.50
C HIS A 107 11.27 11.14 -7.36
N LEU A 108 10.90 10.06 -6.68
CA LEU A 108 11.69 9.57 -5.55
C LEU A 108 12.97 8.92 -6.06
N ALA A 109 12.88 8.25 -7.20
CA ALA A 109 14.03 7.60 -7.82
C ALA A 109 15.06 8.62 -8.26
N THR A 110 14.58 9.80 -8.64
CA THR A 110 15.47 10.89 -9.03
C THR A 110 16.20 11.45 -7.81
N ILE A 111 15.51 11.48 -6.68
CA ILE A 111 16.09 11.99 -5.44
C ILE A 111 17.12 11.01 -4.89
N TYR A 112 16.72 9.75 -4.76
CA TYR A 112 17.61 8.71 -4.25
C TYR A 112 17.84 7.63 -5.30
N PRO A 113 18.86 7.80 -6.15
CA PRO A 113 19.17 6.83 -7.22
C PRO A 113 19.33 5.42 -6.68
N GLY A 114 18.79 4.46 -7.40
CA GLY A 114 18.79 3.09 -6.93
C GLY A 114 17.58 2.81 -6.07
N MET A 115 16.42 3.18 -6.57
CA MET A 115 15.17 2.98 -5.85
C MET A 115 14.62 1.59 -6.14
N ARG A 116 13.62 1.18 -5.37
CA ARG A 116 13.01 -0.14 -5.53
C ARG A 116 12.08 -0.16 -6.74
N ALA A 117 10.99 -0.94 -6.63
CA ALA A 117 9.98 -1.09 -7.69
C ALA A 117 9.75 0.20 -8.47
N PRO A 118 9.96 0.12 -9.80
CA PRO A 118 9.94 1.28 -10.70
C PRO A 118 8.53 1.81 -11.00
N SER A 119 8.46 2.67 -12.00
CA SER A 119 7.21 3.33 -12.36
C SER A 119 6.31 2.41 -13.18
N PHE A 120 5.19 2.92 -13.67
CA PHE A 120 4.19 2.10 -14.34
C PHE A 120 3.30 2.94 -15.25
N ARG A 121 2.44 2.28 -16.01
CA ARG A 121 1.53 3.00 -16.89
C ARG A 121 0.11 2.49 -16.71
N CYS A 122 -0.84 3.40 -16.71
CA CYS A 122 -2.24 3.07 -16.49
C CYS A 122 -3.08 3.41 -17.71
N THR A 123 -3.83 2.44 -18.20
CA THR A 123 -4.67 2.64 -19.36
C THR A 123 -6.15 2.54 -19.00
N ASP A 124 -6.92 3.52 -19.42
CA ASP A 124 -8.35 3.55 -19.15
C ASP A 124 -9.04 2.42 -19.89
N ALA A 125 -10.11 1.90 -19.28
CA ALA A 125 -10.78 0.71 -19.78
C ALA A 125 -11.73 1.02 -20.93
N GLU A 126 -12.31 2.21 -20.94
CA GLU A 126 -13.30 2.55 -21.95
C GLU A 126 -13.46 4.07 -22.05
N LYS A 127 -14.06 4.67 -21.03
CA LYS A 127 -14.18 6.11 -20.97
C LYS A 127 -14.43 6.57 -19.53
N GLY A 128 -13.60 6.09 -18.61
CA GLY A 128 -13.73 6.49 -17.22
C GLY A 128 -14.00 5.33 -16.29
N LYS A 129 -14.92 4.46 -16.68
CA LYS A 129 -15.29 3.30 -15.86
C LYS A 129 -14.26 2.19 -16.00
N GLY A 130 -13.21 2.28 -15.20
CA GLY A 130 -12.20 1.27 -15.19
C GLY A 130 -10.84 1.83 -15.56
N LEU A 131 -9.83 1.44 -14.81
CA LEU A 131 -8.47 1.82 -15.11
C LEU A 131 -7.55 0.63 -14.90
N ILE A 132 -6.86 0.21 -15.95
CA ILE A 132 -5.97 -0.93 -15.87
C ILE A 132 -4.53 -0.45 -15.66
N LEU A 133 -4.02 -0.67 -14.46
CA LEU A 133 -2.66 -0.28 -14.14
C LEU A 133 -1.70 -1.40 -14.49
N HIS A 134 -0.67 -1.07 -15.25
CA HIS A 134 0.35 -2.05 -15.59
C HIS A 134 1.58 -1.75 -14.75
N TYR A 135 1.73 -2.47 -13.64
CA TYR A 135 2.72 -2.13 -12.63
C TYR A 135 3.78 -3.21 -12.52
N TYR A 136 5.00 -2.78 -12.25
CA TYR A 136 6.11 -3.69 -12.06
C TYR A 136 6.44 -3.84 -10.58
N SER A 137 5.96 -4.91 -9.98
CA SER A 137 6.27 -5.19 -8.59
C SER A 137 7.33 -6.27 -8.52
N GLU A 138 8.32 -6.05 -7.68
CA GLU A 138 9.46 -6.96 -7.57
C GLU A 138 9.20 -8.03 -6.52
N ARG A 139 7.96 -8.15 -6.05
CA ARG A 139 7.60 -9.17 -5.09
C ARG A 139 6.07 -9.36 -5.08
N GLU A 140 5.64 -10.58 -4.86
CA GLU A 140 4.21 -10.88 -4.81
C GLU A 140 3.70 -10.71 -3.38
N GLY A 141 2.40 -10.80 -3.20
CA GLY A 141 1.81 -10.68 -1.87
C GLY A 141 1.69 -9.22 -1.44
N LEU A 142 2.81 -8.51 -1.47
CA LEU A 142 2.85 -7.11 -1.08
C LEU A 142 2.12 -6.23 -2.09
N GLN A 143 1.78 -6.81 -3.23
CA GLN A 143 1.03 -6.10 -4.26
C GLN A 143 -0.32 -5.63 -3.73
N ASP A 144 -0.94 -6.47 -2.89
CA ASP A 144 -2.27 -6.18 -2.35
C ASP A 144 -2.23 -5.00 -1.39
N ILE A 145 -1.04 -4.58 -0.97
CA ILE A 145 -0.91 -3.43 -0.09
C ILE A 145 -1.48 -2.18 -0.74
N VAL A 146 -1.27 -2.05 -2.05
CA VAL A 146 -1.77 -0.88 -2.77
C VAL A 146 -3.30 -0.89 -2.79
N ILE A 147 -3.87 -2.08 -2.76
CA ILE A 147 -5.32 -2.24 -2.74
C ILE A 147 -5.90 -1.57 -1.50
N GLY A 148 -5.29 -1.85 -0.35
CA GLY A 148 -5.76 -1.28 0.90
C GLY A 148 -5.57 0.22 0.98
N ILE A 149 -4.56 0.74 0.27
CA ILE A 149 -4.28 2.18 0.33
C ILE A 149 -5.28 2.96 -0.52
N ILE A 150 -5.35 2.61 -1.80
CA ILE A 150 -6.11 3.39 -2.76
C ILE A 150 -7.61 3.31 -2.49
N LYS A 151 -8.11 2.13 -2.13
CA LYS A 151 -9.53 1.96 -1.87
C LYS A 151 -9.97 2.81 -0.68
N THR A 152 -9.07 3.03 0.26
CA THR A 152 -9.37 3.82 1.44
C THR A 152 -9.37 5.32 1.10
N VAL A 153 -8.36 5.78 0.38
CA VAL A 153 -8.25 7.20 0.06
C VAL A 153 -9.36 7.64 -0.88
N ALA A 154 -9.88 6.71 -1.67
CA ALA A 154 -10.94 7.00 -2.60
C ALA A 154 -12.23 7.36 -1.86
N GLN A 155 -12.61 6.50 -0.92
CA GLN A 155 -13.88 6.67 -0.21
C GLN A 155 -13.80 7.74 0.86
N GLN A 156 -12.59 8.06 1.32
CA GLN A 156 -12.41 9.08 2.34
C GLN A 156 -12.31 10.48 1.72
N ILE A 157 -11.75 10.56 0.52
CA ILE A 157 -11.57 11.84 -0.15
C ILE A 157 -12.77 12.17 -1.03
N HIS A 158 -13.02 11.31 -2.02
CA HIS A 158 -14.08 11.60 -3.00
C HIS A 158 -15.34 10.81 -2.68
N GLY A 159 -15.29 10.02 -1.61
CA GLY A 159 -16.44 9.21 -1.22
C GLY A 159 -16.76 8.15 -2.25
N THR A 160 -15.74 7.75 -2.99
CA THR A 160 -15.91 6.79 -4.07
C THR A 160 -15.39 5.42 -3.66
N GLU A 161 -16.25 4.43 -3.67
CA GLU A 161 -15.81 3.06 -3.48
C GLU A 161 -15.19 2.55 -4.76
N ILE A 162 -14.11 1.81 -4.66
CA ILE A 162 -13.48 1.26 -5.85
C ILE A 162 -13.17 -0.21 -5.64
N ASP A 163 -13.40 -0.99 -6.68
CA ASP A 163 -13.10 -2.41 -6.65
C ASP A 163 -11.76 -2.65 -7.31
N MET A 164 -10.79 -3.00 -6.48
CA MET A 164 -9.42 -3.19 -6.95
C MET A 164 -9.03 -4.65 -6.81
N LYS A 165 -8.51 -5.23 -7.88
CA LYS A 165 -8.07 -6.62 -7.84
C LYS A 165 -7.12 -6.91 -8.99
N VAL A 166 -6.11 -7.72 -8.71
CA VAL A 166 -5.17 -8.13 -9.74
C VAL A 166 -5.80 -9.14 -10.68
N ILE A 167 -6.06 -8.71 -11.91
CA ILE A 167 -6.67 -9.59 -12.89
C ILE A 167 -5.63 -10.55 -13.46
N GLN A 168 -4.43 -10.04 -13.69
CA GLN A 168 -3.32 -10.84 -14.18
C GLN A 168 -2.06 -10.49 -13.39
N GLN A 169 -1.84 -11.19 -12.29
CA GLN A 169 -0.71 -10.89 -11.42
C GLN A 169 0.55 -11.60 -11.91
N ARG A 170 1.15 -11.04 -12.96
CA ARG A 170 2.34 -11.61 -13.56
C ARG A 170 3.58 -11.09 -12.85
N ASN A 171 4.50 -12.00 -12.56
CA ASN A 171 5.77 -11.63 -11.95
C ASN A 171 6.67 -10.95 -12.97
N GLU A 172 7.77 -10.35 -12.52
CA GLU A 172 8.74 -9.76 -13.44
C GLU A 172 9.25 -10.83 -14.40
N GLU A 173 9.33 -12.06 -13.89
CA GLU A 173 9.77 -13.21 -14.66
C GLU A 173 8.87 -13.42 -15.87
N CYS A 174 7.61 -13.05 -15.73
CA CYS A 174 6.62 -13.24 -16.77
C CYS A 174 6.45 -11.96 -17.59
N ASP A 175 5.95 -10.92 -16.95
CA ASP A 175 5.61 -9.68 -17.64
C ASP A 175 5.45 -8.54 -16.62
N HIS A 176 4.27 -8.45 -16.02
CA HIS A 176 3.98 -7.48 -14.97
C HIS A 176 2.55 -7.65 -14.50
N THR A 177 2.26 -7.18 -13.30
CA THR A 177 0.96 -7.39 -12.69
C THR A 177 -0.01 -6.29 -13.11
N GLN A 178 -1.28 -6.65 -13.28
CA GLN A 178 -2.28 -5.71 -13.73
C GLN A 178 -3.35 -5.50 -12.66
N PHE A 179 -3.45 -4.29 -12.16
CA PHE A 179 -4.47 -3.92 -11.20
C PHE A 179 -5.67 -3.31 -11.91
N LEU A 180 -6.79 -3.99 -11.88
CA LEU A 180 -8.03 -3.46 -12.43
C LEU A 180 -8.78 -2.70 -11.36
N ILE A 181 -8.96 -1.41 -11.57
CA ILE A 181 -9.67 -0.57 -10.64
C ILE A 181 -10.91 0.03 -11.29
N GLU A 182 -12.07 -0.33 -10.77
CA GLU A 182 -13.33 0.17 -11.29
C GLU A 182 -14.00 1.05 -10.24
N GLU A 183 -14.66 2.12 -10.68
CA GLU A 183 -15.27 3.05 -9.74
C GLU A 183 -16.69 2.65 -9.42
N LYS A 184 -16.98 2.54 -8.14
CA LYS A 184 -18.24 2.03 -7.65
C LYS A 184 -18.90 3.02 -6.69
N GLU A 185 -18.92 4.28 -7.10
CA GLU A 185 -19.55 5.32 -6.29
C GLU A 185 -21.03 5.44 -6.62
N SER A 186 -21.39 4.98 -7.80
CA SER A 186 -22.78 4.99 -8.23
C SER A 186 -23.31 3.57 -8.20
N LYS A 187 -23.02 2.87 -7.10
CA LYS A 187 -23.44 1.48 -6.93
C LYS A 187 -24.96 1.34 -6.98
N GLU A 188 -25.66 2.33 -6.44
CA GLU A 188 -27.11 2.34 -6.48
C GLU A 188 -27.61 3.69 -6.99
N HIS A 189 -27.52 4.70 -6.14
CA HIS A 189 -27.97 6.04 -6.50
C HIS A 189 -26.78 6.91 -6.86
N HIS A 190 -27.06 8.11 -7.34
CA HIS A 190 -26.03 9.06 -7.70
C HIS A 190 -25.44 9.69 -6.45
N HIS A 191 -24.13 9.54 -6.27
CA HIS A 191 -23.48 9.98 -5.05
C HIS A 191 -23.21 11.48 -5.07
N HIS A 192 -23.11 12.05 -6.26
CA HIS A 192 -22.86 13.48 -6.39
C HIS A 192 -24.17 14.24 -6.33
N HIS A 193 -24.38 14.96 -5.24
CA HIS A 193 -25.61 15.71 -5.03
C HIS A 193 -25.64 16.95 -5.93
N HIS A 194 -26.71 17.08 -6.69
CA HIS A 194 -26.90 18.21 -7.57
C HIS A 194 -28.34 18.68 -7.51
OAA Z90 B . 4.13 -4.50 -3.70
OAB Z90 B . 10.26 -1.20 -1.93
OAC Z90 B . 4.96 -2.89 -4.98
OAD Z90 B . 10.65 0.75 -1.10
CAE Z90 B . 12.17 10.19 3.69
CAF Z90 B . 12.26 10.19 2.30
CAG Z90 B . 10.97 9.89 4.31
CAH Z90 B . 0.35 3.73 -3.05
CAI Z90 B . 0.22 4.88 -2.27
CAJ Z90 B . 11.14 9.90 1.54
CAK Z90 B . 9.85 9.60 3.54
CAL Z90 B . 1.60 3.29 -3.46
CAM Z90 B . 1.36 5.59 -1.89
CAN Z90 B . 6.49 7.10 1.57
CAO Z90 B . 7.21 7.43 -0.70
CAP Z90 B . 5.22 6.75 1.12
CAQ Z90 B . 5.95 7.08 -1.16
CAR Z90 B . 6.23 -0.65 -1.76
CAS Z90 B . 6.63 1.48 -0.70
CAT Z90 B . 7.60 -0.85 -1.85
CAU Z90 B . 8.00 1.27 -0.81
CAV Z90 B . 2.77 -1.31 -4.62
CAW Z90 B . 3.09 -0.69 -3.26
CAX Z90 B . 2.64 -2.83 -4.49
CAY Z90 B . 8.81 9.29 1.40
CAZ Z90 B . 8.75 7.79 1.14
CBA Z90 B . 3.99 3.60 -3.53
CBB Z90 B . 3.86 0.62 -3.47
CBC Z90 B . 4.62 2.69 -2.48
CBD Z90 B . 3.67 6.38 -0.69
CBE Z90 B . 4.37 0.74 -1.08
OBF Z90 B . 3.78 5.78 -1.98
CBG Z90 B . 4.03 -3.46 -4.37
CBH Z90 B . 9.84 -0.13 -1.47
CBI Z90 B . 9.93 9.59 2.16
CBJ Z90 B . 7.49 7.44 0.67
CBK Z90 B . 4.95 6.74 -0.24
CBL Z90 B . 5.74 0.52 -1.19
CBM Z90 B . 8.48 0.10 -1.38
CBN Z90 B . 2.73 4.00 -3.09
CBO Z90 B . 2.61 5.15 -2.31
NBP Z90 B . 3.83 1.46 -2.25
HAE Z90 B . 13.05 10.41 4.29
HAF Z90 B . 13.21 10.42 1.82
HAG Z90 B . 10.90 9.88 5.39
HAH Z90 B . -0.55 3.18 -3.33
HAI Z90 B . -0.77 5.23 -1.95
HAJ Z90 B . 11.21 9.90 0.45
HAK Z90 B . 8.90 9.36 4.03
HAL Z90 B . 1.68 2.41 -4.07
HAM Z90 B . 1.26 6.49 -1.30
HAN Z90 B . 6.71 7.10 2.64
HAO Z90 B . 7.98 7.70 -1.41
HAP Z90 B . 4.44 6.48 1.84
HAQ Z90 B . 5.72 7.08 -2.22
HAR Z90 B . 5.53 -1.40 -2.13
HAS Z90 B . 6.25 2.40 -0.25
HAT Z90 B . 7.98 -1.77 -2.31
HAU Z90 B . 8.70 2.01 -0.42
HAV Z90 B . 1.85 -0.89 -5.01
HAVA Z90 B . 3.58 -1.07 -5.32
HAW Z90 B . 2.16 -0.47 -2.73
HAWA Z90 B . 3.68 -1.38 -2.67
HAX Z90 B . 2.12 -3.23 -5.37
HAXA Z90 B . 2.05 -3.06 -3.60
HAY Z90 B . 8.84 9.83 0.45
HAYA Z90 B . 7.91 9.59 1.94
HAZ Z90 B . 9.50 7.51 0.39
HAZA Z90 B . 8.95 7.25 2.06
HBA Z90 B . 4.62 4.46 -3.69
HBAA Z90 B . 3.88 3.05 -4.47
HBB Z90 B . 4.89 0.39 -3.72
HBBA Z90 B . 3.41 1.16 -4.30
HBC Z90 B . 4.72 3.23 -1.54
HBCA Z90 B . 5.63 2.40 -2.82
HBD Z90 B . 3.22 5.67 0.01
HBDA Z90 B . 3.06 7.28 -0.75
HBE Z90 B . 4.17 1.33 -0.19
HBEA Z90 B . 3.86 -0.22 -0.98
N MET A 1 11.10 -3.69 4.26
CA MET A 1 11.02 -2.49 3.40
C MET A 1 11.90 -1.40 4.00
N TYR A 2 11.91 -0.21 3.38
CA TYR A 2 12.67 0.90 3.94
C TYR A 2 12.04 1.38 5.25
N GLY A 3 12.86 1.99 6.11
CA GLY A 3 12.41 2.37 7.44
C GLY A 3 11.09 3.10 7.47
N PHE A 4 10.96 4.13 6.64
CA PHE A 4 9.73 4.92 6.57
C PHE A 4 8.49 4.03 6.40
N VAL A 5 8.53 3.18 5.38
CA VAL A 5 7.38 2.32 5.07
C VAL A 5 7.21 1.25 6.15
N ASN A 6 8.34 0.73 6.64
CA ASN A 6 8.31 -0.31 7.65
C ASN A 6 7.81 0.24 8.98
N HIS A 7 7.97 1.55 9.18
CA HIS A 7 7.50 2.22 10.38
C HIS A 7 5.97 2.29 10.38
N ALA A 8 5.39 2.33 9.18
CA ALA A 8 3.94 2.27 9.04
C ALA A 8 3.44 0.88 9.40
N LEU A 9 4.26 -0.12 9.09
CA LEU A 9 3.96 -1.50 9.44
C LEU A 9 3.92 -1.65 10.95
N GLU A 10 4.89 -1.01 11.62
CA GLU A 10 4.90 -0.97 13.08
C GLU A 10 3.59 -0.40 13.61
N LEU A 11 3.23 0.77 13.09
CA LEU A 11 2.03 1.48 13.52
C LEU A 11 0.79 0.61 13.43
N LEU A 12 0.72 -0.19 12.37
CA LEU A 12 -0.41 -1.09 12.17
C LEU A 12 -0.57 -2.02 13.37
N VAL A 13 0.52 -2.64 13.78
CA VAL A 13 0.50 -3.60 14.88
C VAL A 13 0.33 -2.89 16.22
N ILE A 14 1.20 -1.92 16.48
CA ILE A 14 1.22 -1.22 17.77
C ILE A 14 -0.15 -0.61 18.11
N ARG A 15 -0.75 0.06 17.16
CA ARG A 15 -2.01 0.77 17.40
C ARG A 15 -3.19 -0.20 17.54
N ASN A 16 -3.16 -1.30 16.83
CA ASN A 16 -4.30 -2.23 16.82
C ASN A 16 -4.18 -3.29 17.91
N TYR A 17 -3.03 -3.95 17.97
CA TYR A 17 -2.88 -5.09 18.87
C TYR A 17 -2.10 -4.71 20.12
N GLY A 18 -1.15 -3.80 19.97
CA GLY A 18 -0.40 -3.33 21.11
C GLY A 18 1.09 -3.31 20.87
N PRO A 19 1.83 -2.41 21.54
CA PRO A 19 3.28 -2.32 21.42
C PRO A 19 3.99 -3.62 21.80
N GLU A 20 3.43 -4.30 22.80
CA GLU A 20 4.01 -5.55 23.27
C GLU A 20 3.89 -6.63 22.21
N VAL A 21 2.76 -6.62 21.50
CA VAL A 21 2.51 -7.59 20.46
C VAL A 21 3.48 -7.38 19.30
N TRP A 22 3.80 -6.11 19.04
CA TRP A 22 4.77 -5.77 18.01
C TRP A 22 6.13 -6.35 18.35
N GLU A 23 6.48 -6.34 19.63
CA GLU A 23 7.76 -6.86 20.07
C GLU A 23 7.83 -8.38 19.89
N ASP A 24 6.70 -9.05 20.07
CA ASP A 24 6.66 -10.51 19.91
C ASP A 24 6.71 -10.90 18.43
N ILE A 25 6.03 -10.13 17.59
CA ILE A 25 6.10 -10.34 16.15
C ILE A 25 7.50 -10.04 15.64
N LYS A 26 8.06 -8.96 16.15
CA LYS A 26 9.43 -8.55 15.86
C LYS A 26 10.41 -9.66 16.24
N LYS A 27 10.15 -10.31 17.37
CA LYS A 27 10.96 -11.42 17.85
C LYS A 27 10.81 -12.63 16.92
N GLU A 28 9.58 -12.88 16.49
CA GLU A 28 9.27 -14.04 15.66
C GLU A 28 9.91 -13.92 14.29
N ALA A 29 9.99 -12.69 13.78
CA ALA A 29 10.61 -12.45 12.48
C ALA A 29 12.13 -12.37 12.59
N GLN A 30 12.62 -12.55 13.83
CA GLN A 30 14.05 -12.51 14.12
C GLN A 30 14.65 -11.17 13.74
N LEU A 31 13.93 -10.12 14.04
CA LEU A 31 14.39 -8.76 13.80
C LEU A 31 14.38 -7.97 15.10
N ASP A 32 14.58 -8.70 16.20
CA ASP A 32 14.50 -8.11 17.53
C ASP A 32 15.72 -7.24 17.83
N GLU A 33 16.72 -7.30 16.98
CA GLU A 33 17.89 -6.44 17.10
C GLU A 33 17.50 -5.00 16.78
N GLU A 34 16.51 -4.86 15.90
CA GLU A 34 15.96 -3.57 15.51
C GLU A 34 16.99 -2.71 14.77
N GLY A 35 17.82 -1.99 15.53
CA GLY A 35 18.73 -1.04 14.92
C GLY A 35 18.00 0.22 14.52
N GLN A 36 16.78 0.36 15.02
CA GLN A 36 15.87 1.46 14.69
C GLN A 36 15.43 1.36 13.23
N PHE A 37 14.13 1.47 13.02
CA PHE A 37 13.54 1.32 11.70
C PHE A 37 13.80 2.56 10.85
N LEU A 38 15.01 2.64 10.32
CA LEU A 38 15.41 3.76 9.47
C LEU A 38 15.59 3.31 8.03
N VAL A 39 15.74 4.27 7.12
CA VAL A 39 15.91 3.95 5.71
C VAL A 39 17.31 3.38 5.45
N ARG A 40 18.28 3.86 6.21
CA ARG A 40 19.67 3.45 6.03
C ARG A 40 19.87 1.99 6.46
N ILE A 41 18.99 1.50 7.34
CA ILE A 41 19.08 0.13 7.83
C ILE A 41 18.68 -0.85 6.74
N ILE A 42 17.64 -0.50 5.98
CA ILE A 42 17.19 -1.29 4.84
C ILE A 42 16.75 -2.70 5.26
N TYR A 43 15.47 -2.86 5.49
CA TYR A 43 14.92 -4.18 5.79
C TYR A 43 14.52 -4.86 4.50
N ASP A 44 15.14 -6.01 4.24
CA ASP A 44 14.93 -6.74 2.99
C ASP A 44 13.45 -7.07 2.78
N ASP A 45 13.04 -7.02 1.53
CA ASP A 45 11.65 -7.25 1.17
C ASP A 45 11.25 -8.70 1.40
N SER A 46 12.17 -9.62 1.16
CA SER A 46 11.94 -11.02 1.45
C SER A 46 11.77 -11.22 2.96
N LYS A 47 12.52 -10.45 3.73
CA LYS A 47 12.41 -10.47 5.18
C LYS A 47 11.08 -9.85 5.62
N THR A 48 10.56 -8.96 4.79
CA THR A 48 9.29 -8.31 5.07
C THR A 48 8.15 -9.33 4.98
N TYR A 49 8.26 -10.26 4.04
CA TYR A 49 7.27 -11.32 3.91
C TYR A 49 7.27 -12.24 5.12
N ASP A 50 8.46 -12.51 5.63
CA ASP A 50 8.59 -13.37 6.80
C ASP A 50 8.14 -12.64 8.06
N LEU A 51 8.25 -11.32 8.03
CA LEU A 51 7.80 -10.48 9.13
C LEU A 51 6.28 -10.52 9.25
N VAL A 52 5.60 -10.25 8.14
CA VAL A 52 4.14 -10.25 8.14
C VAL A 52 3.60 -11.67 8.35
N ALA A 53 4.38 -12.66 7.90
CA ALA A 53 4.00 -14.05 8.10
C ALA A 53 4.13 -14.43 9.56
N ALA A 54 5.03 -13.76 10.27
CA ALA A 54 5.19 -13.97 11.69
C ALA A 54 3.98 -13.43 12.43
N ALA A 55 3.45 -12.32 11.93
CA ALA A 55 2.29 -11.69 12.52
C ALA A 55 1.05 -12.57 12.34
N SER A 56 0.89 -13.15 11.16
CA SER A 56 -0.25 -14.00 10.88
C SER A 56 -0.22 -15.27 11.73
N LYS A 57 0.96 -15.63 12.22
CA LYS A 57 1.11 -16.80 13.08
C LYS A 57 0.58 -16.48 14.48
N VAL A 58 1.18 -15.48 15.12
CA VAL A 58 0.85 -15.16 16.50
C VAL A 58 -0.57 -14.58 16.62
N LEU A 59 -1.01 -13.85 15.60
CA LEU A 59 -2.33 -13.25 15.62
C LEU A 59 -3.38 -14.22 15.07
N ASN A 60 -2.90 -15.33 14.51
CA ASN A 60 -3.76 -16.36 13.92
C ASN A 60 -4.58 -15.78 12.76
N LEU A 61 -4.04 -14.75 12.14
CA LEU A 61 -4.70 -14.07 11.03
C LEU A 61 -4.09 -14.49 9.71
N ASN A 62 -4.55 -13.87 8.64
CA ASN A 62 -4.00 -14.10 7.32
C ASN A 62 -3.07 -12.96 6.96
N ALA A 63 -1.96 -13.30 6.31
CA ALA A 63 -0.96 -12.30 5.91
C ALA A 63 -1.58 -11.26 4.99
N GLY A 64 -2.54 -11.69 4.18
CA GLY A 64 -3.20 -10.81 3.24
C GLY A 64 -4.02 -9.74 3.92
N GLU A 65 -4.76 -10.11 4.96
CA GLU A 65 -5.62 -9.16 5.65
C GLU A 65 -4.77 -8.15 6.41
N ILE A 66 -3.59 -8.58 6.84
CA ILE A 66 -2.63 -7.70 7.48
C ILE A 66 -2.09 -6.70 6.46
N LEU A 67 -1.74 -7.19 5.29
CA LEU A 67 -1.30 -6.34 4.18
C LEU A 67 -2.40 -5.35 3.80
N GLN A 68 -3.64 -5.84 3.76
CA GLN A 68 -4.79 -5.00 3.48
C GLN A 68 -4.90 -3.86 4.47
N MET A 69 -4.86 -4.20 5.76
CA MET A 69 -4.99 -3.21 6.81
C MET A 69 -3.80 -2.27 6.83
N PHE A 70 -2.65 -2.75 6.34
CA PHE A 70 -1.48 -1.90 6.20
C PHE A 70 -1.77 -0.74 5.27
N GLY A 71 -2.41 -1.03 4.15
CA GLY A 71 -2.75 0.01 3.19
C GLY A 71 -3.65 1.08 3.81
N LYS A 72 -4.62 0.63 4.59
CA LYS A 72 -5.54 1.55 5.26
C LYS A 72 -4.81 2.35 6.33
N MET A 73 -3.96 1.67 7.09
CA MET A 73 -3.18 2.30 8.14
C MET A 73 -2.20 3.33 7.56
N PHE A 74 -1.64 3.01 6.39
CA PHE A 74 -0.66 3.89 5.74
C PHE A 74 -1.28 5.26 5.46
N PHE A 75 -2.58 5.28 5.18
CA PHE A 75 -3.29 6.53 4.99
C PHE A 75 -3.28 7.36 6.28
N VAL A 76 -3.63 6.71 7.38
CA VAL A 76 -3.63 7.38 8.68
C VAL A 76 -2.19 7.71 9.09
N PHE A 77 -1.25 6.91 8.61
CA PHE A 77 0.16 7.13 8.85
C PHE A 77 0.63 8.44 8.23
N CYS A 78 0.35 8.62 6.94
CA CYS A 78 0.80 9.80 6.22
C CYS A 78 0.16 11.07 6.78
N GLN A 79 -0.98 10.92 7.45
CA GLN A 79 -1.63 12.05 8.13
C GLN A 79 -0.68 12.67 9.14
N GLU A 80 -0.13 11.85 10.02
CA GLU A 80 0.80 12.32 11.05
C GLU A 80 2.23 12.35 10.52
N SER A 81 2.36 12.19 9.22
CA SER A 81 3.66 12.21 8.56
C SER A 81 3.71 13.35 7.57
N GLY A 82 2.97 14.41 7.87
CA GLY A 82 2.79 15.48 6.92
C GLY A 82 1.37 15.56 6.39
N TYR A 83 0.49 16.13 7.22
CA TYR A 83 -0.92 16.38 6.89
C TYR A 83 -1.10 17.01 5.50
N ASP A 84 -2.37 17.08 5.08
CA ASP A 84 -2.77 17.50 3.71
C ASP A 84 -1.94 18.65 3.13
N THR A 85 -1.45 19.54 3.98
CA THR A 85 -0.56 20.61 3.54
C THR A 85 0.71 20.05 2.91
N ILE A 86 1.43 19.21 3.65
CA ILE A 86 2.64 18.57 3.16
C ILE A 86 2.27 17.45 2.18
N LEU A 87 1.15 16.81 2.47
CA LEU A 87 0.62 15.72 1.64
C LEU A 87 0.02 16.27 0.34
N ARG A 88 0.08 17.60 0.15
CA ARG A 88 -0.43 18.26 -1.05
C ARG A 88 0.08 17.58 -2.32
N VAL A 89 1.25 16.97 -2.22
CA VAL A 89 1.83 16.19 -3.32
C VAL A 89 0.83 15.12 -3.78
N LEU A 90 0.81 14.87 -5.09
CA LEU A 90 -0.09 13.87 -5.68
C LEU A 90 -1.55 14.33 -5.59
N GLY A 91 -1.74 15.63 -5.40
CA GLY A 91 -3.08 16.20 -5.43
C GLY A 91 -3.84 16.03 -4.12
N SER A 92 -3.41 15.08 -3.30
CA SER A 92 -4.07 14.78 -2.02
C SER A 92 -5.47 14.23 -2.25
N ASN A 93 -5.74 13.74 -3.45
CA ASN A 93 -7.06 13.22 -3.79
C ASN A 93 -6.95 11.84 -4.40
N VAL A 94 -8.03 11.07 -4.34
CA VAL A 94 -8.01 9.67 -4.75
C VAL A 94 -7.50 9.47 -6.18
N ARG A 95 -8.15 10.08 -7.17
CA ARG A 95 -7.79 9.85 -8.55
C ARG A 95 -6.50 10.57 -8.89
N GLU A 96 -6.24 11.66 -8.18
CA GLU A 96 -4.99 12.39 -8.34
C GLU A 96 -3.83 11.54 -7.86
N PHE A 97 -4.00 10.93 -6.70
CA PHE A 97 -2.98 10.09 -6.08
C PHE A 97 -2.48 9.03 -7.05
N LEU A 98 -3.42 8.35 -7.71
CA LEU A 98 -3.08 7.29 -8.65
C LEU A 98 -2.43 7.84 -9.91
N GLN A 99 -3.05 8.84 -10.52
CA GLN A 99 -2.56 9.39 -11.78
C GLN A 99 -1.23 10.14 -11.60
N ASN A 100 -1.12 10.90 -10.51
CA ASN A 100 0.07 11.70 -10.25
C ASN A 100 1.21 10.82 -9.72
N LEU A 101 0.88 9.58 -9.36
CA LEU A 101 1.87 8.66 -8.80
C LEU A 101 2.95 8.33 -9.83
N ASP A 102 2.70 8.66 -11.08
CA ASP A 102 3.66 8.46 -12.14
C ASP A 102 4.92 9.30 -11.88
N ALA A 103 4.73 10.43 -11.23
CA ALA A 103 5.84 11.32 -10.88
C ALA A 103 6.72 10.67 -9.82
N LEU A 104 6.14 9.73 -9.07
CA LEU A 104 6.90 8.97 -8.08
C LEU A 104 7.83 7.99 -8.77
N HIS A 105 7.48 7.62 -10.01
CA HIS A 105 8.30 6.73 -10.81
C HIS A 105 9.53 7.47 -11.34
N ASP A 106 9.46 8.79 -11.37
CA ASP A 106 10.61 9.60 -11.75
C ASP A 106 11.59 9.71 -10.59
N HIS A 107 11.06 9.42 -9.40
CA HIS A 107 11.83 9.41 -8.16
C HIS A 107 12.59 10.72 -7.96
N LEU A 108 13.89 10.72 -8.24
CA LEU A 108 14.68 11.94 -8.08
C LEU A 108 14.74 12.74 -9.36
N ALA A 109 15.57 12.29 -10.30
CA ALA A 109 15.68 12.97 -11.58
C ALA A 109 14.83 12.32 -12.67
N THR A 110 15.32 11.22 -13.23
CA THR A 110 14.65 10.57 -14.36
C THR A 110 13.77 9.40 -13.93
N ILE A 111 14.39 8.26 -13.65
CA ILE A 111 13.66 7.09 -13.16
C ILE A 111 13.96 6.79 -11.69
N TYR A 112 15.19 6.40 -11.39
CA TYR A 112 15.57 6.00 -10.03
C TYR A 112 17.05 6.23 -9.77
N PRO A 113 17.51 7.50 -9.72
CA PRO A 113 18.89 7.82 -9.35
C PRO A 113 19.20 7.40 -7.92
N GLY A 114 20.39 6.88 -7.71
CA GLY A 114 20.77 6.39 -6.40
C GLY A 114 20.47 4.92 -6.26
N MET A 115 19.39 4.61 -5.56
CA MET A 115 18.94 3.23 -5.44
C MET A 115 17.82 2.99 -6.44
N ARG A 116 17.73 1.77 -6.96
CA ARG A 116 16.69 1.45 -7.91
C ARG A 116 15.49 0.83 -7.22
N ALA A 117 14.37 1.51 -7.34
CA ALA A 117 13.11 0.98 -6.83
C ALA A 117 12.35 0.33 -7.98
N PRO A 118 11.58 -0.73 -7.69
CA PRO A 118 10.74 -1.38 -8.69
C PRO A 118 9.81 -0.39 -9.40
N SER A 119 9.36 -0.75 -10.60
CA SER A 119 8.60 0.18 -11.43
C SER A 119 7.10 -0.06 -11.31
N PHE A 120 6.33 1.00 -11.51
CA PHE A 120 4.87 0.94 -11.41
C PHE A 120 4.25 2.01 -12.29
N ARG A 121 3.21 1.65 -13.02
CA ARG A 121 2.51 2.59 -13.89
C ARG A 121 1.04 2.20 -14.02
N CYS A 122 0.23 3.14 -14.48
CA CYS A 122 -1.21 2.92 -14.56
C CYS A 122 -1.71 3.18 -15.98
N THR A 123 -2.31 2.15 -16.58
CA THR A 123 -2.90 2.28 -17.89
C THR A 123 -4.42 2.25 -17.79
N ASP A 124 -5.06 3.34 -18.17
CA ASP A 124 -6.52 3.44 -18.09
C ASP A 124 -7.14 2.77 -19.31
N ALA A 125 -8.08 1.86 -19.06
CA ALA A 125 -8.81 1.16 -20.11
C ALA A 125 -9.53 2.15 -21.03
N GLU A 126 -9.86 3.31 -20.50
CA GLU A 126 -10.46 4.39 -21.29
C GLU A 126 -10.45 5.67 -20.47
N LYS A 127 -11.41 5.80 -19.57
CA LYS A 127 -11.48 6.94 -18.68
C LYS A 127 -12.13 6.55 -17.36
N GLY A 128 -11.38 5.79 -16.55
CA GLY A 128 -11.90 5.32 -15.28
C GLY A 128 -12.70 4.05 -15.43
N LYS A 129 -12.67 3.48 -16.61
CA LYS A 129 -13.44 2.27 -16.91
C LYS A 129 -12.61 1.01 -16.66
N GLY A 130 -11.65 1.12 -15.76
CA GLY A 130 -10.81 -0.01 -15.45
C GLY A 130 -9.35 0.35 -15.54
N LEU A 131 -8.77 0.75 -14.42
CA LEU A 131 -7.36 1.07 -14.39
C LEU A 131 -6.55 -0.21 -14.34
N ILE A 132 -5.72 -0.40 -15.35
CA ILE A 132 -4.88 -1.56 -15.43
C ILE A 132 -3.51 -1.25 -14.85
N LEU A 133 -3.30 -1.63 -13.61
CA LEU A 133 -2.06 -1.33 -12.92
C LEU A 133 -0.96 -2.27 -13.35
N HIS A 134 0.20 -1.72 -13.65
CA HIS A 134 1.36 -2.51 -14.01
C HIS A 134 2.40 -2.44 -12.91
N TYR A 135 2.44 -3.46 -12.08
CA TYR A 135 3.35 -3.50 -10.94
C TYR A 135 4.54 -4.38 -11.28
N TYR A 136 5.69 -3.75 -11.48
CA TYR A 136 6.92 -4.45 -11.84
C TYR A 136 7.84 -4.52 -10.64
N SER A 137 7.98 -5.70 -10.06
CA SER A 137 8.78 -5.84 -8.86
C SER A 137 9.43 -7.21 -8.78
N GLU A 138 10.56 -7.28 -8.06
CA GLU A 138 11.29 -8.51 -7.87
C GLU A 138 10.64 -9.33 -6.76
N ARG A 139 9.39 -9.01 -6.48
CA ARG A 139 8.62 -9.65 -5.44
C ARG A 139 7.14 -9.52 -5.75
N GLU A 140 6.36 -10.53 -5.39
CA GLU A 140 4.92 -10.49 -5.59
C GLU A 140 4.20 -10.87 -4.31
N GLY A 141 3.09 -10.19 -4.04
CA GLY A 141 2.36 -10.44 -2.82
C GLY A 141 1.81 -9.18 -2.20
N LEU A 142 2.33 -8.02 -2.64
CA LEU A 142 1.88 -6.73 -2.13
C LEU A 142 0.52 -6.33 -2.71
N GLN A 143 -0.20 -7.33 -3.20
CA GLN A 143 -1.50 -7.10 -3.82
C GLN A 143 -2.47 -6.41 -2.88
N ASP A 144 -2.61 -6.96 -1.67
CA ASP A 144 -3.53 -6.41 -0.68
C ASP A 144 -3.06 -5.04 -0.22
N ILE A 145 -1.75 -4.81 -0.28
CA ILE A 145 -1.17 -3.51 0.05
C ILE A 145 -1.76 -2.43 -0.84
N VAL A 146 -1.70 -2.67 -2.15
CA VAL A 146 -2.21 -1.73 -3.13
C VAL A 146 -3.71 -1.52 -2.95
N ILE A 147 -4.42 -2.61 -2.71
CA ILE A 147 -5.87 -2.55 -2.47
C ILE A 147 -6.18 -1.62 -1.30
N GLY A 148 -5.51 -1.86 -0.17
CA GLY A 148 -5.74 -1.06 1.01
C GLY A 148 -5.44 0.42 0.82
N ILE A 149 -4.42 0.72 0.04
CA ILE A 149 -4.01 2.10 -0.19
C ILE A 149 -5.10 2.90 -0.91
N ILE A 150 -5.45 2.45 -2.11
CA ILE A 150 -6.31 3.24 -2.99
C ILE A 150 -7.78 3.20 -2.54
N LYS A 151 -8.19 2.09 -1.95
CA LYS A 151 -9.56 1.97 -1.42
C LYS A 151 -9.80 3.00 -0.32
N THR A 152 -8.84 3.14 0.58
CA THR A 152 -8.98 4.01 1.74
C THR A 152 -9.00 5.48 1.33
N VAL A 153 -8.12 5.87 0.40
CA VAL A 153 -8.05 7.26 -0.03
C VAL A 153 -9.31 7.63 -0.82
N ALA A 154 -9.89 6.64 -1.49
CA ALA A 154 -11.10 6.84 -2.27
C ALA A 154 -12.28 7.17 -1.36
N GLN A 155 -12.57 6.26 -0.45
CA GLN A 155 -13.75 6.37 0.42
C GLN A 155 -13.65 7.56 1.36
N GLN A 156 -12.42 7.90 1.76
CA GLN A 156 -12.21 8.93 2.77
C GLN A 156 -12.25 10.33 2.16
N ILE A 157 -11.34 10.58 1.22
CA ILE A 157 -11.13 11.93 0.71
C ILE A 157 -12.37 12.49 0.02
N HIS A 158 -12.89 11.79 -0.97
CA HIS A 158 -14.05 12.29 -1.71
C HIS A 158 -15.23 11.33 -1.66
N GLY A 159 -15.06 10.19 -1.00
CA GLY A 159 -16.12 9.22 -0.93
C GLY A 159 -16.34 8.53 -2.26
N THR A 160 -15.26 8.35 -3.00
CA THR A 160 -15.30 7.72 -4.30
C THR A 160 -15.35 6.21 -4.13
N GLU A 161 -16.35 5.58 -4.71
CA GLU A 161 -16.53 4.15 -4.56
C GLU A 161 -15.83 3.43 -5.70
N ILE A 162 -14.73 2.76 -5.38
CA ILE A 162 -13.98 2.03 -6.37
C ILE A 162 -13.91 0.55 -5.99
N ASP A 163 -13.86 -0.30 -7.00
CA ASP A 163 -13.68 -1.73 -6.76
C ASP A 163 -12.40 -2.19 -7.43
N MET A 164 -11.40 -2.50 -6.63
CA MET A 164 -10.10 -2.87 -7.14
C MET A 164 -9.71 -4.26 -6.65
N LYS A 165 -9.18 -5.06 -7.57
CA LYS A 165 -8.75 -6.41 -7.24
C LYS A 165 -7.60 -6.83 -8.14
N VAL A 166 -6.75 -7.71 -7.62
CA VAL A 166 -5.65 -8.24 -8.40
C VAL A 166 -6.13 -9.43 -9.23
N ILE A 167 -5.80 -9.41 -10.52
CA ILE A 167 -6.23 -10.50 -11.40
C ILE A 167 -5.15 -11.58 -11.49
N GLN A 168 -3.89 -11.18 -11.42
CA GLN A 168 -2.79 -12.13 -11.48
C GLN A 168 -1.53 -11.54 -10.89
N GLN A 169 -0.91 -12.27 -9.95
CA GLN A 169 0.33 -11.83 -9.33
C GLN A 169 1.51 -12.44 -10.07
N ARG A 170 2.42 -11.59 -10.53
CA ARG A 170 3.58 -12.03 -11.30
C ARG A 170 4.76 -11.12 -11.01
N ASN A 171 5.82 -11.69 -10.46
CA ASN A 171 7.03 -10.91 -10.16
C ASN A 171 7.94 -10.88 -11.39
N GLU A 172 9.15 -10.36 -11.23
CA GLU A 172 10.11 -10.24 -12.34
C GLU A 172 10.37 -11.58 -13.03
N GLU A 173 10.39 -12.66 -12.26
CA GLU A 173 10.62 -13.99 -12.82
C GLU A 173 9.48 -14.36 -13.77
N CYS A 174 8.32 -13.79 -13.52
CA CYS A 174 7.17 -14.02 -14.35
C CYS A 174 7.05 -12.93 -15.43
N ASP A 175 6.60 -11.74 -15.01
CA ASP A 175 6.46 -10.62 -15.93
C ASP A 175 6.03 -9.36 -15.18
N HIS A 176 4.77 -9.32 -14.74
CA HIS A 176 4.24 -8.16 -14.04
C HIS A 176 2.96 -8.52 -13.29
N THR A 177 2.81 -7.95 -12.11
CA THR A 177 1.58 -8.10 -11.34
C THR A 177 0.56 -7.09 -11.83
N GLN A 178 -0.66 -7.54 -12.08
CA GLN A 178 -1.66 -6.70 -12.71
C GLN A 178 -2.91 -6.58 -11.86
N PHE A 179 -3.36 -5.34 -11.66
CA PHE A 179 -4.57 -5.07 -10.90
C PHE A 179 -5.62 -4.45 -11.81
N LEU A 180 -6.88 -4.59 -11.42
CA LEU A 180 -7.97 -3.97 -12.15
C LEU A 180 -8.79 -3.12 -11.19
N ILE A 181 -8.88 -1.82 -11.49
CA ILE A 181 -9.64 -0.91 -10.65
C ILE A 181 -10.84 -0.34 -11.41
N GLU A 182 -12.03 -0.61 -10.92
CA GLU A 182 -13.23 -0.03 -11.47
C GLU A 182 -13.62 1.17 -10.62
N GLU A 183 -13.27 2.37 -11.06
CA GLU A 183 -13.49 3.56 -10.27
C GLU A 183 -14.75 4.30 -10.72
N LYS A 184 -15.57 4.66 -9.75
CA LYS A 184 -16.80 5.39 -10.04
C LYS A 184 -16.82 6.70 -9.25
N GLU A 185 -16.27 7.76 -9.84
CA GLU A 185 -16.32 9.08 -9.23
C GLU A 185 -17.64 9.76 -9.55
N SER A 186 -18.33 9.22 -10.54
CA SER A 186 -19.58 9.76 -11.00
C SER A 186 -20.72 9.37 -10.06
N LYS A 187 -20.73 9.95 -8.87
CA LYS A 187 -21.76 9.69 -7.88
C LYS A 187 -22.96 10.60 -8.09
N GLU A 188 -22.83 11.51 -9.06
CA GLU A 188 -23.86 12.47 -9.42
C GLU A 188 -24.21 13.36 -8.23
N HIS A 189 -23.35 14.35 -7.99
CA HIS A 189 -23.52 15.29 -6.87
C HIS A 189 -23.36 14.56 -5.54
N HIS A 190 -22.50 13.54 -5.53
CA HIS A 190 -22.31 12.66 -4.37
C HIS A 190 -23.57 11.82 -4.08
N HIS A 191 -24.67 12.50 -3.82
CA HIS A 191 -25.92 11.84 -3.50
C HIS A 191 -27.07 12.47 -4.29
N HIS A 192 -27.30 13.77 -4.07
CA HIS A 192 -28.39 14.47 -4.73
C HIS A 192 -28.11 15.96 -4.81
N HIS A 193 -27.81 16.56 -3.67
CA HIS A 193 -27.49 17.98 -3.61
C HIS A 193 -26.00 18.21 -3.86
N HIS A 194 -25.56 19.46 -3.79
CA HIS A 194 -24.15 19.82 -3.98
C HIS A 194 -23.71 19.56 -5.42
OAA Z90 B . 9.06 -1.49 -3.73
OAB Z90 B . 9.66 -1.48 0.15
OAC Z90 B . 7.96 -2.65 -5.29
OAD Z90 B . 10.76 0.32 0.62
CAE Z90 B . 11.53 6.98 1.68
CAF Z90 B . 11.13 5.64 1.59
CAG Z90 B . 10.74 7.98 1.14
CAH Z90 B . 0.31 1.78 -5.76
CAI Z90 B . -0.17 2.90 -5.10
CAJ Z90 B . 9.93 5.33 0.96
CAK Z90 B . 9.55 7.66 0.51
CAL Z90 B . 1.62 1.33 -5.52
CAM Z90 B . 0.65 3.59 -4.21
CAN Z90 B . 4.84 6.51 -0.58
CAO Z90 B . 5.28 4.27 0.19
CAP Z90 B . 3.71 6.06 -1.25
CAQ Z90 B . 4.16 3.81 -0.49
CAR Z90 B . 6.68 0.83 -1.57
CAS Z90 B . 8.45 2.33 -2.22
CAT Z90 B . 7.58 0.11 -0.79
CAU Z90 B . 9.34 1.61 -1.43
CAV Z90 B . 8.18 0.43 -6.11
CAW Z90 B . 7.39 1.68 -6.53
CAX Z90 B . 7.43 -0.35 -5.02
CAY Z90 B . 7.95 6.01 -0.23
CAZ Z90 B . 6.78 6.06 0.76
CBA Z90 B . 3.69 1.52 -4.29
CBB Z90 B . 7.15 2.58 -5.31
CBC Z90 B . 4.78 2.30 -5.02
CBD Z90 B . 2.33 4.23 -1.99
CBE Z90 B . 6.21 2.63 -3.08
OBF Z90 B . 2.85 3.82 -3.24
CBG Z90 B . 8.22 -1.60 -4.65
CBH Z90 B . 9.82 -0.25 0.04
CBI Z90 B . 9.14 6.33 0.42
CBJ Z90 B . 5.63 5.61 0.14
CBK Z90 B . 3.37 4.71 -1.22
CBL Z90 B . 7.12 1.93 -2.30
CBM Z90 B . 8.91 0.50 -0.71
CBN Z90 B . 2.43 2.01 -4.64
CBO Z90 B . 1.94 3.14 -4.00
NBP Z90 B . 6.11 2.02 -4.43
HAE Z90 B . 12.47 7.23 2.18
HAF Z90 B . 11.75 4.86 2.01
HAG Z90 B . 11.05 9.02 1.22
HAH Z90 B . -0.32 1.24 -6.46
HAI Z90 B . -1.19 3.24 -5.27
HAJ Z90 B . 9.62 4.28 0.89
HAK Z90 B . 8.92 8.44 0.08
HAL Z90 B . 2.00 0.45 -6.04
HAM Z90 B . 0.30 4.48 -3.71
HAN Z90 B . 5.10 7.57 -0.61
HAO Z90 B . 5.90 3.56 0.76
HAP Z90 B . 3.10 6.75 -1.82
HAQ Z90 B . 3.89 2.76 -0.45
HAR Z90 B . 5.64 0.51 -1.62
HAS Z90 B . 8.79 3.20 -2.79
HAT Z90 B . 7.24 -0.77 -0.23
HAU Z90 B . 10.39 1.92 -1.37
HAV Z90 B . 8.31 -0.21 -6.98
HAVA Z90 B . 9.15 0.73 -5.74
HAW Z90 B . 7.96 2.24 -7.27
HAWA Z90 B . 6.44 1.38 -6.95
HAX Z90 B . 6.44 -0.62 -5.38
HAXA Z90 B . 7.31 0.28 -4.14
HAY Z90 B . 8.02 5.01 -0.65
HAYA Z90 B . 7.76 6.73 -1.03
HAZ Z90 B . 7.00 5.42 1.63
HAZA Z90 B . 6.65 7.08 1.12
HBA Z90 B . 3.76 0.47 -4.56
HBAA Z90 B . 3.83 1.60 -3.21
HBB Z90 B . 8.08 2.67 -4.74
HBBA Z90 B . 6.84 3.57 -5.64
HBC Z90 B . 4.59 3.37 -4.92
HBCA Z90 B . 4.78 2.03 -6.06
HBD Z90 B . 1.86 3.37 -1.49
HBDA Z90 B . 1.58 5.01 -2.13
HBE Z90 B . 6.55 3.66 -3.18
HBEA Z90 B . 5.24 2.62 -2.60
#